data_9C46
# 
_entry.id   9C46 
# 
_audit_conform.dict_name       mmcif_pdbx.dic 
_audit_conform.dict_version    5.401 
_audit_conform.dict_location   http://mmcif.pdb.org/dictionaries/ascii/mmcif_pdbx.dic 
# 
loop_
_database_2.database_id 
_database_2.database_code 
_database_2.pdbx_database_accession 
_database_2.pdbx_DOI 
PDB   9C46         pdb_00009c46 10.2210/pdb9c46/pdb 
WWPDB D_1000284672 ?            ?                   
# 
loop_
_pdbx_audit_revision_history.ordinal 
_pdbx_audit_revision_history.data_content_type 
_pdbx_audit_revision_history.major_revision 
_pdbx_audit_revision_history.minor_revision 
_pdbx_audit_revision_history.revision_date 
1 'Structure model' 1 0 2025-01-15 
2 'Structure model' 1 1 2025-02-05 
# 
_pdbx_audit_revision_details.ordinal             1 
_pdbx_audit_revision_details.revision_ordinal    1 
_pdbx_audit_revision_details.data_content_type   'Structure model' 
_pdbx_audit_revision_details.provider            repository 
_pdbx_audit_revision_details.type                'Initial release' 
_pdbx_audit_revision_details.description         ? 
_pdbx_audit_revision_details.details             ? 
# 
_pdbx_audit_revision_group.ordinal             1 
_pdbx_audit_revision_group.revision_ordinal    2 
_pdbx_audit_revision_group.data_content_type   'Structure model' 
_pdbx_audit_revision_group.group               'Database references' 
# 
loop_
_pdbx_audit_revision_category.ordinal 
_pdbx_audit_revision_category.revision_ordinal 
_pdbx_audit_revision_category.data_content_type 
_pdbx_audit_revision_category.category 
1 2 'Structure model' citation        
2 2 'Structure model' citation_author 
# 
loop_
_pdbx_audit_revision_item.ordinal 
_pdbx_audit_revision_item.revision_ordinal 
_pdbx_audit_revision_item.data_content_type 
_pdbx_audit_revision_item.item 
1 2 'Structure model' '_citation.journal_volume'          
2 2 'Structure model' '_citation.year'                    
3 2 'Structure model' '_citation_author.identifier_ORCID' 
# 
_pdbx_database_status.status_code                     REL 
_pdbx_database_status.status_code_sf                  REL 
_pdbx_database_status.status_code_mr                  ? 
_pdbx_database_status.entry_id                        9C46 
_pdbx_database_status.recvd_initial_deposition_date   2024-06-03 
_pdbx_database_status.SG_entry                        N 
_pdbx_database_status.deposit_site                    RCSB 
_pdbx_database_status.process_site                    RCSB 
_pdbx_database_status.status_code_cs                  ? 
_pdbx_database_status.status_code_nmr_data            ? 
_pdbx_database_status.methods_development_category    ? 
_pdbx_database_status.pdb_format_compatible           Y 
# 
_pdbx_contact_author.id                 2 
_pdbx_contact_author.email              lyatsun1@swarthmore.edu 
_pdbx_contact_author.name_first         Liliya 
_pdbx_contact_author.name_last          Yatsunyk 
_pdbx_contact_author.name_mi            ? 
_pdbx_contact_author.role               'principal investigator/group leader' 
_pdbx_contact_author.identifier_ORCID   0000-0003-3946-0939 
# 
loop_
_audit_author.name 
_audit_author.pdbx_ordinal 
_audit_author.identifier_ORCID 
'Xing, E.R.'     1 0000-0002-5248-142X 
'Yatsunyk, L.A.' 2 0000-0003-3946-0939 
# 
_citation.abstract                  ? 
_citation.abstract_id_CAS           ? 
_citation.book_id_ISBN              ? 
_citation.book_publisher            ? 
_citation.book_publisher_city       ? 
_citation.book_title                ? 
_citation.coordinate_linkage        ? 
_citation.country                   UK 
_citation.database_id_Medline       ? 
_citation.details                   ? 
_citation.id                        primary 
_citation.journal_abbrev            'Nucleic Acids Res.' 
_citation.journal_id_ASTM           NARHAD 
_citation.journal_id_CSD            0389 
_citation.journal_id_ISSN           1362-4962 
_citation.journal_full              ? 
_citation.journal_issue             ? 
_citation.journal_volume            53 
_citation.language                  ? 
_citation.page_first                ? 
_citation.page_last                 ? 
_citation.title                     
'Interaction of N-methylmesoporphyrin IX with a hybrid left-/right-handed G-quadruplex motif from the promoter of the SLC2A1 gene.' 
_citation.year                      2025 
_citation.database_id_CSD           ? 
_citation.pdbx_database_id_DOI      10.1093/nar/gkae1208 
_citation.pdbx_database_id_PubMed   39704129 
_citation.pdbx_database_id_patent   ? 
_citation.unpublished_flag          ? 
# 
loop_
_citation_author.citation_id 
_citation_author.name 
_citation_author.ordinal 
_citation_author.identifier_ORCID 
primary 'Seth, P.'          1 ? 
primary 'Xing, E.'          2 ? 
primary 'Hendrickson, A.D.' 3 ? 
primary 'Li, K.'            4 ? 
primary 'Monsen, R.'        5 ? 
primary 'Chaires, J.B.'     6 ? 
primary 'Neidle, S.'        7 ? 
primary 'Yatsunyk, L.A.'    8 ? 
# 
loop_
_entity.id 
_entity.type 
_entity.src_method 
_entity.pdbx_description 
_entity.formula_weight 
_entity.pdbx_number_of_molecules 
_entity.pdbx_ec 
_entity.pdbx_mutation 
_entity.pdbx_fragment 
_entity.details 
1 polymer     syn 'DNA (25-MER)'                  7969.085 1 ? ? ? ? 
2 non-polymer syn 'POTASSIUM ION'                 39.098   4 ? ? ? ? 
3 non-polymer syn 'SODIUM ION'                    22.990   1 ? ? ? ? 
4 non-polymer syn '(4S)-2-METHYL-2,4-PENTANEDIOL' 118.174  1 ? ? ? ? 
5 water       nat water                           18.015   1 ? ? ? ? 
# 
_entity_poly.entity_id                      1 
_entity_poly.type                           polydeoxyribonucleotide 
_entity_poly.nstd_linkage                   no 
_entity_poly.nstd_monomer                   no 
_entity_poly.pdbx_seq_one_letter_code       
;(DG)(DT)(DG)(DG)(DT)(DG)(DG)(DT)(DG)(DG)(DT)(DG)(DA)(DT)(DG)(DG)(DT)(DG)(DG)(DT)
(DG)(DG)(DT)(DG)(DG)
;
_entity_poly.pdbx_seq_one_letter_code_can   GTGGTGGTGGTGATGGTGGTGGTGG 
_entity_poly.pdbx_strand_id                 A 
_entity_poly.pdbx_target_identifier         ? 
# 
loop_
_pdbx_entity_nonpoly.entity_id 
_pdbx_entity_nonpoly.name 
_pdbx_entity_nonpoly.comp_id 
2 'POTASSIUM ION'                 K   
3 'SODIUM ION'                    NA  
4 '(4S)-2-METHYL-2,4-PENTANEDIOL' MPD 
5 water                           HOH 
# 
loop_
_entity_poly_seq.entity_id 
_entity_poly_seq.num 
_entity_poly_seq.mon_id 
_entity_poly_seq.hetero 
1 1  DG n 
1 2  DT n 
1 3  DG n 
1 4  DG n 
1 5  DT n 
1 6  DG n 
1 7  DG n 
1 8  DT n 
1 9  DG n 
1 10 DG n 
1 11 DT n 
1 12 DG n 
1 13 DA n 
1 14 DT n 
1 15 DG n 
1 16 DG n 
1 17 DT n 
1 18 DG n 
1 19 DG n 
1 20 DT n 
1 21 DG n 
1 22 DG n 
1 23 DT n 
1 24 DG n 
1 25 DG n 
# 
_pdbx_entity_src_syn.entity_id              1 
_pdbx_entity_src_syn.pdbx_src_id            1 
_pdbx_entity_src_syn.pdbx_alt_source_flag   sample 
_pdbx_entity_src_syn.pdbx_beg_seq_num       1 
_pdbx_entity_src_syn.pdbx_end_seq_num       25 
_pdbx_entity_src_syn.organism_scientific    'Homo sapiens' 
_pdbx_entity_src_syn.organism_common_name   ? 
_pdbx_entity_src_syn.ncbi_taxonomy_id       9606 
_pdbx_entity_src_syn.details                ? 
# 
loop_
_chem_comp.id 
_chem_comp.type 
_chem_comp.mon_nstd_flag 
_chem_comp.name 
_chem_comp.pdbx_synonyms 
_chem_comp.formula 
_chem_comp.formula_weight 
DA  'DNA linking' y "2'-DEOXYADENOSINE-5'-MONOPHOSPHATE" ? 'C10 H14 N5 O6 P' 331.222 
DG  'DNA linking' y "2'-DEOXYGUANOSINE-5'-MONOPHOSPHATE" ? 'C10 H14 N5 O7 P' 347.221 
DT  'DNA linking' y "THYMIDINE-5'-MONOPHOSPHATE"         ? 'C10 H15 N2 O8 P' 322.208 
HOH non-polymer   . WATER                                ? 'H2 O'            18.015  
K   non-polymer   . 'POTASSIUM ION'                      ? 'K 1'             39.098  
MPD non-polymer   . '(4S)-2-METHYL-2,4-PENTANEDIOL'      ? 'C6 H14 O2'       118.174 
NA  non-polymer   . 'SODIUM ION'                         ? 'Na 1'            22.990  
# 
loop_
_pdbx_poly_seq_scheme.asym_id 
_pdbx_poly_seq_scheme.entity_id 
_pdbx_poly_seq_scheme.seq_id 
_pdbx_poly_seq_scheme.mon_id 
_pdbx_poly_seq_scheme.ndb_seq_num 
_pdbx_poly_seq_scheme.pdb_seq_num 
_pdbx_poly_seq_scheme.auth_seq_num 
_pdbx_poly_seq_scheme.pdb_mon_id 
_pdbx_poly_seq_scheme.auth_mon_id 
_pdbx_poly_seq_scheme.pdb_strand_id 
_pdbx_poly_seq_scheme.pdb_ins_code 
_pdbx_poly_seq_scheme.hetero 
A 1 1  DG 1  1  1  DG DG A . n 
A 1 2  DT 2  2  2  DT DT A . n 
A 1 3  DG 3  3  3  DG DG A . n 
A 1 4  DG 4  4  4  DG DG A . n 
A 1 5  DT 5  5  5  DT DT A . n 
A 1 6  DG 6  6  6  DG DG A . n 
A 1 7  DG 7  7  7  DG DG A . n 
A 1 8  DT 8  8  8  DT DT A . n 
A 1 9  DG 9  9  9  DG DG A . n 
A 1 10 DG 10 10 10 DG DG A . n 
A 1 11 DT 11 11 11 DT DT A . n 
A 1 12 DG 12 12 12 DG DG A . n 
A 1 13 DA 13 13 13 DA DA A . n 
A 1 14 DT 14 14 14 DT DT A . n 
A 1 15 DG 15 15 15 DG DG A . n 
A 1 16 DG 16 16 16 DG DG A . n 
A 1 17 DT 17 17 17 DT DT A . n 
A 1 18 DG 18 18 18 DG DG A . n 
A 1 19 DG 19 19 19 DG DG A . n 
A 1 20 DT 20 20 20 DT DT A . n 
A 1 21 DG 21 21 21 DG DG A . n 
A 1 22 DG 22 22 22 DG DG A . n 
A 1 23 DT 23 23 23 DT DT A . n 
A 1 24 DG 24 24 24 DG DG A . n 
A 1 25 DG 25 25 25 DG DG A . n 
# 
loop_
_pdbx_nonpoly_scheme.asym_id 
_pdbx_nonpoly_scheme.entity_id 
_pdbx_nonpoly_scheme.mon_id 
_pdbx_nonpoly_scheme.ndb_seq_num 
_pdbx_nonpoly_scheme.pdb_seq_num 
_pdbx_nonpoly_scheme.auth_seq_num 
_pdbx_nonpoly_scheme.pdb_mon_id 
_pdbx_nonpoly_scheme.auth_mon_id 
_pdbx_nonpoly_scheme.pdb_strand_id 
_pdbx_nonpoly_scheme.pdb_ins_code 
B 2 K   1 101 1   K   K   A . 
C 2 K   1 102 2   K   K   A . 
D 2 K   1 103 3   K   K   A . 
E 2 K   1 104 4   K   K   A . 
F 3 NA  1 105 1   NA  NA  A . 
G 4 MPD 1 106 101 MPD MPD A . 
H 5 HOH 1 201 2   HOH HOH A . 
# 
loop_
_software.citation_id 
_software.classification 
_software.compiler_name 
_software.compiler_version 
_software.contact_author 
_software.contact_author_email 
_software.date 
_software.description 
_software.dependencies 
_software.hardware 
_software.language 
_software.location 
_software.mods 
_software.name 
_software.os 
_software.os_version 
_software.type 
_software.version 
_software.pdbx_ordinal 
? refinement       ? ? ? ? ? ? ? ? ? ? ? PHENIX   ? ? ? 1.19.2_4158 1 
? 'model building' ? ? ? ? ? ? ? ? ? ? ? Coot     ? ? ? 0.8.9.2     2 
? 'data reduction' ? ? ? ? ? ? ? ? ? ? ? autoPROC ? ? ? .           3 
? 'data scaling'   ? ? ? ? ? ? ? ? ? ? ? autoPROC ? ? ? .           4 
? phasing          ? ? ? ? ? ? ? ? ? ? ? PHENIX   ? ? ? 1.19.2_4158 5 
# 
_cell.angle_alpha                  90.000 
_cell.angle_alpha_esd              ? 
_cell.angle_beta                   104.308 
_cell.angle_beta_esd               ? 
_cell.angle_gamma                  90.000 
_cell.angle_gamma_esd              ? 
_cell.entry_id                     9C46 
_cell.details                      ? 
_cell.formula_units_Z              ? 
_cell.length_a                     64.137 
_cell.length_a_esd                 ? 
_cell.length_b                     31.491 
_cell.length_b_esd                 ? 
_cell.length_c                     31.500 
_cell.length_c_esd                 ? 
_cell.volume                       61648.287 
_cell.volume_esd                   ? 
_cell.Z_PDB                        4 
_cell.reciprocal_angle_alpha       ? 
_cell.reciprocal_angle_beta        ? 
_cell.reciprocal_angle_gamma       ? 
_cell.reciprocal_angle_alpha_esd   ? 
_cell.reciprocal_angle_beta_esd    ? 
_cell.reciprocal_angle_gamma_esd   ? 
_cell.reciprocal_length_a          ? 
_cell.reciprocal_length_b          ? 
_cell.reciprocal_length_c          ? 
_cell.reciprocal_length_a_esd      ? 
_cell.reciprocal_length_b_esd      ? 
_cell.reciprocal_length_c_esd      ? 
_cell.pdbx_unique_axis             ? 
_cell.pdbx_esd_method              ? 
# 
_symmetry.entry_id                         9C46 
_symmetry.cell_setting                     ? 
_symmetry.Int_Tables_number                5 
_symmetry.space_group_name_Hall            'C 2y' 
_symmetry.space_group_name_H-M             'C 1 2 1' 
_symmetry.pdbx_full_space_group_name_H-M   ? 
# 
_exptl.absorpt_coefficient_mu     ? 
_exptl.absorpt_correction_T_max   ? 
_exptl.absorpt_correction_T_min   ? 
_exptl.absorpt_correction_type    ? 
_exptl.absorpt_process_details    ? 
_exptl.entry_id                   9C46 
_exptl.crystals_number            1 
_exptl.details                    ? 
_exptl.method                     'X-RAY DIFFRACTION' 
_exptl.method_details             ? 
# 
_exptl_crystal.colour                       ? 
_exptl_crystal.density_diffrn               ? 
_exptl_crystal.density_Matthews             1.98 
_exptl_crystal.density_method               ? 
_exptl_crystal.density_percent_sol          38 
_exptl_crystal.description                  'Long needles' 
_exptl_crystal.F_000                        ? 
_exptl_crystal.id                           1 
_exptl_crystal.preparation                  ? 
_exptl_crystal.size_max                     ? 
_exptl_crystal.size_mid                     ? 
_exptl_crystal.size_min                     ? 
_exptl_crystal.size_rad                     ? 
_exptl_crystal.colour_lustre                ? 
_exptl_crystal.colour_modifier              ? 
_exptl_crystal.colour_primary               ? 
_exptl_crystal.density_meas                 ? 
_exptl_crystal.density_meas_esd             ? 
_exptl_crystal.density_meas_gt              ? 
_exptl_crystal.density_meas_lt              ? 
_exptl_crystal.density_meas_temp            ? 
_exptl_crystal.density_meas_temp_esd        ? 
_exptl_crystal.density_meas_temp_gt         ? 
_exptl_crystal.density_meas_temp_lt         ? 
_exptl_crystal.pdbx_crystal_image_url       ? 
_exptl_crystal.pdbx_crystal_image_format    ? 
_exptl_crystal.pdbx_mosaicity               ? 
_exptl_crystal.pdbx_mosaicity_esd           ? 
_exptl_crystal.pdbx_mosaic_method           ? 
_exptl_crystal.pdbx_mosaic_block_size       ? 
_exptl_crystal.pdbx_mosaic_block_size_esd   ? 
# 
_exptl_crystal_grow.apparatus       ? 
_exptl_crystal_grow.atmosphere      ? 
_exptl_crystal_grow.crystal_id      1 
_exptl_crystal_grow.details         ? 
_exptl_crystal_grow.method          'VAPOR DIFFUSION, HANGING DROP' 
_exptl_crystal_grow.method_ref      ? 
_exptl_crystal_grow.pH              6.0 
_exptl_crystal_grow.pressure        ? 
_exptl_crystal_grow.pressure_esd    ? 
_exptl_crystal_grow.seeding         ? 
_exptl_crystal_grow.seeding_ref     ? 
_exptl_crystal_grow.temp_details    ? 
_exptl_crystal_grow.temp_esd        ? 
_exptl_crystal_grow.time            ? 
_exptl_crystal_grow.pdbx_details    
;0.08 M NaCl
0.04 M Na Cacodylate pH 6.0
45% MPD
;
_exptl_crystal_grow.pdbx_pH_range   ? 
_exptl_crystal_grow.temp            285 
# 
_diffrn.ambient_environment              ? 
_diffrn.ambient_temp                     196 
_diffrn.ambient_temp_details             'Liquid Nitrogen' 
_diffrn.ambient_temp_esd                 ? 
_diffrn.crystal_id                       1 
_diffrn.crystal_support                  ? 
_diffrn.crystal_treatment                ? 
_diffrn.details                          ? 
_diffrn.id                               1 
_diffrn.ambient_pressure                 ? 
_diffrn.ambient_pressure_esd             ? 
_diffrn.ambient_pressure_gt              ? 
_diffrn.ambient_pressure_lt              ? 
_diffrn.ambient_temp_gt                  ? 
_diffrn.ambient_temp_lt                  ? 
_diffrn.pdbx_serial_crystal_experiment   N 
# 
_diffrn_detector.details                      ? 
_diffrn_detector.detector                     PIXEL 
_diffrn_detector.diffrn_id                    1 
_diffrn_detector.type                         'DECTRIS PILATUS 6M' 
_diffrn_detector.area_resol_mean              ? 
_diffrn_detector.dtime                        ? 
_diffrn_detector.pdbx_frames_total            ? 
_diffrn_detector.pdbx_collection_time_total   ? 
_diffrn_detector.pdbx_collection_date         2023-07-09 
_diffrn_detector.pdbx_frequency               ? 
_diffrn_detector.id                           ? 
_diffrn_detector.number_of_axes               ? 
# 
_diffrn_radiation.collimation                      ? 
_diffrn_radiation.diffrn_id                        1 
_diffrn_radiation.filter_edge                      ? 
_diffrn_radiation.inhomogeneity                    ? 
_diffrn_radiation.monochromator                    ? 
_diffrn_radiation.polarisn_norm                    ? 
_diffrn_radiation.polarisn_ratio                   ? 
_diffrn_radiation.probe                            ? 
_diffrn_radiation.type                             ? 
_diffrn_radiation.xray_symbol                      ? 
_diffrn_radiation.wavelength_id                    1 
_diffrn_radiation.pdbx_monochromatic_or_laue_m_l   M 
_diffrn_radiation.pdbx_wavelength_list             ? 
_diffrn_radiation.pdbx_wavelength                  ? 
_diffrn_radiation.pdbx_diffrn_protocol             'SINGLE WAVELENGTH' 
_diffrn_radiation.pdbx_analyzer                    ? 
_diffrn_radiation.pdbx_scattering_type             x-ray 
# 
_diffrn_radiation_wavelength.id           1 
_diffrn_radiation_wavelength.wavelength   0.920105 
_diffrn_radiation_wavelength.wt           1.0 
# 
_diffrn_source.current                     ? 
_diffrn_source.details                     ? 
_diffrn_source.diffrn_id                   1 
_diffrn_source.power                       ? 
_diffrn_source.size                        ? 
_diffrn_source.source                      SYNCHROTRON 
_diffrn_source.target                      ? 
_diffrn_source.type                        'NSLS-II BEAMLINE 17-ID-1' 
_diffrn_source.voltage                     ? 
_diffrn_source.take-off_angle              ? 
_diffrn_source.pdbx_wavelength_list        0.920105 
_diffrn_source.pdbx_wavelength             ? 
_diffrn_source.pdbx_synchrotron_beamline   17-ID-1 
_diffrn_source.pdbx_synchrotron_site       NSLS-II 
# 
_reflns.B_iso_Wilson_estimate                          45.06 
_reflns.entry_id                                       9C46 
_reflns.data_reduction_details                         ? 
_reflns.data_reduction_method                          ? 
_reflns.d_resolution_high                              2.388 
_reflns.d_resolution_low                               30.523 
_reflns.details                                        ? 
_reflns.limit_h_max                                    ? 
_reflns.limit_h_min                                    ? 
_reflns.limit_k_max                                    ? 
_reflns.limit_k_min                                    ? 
_reflns.limit_l_max                                    ? 
_reflns.limit_l_min                                    ? 
_reflns.number_all                                     ? 
_reflns.number_obs                                     2469 
_reflns.observed_criterion                             ? 
_reflns.observed_criterion_F_max                       ? 
_reflns.observed_criterion_F_min                       ? 
_reflns.observed_criterion_I_max                       ? 
_reflns.observed_criterion_I_min                       ? 
_reflns.observed_criterion_sigma_F                     ? 
_reflns.observed_criterion_sigma_I                     ? 
_reflns.percent_possible_obs                           98.7 
_reflns.R_free_details                                 ? 
_reflns.Rmerge_F_all                                   ? 
_reflns.Rmerge_F_obs                                   ? 
_reflns.Friedel_coverage                               ? 
_reflns.number_gt                                      ? 
_reflns.threshold_expression                           ? 
_reflns.pdbx_redundancy                                3.3 
_reflns.pdbx_netI_over_av_sigmaI                       ? 
_reflns.pdbx_netI_over_sigmaI                          8.4 
_reflns.pdbx_res_netI_over_av_sigmaI_2                 ? 
_reflns.pdbx_res_netI_over_sigmaI_2                    ? 
_reflns.pdbx_chi_squared                               ? 
_reflns.pdbx_scaling_rejects                           ? 
_reflns.pdbx_d_res_high_opt                            ? 
_reflns.pdbx_d_res_low_opt                             ? 
_reflns.pdbx_d_res_opt_method                          ? 
_reflns.phase_calculation_details                      ? 
_reflns.pdbx_Rrim_I_all                                ? 
_reflns.pdbx_Rpim_I_all                                ? 
_reflns.pdbx_d_opt                                     ? 
_reflns.pdbx_number_measured_all                       ? 
_reflns.pdbx_diffrn_id                                 1 
_reflns.pdbx_ordinal                                   1 
_reflns.pdbx_CC_half                                   1 
_reflns.pdbx_CC_star                                   ? 
_reflns.pdbx_R_split                                   ? 
_reflns.pdbx_Rmerge_I_obs                              0.103 
_reflns.pdbx_Rmerge_I_all                              ? 
_reflns.pdbx_Rsym_value                                ? 
_reflns.pdbx_CC_split_method                           ? 
_reflns.pdbx_aniso_diffraction_limit_axis_1_ortho[1]   ? 
_reflns.pdbx_aniso_diffraction_limit_axis_1_ortho[2]   ? 
_reflns.pdbx_aniso_diffraction_limit_axis_1_ortho[3]   ? 
_reflns.pdbx_aniso_diffraction_limit_axis_2_ortho[1]   ? 
_reflns.pdbx_aniso_diffraction_limit_axis_2_ortho[2]   ? 
_reflns.pdbx_aniso_diffraction_limit_axis_2_ortho[3]   ? 
_reflns.pdbx_aniso_diffraction_limit_axis_3_ortho[1]   ? 
_reflns.pdbx_aniso_diffraction_limit_axis_3_ortho[2]   ? 
_reflns.pdbx_aniso_diffraction_limit_axis_3_ortho[3]   ? 
_reflns.pdbx_aniso_diffraction_limit_1                 ? 
_reflns.pdbx_aniso_diffraction_limit_2                 ? 
_reflns.pdbx_aniso_diffraction_limit_3                 ? 
_reflns.pdbx_aniso_B_tensor_eigenvector_1_ortho[1]     ? 
_reflns.pdbx_aniso_B_tensor_eigenvector_1_ortho[2]     ? 
_reflns.pdbx_aniso_B_tensor_eigenvector_1_ortho[3]     ? 
_reflns.pdbx_aniso_B_tensor_eigenvector_2_ortho[1]     ? 
_reflns.pdbx_aniso_B_tensor_eigenvector_2_ortho[2]     ? 
_reflns.pdbx_aniso_B_tensor_eigenvector_2_ortho[3]     ? 
_reflns.pdbx_aniso_B_tensor_eigenvector_3_ortho[1]     ? 
_reflns.pdbx_aniso_B_tensor_eigenvector_3_ortho[2]     ? 
_reflns.pdbx_aniso_B_tensor_eigenvector_3_ortho[3]     ? 
_reflns.pdbx_aniso_B_tensor_eigenvalue_1               ? 
_reflns.pdbx_aniso_B_tensor_eigenvalue_2               ? 
_reflns.pdbx_aniso_B_tensor_eigenvalue_3               ? 
_reflns.pdbx_orthogonalization_convention              ? 
_reflns.pdbx_percent_possible_ellipsoidal              ? 
_reflns.pdbx_percent_possible_spherical                ? 
_reflns.pdbx_percent_possible_ellipsoidal_anomalous    ? 
_reflns.pdbx_percent_possible_spherical_anomalous      ? 
_reflns.pdbx_redundancy_anomalous                      ? 
_reflns.pdbx_CC_half_anomalous                         ? 
_reflns.pdbx_absDiff_over_sigma_anomalous              ? 
_reflns.pdbx_percent_possible_anomalous                ? 
_reflns.pdbx_observed_signal_threshold                 ? 
_reflns.pdbx_signal_type                               ? 
_reflns.pdbx_signal_details                            ? 
_reflns.pdbx_signal_software_id                        ? 
# 
_reflns_shell.d_res_high                                    2.388 
_reflns_shell.d_res_low                                     2.429 
_reflns_shell.meanI_over_sigI_all                           ? 
_reflns_shell.meanI_over_sigI_obs                           ? 
_reflns_shell.number_measured_all                           ? 
_reflns_shell.number_measured_obs                           ? 
_reflns_shell.number_possible                               ? 
_reflns_shell.number_unique_all                             ? 
_reflns_shell.number_unique_obs                             120 
_reflns_shell.percent_possible_obs                          ? 
_reflns_shell.Rmerge_F_all                                  ? 
_reflns_shell.Rmerge_F_obs                                  ? 
_reflns_shell.meanI_over_sigI_gt                            ? 
_reflns_shell.meanI_over_uI_all                             ? 
_reflns_shell.meanI_over_uI_gt                              ? 
_reflns_shell.number_measured_gt                            ? 
_reflns_shell.number_unique_gt                              ? 
_reflns_shell.percent_possible_gt                           ? 
_reflns_shell.Rmerge_F_gt                                   ? 
_reflns_shell.Rmerge_I_gt                                   ? 
_reflns_shell.pdbx_redundancy                               3.4 
_reflns_shell.pdbx_chi_squared                              ? 
_reflns_shell.pdbx_netI_over_sigmaI_all                     ? 
_reflns_shell.pdbx_netI_over_sigmaI_obs                     ? 
_reflns_shell.pdbx_Rrim_I_all                               ? 
_reflns_shell.pdbx_Rpim_I_all                               ? 
_reflns_shell.pdbx_rejects                                  ? 
_reflns_shell.pdbx_ordinal                                  1 
_reflns_shell.pdbx_diffrn_id                                1 
_reflns_shell.pdbx_CC_half                                  0.541 
_reflns_shell.pdbx_CC_star                                  ? 
_reflns_shell.pdbx_R_split                                  ? 
_reflns_shell.percent_possible_all                          100 
_reflns_shell.Rmerge_I_all                                  ? 
_reflns_shell.Rmerge_I_obs                                  1.383 
_reflns_shell.pdbx_Rsym_value                               ? 
_reflns_shell.pdbx_percent_possible_ellipsoidal             ? 
_reflns_shell.pdbx_percent_possible_spherical               ? 
_reflns_shell.pdbx_percent_possible_ellipsoidal_anomalous   ? 
_reflns_shell.pdbx_percent_possible_spherical_anomalous     ? 
_reflns_shell.pdbx_redundancy_anomalous                     ? 
_reflns_shell.pdbx_CC_half_anomalous                        ? 
_reflns_shell.pdbx_absDiff_over_sigma_anomalous             ? 
_reflns_shell.pdbx_percent_possible_anomalous               ? 
# 
_refine.aniso_B[1][1]                            ? 
_refine.aniso_B[1][2]                            ? 
_refine.aniso_B[1][3]                            ? 
_refine.aniso_B[2][2]                            ? 
_refine.aniso_B[2][3]                            ? 
_refine.aniso_B[3][3]                            ? 
_refine.B_iso_max                                ? 
_refine.B_iso_mean                               68.36 
_refine.B_iso_min                                ? 
_refine.correlation_coeff_Fo_to_Fc               ? 
_refine.correlation_coeff_Fo_to_Fc_free          ? 
_refine.details                                  ? 
_refine.diff_density_max                         ? 
_refine.diff_density_max_esd                     ? 
_refine.diff_density_min                         ? 
_refine.diff_density_min_esd                     ? 
_refine.diff_density_rms                         ? 
_refine.diff_density_rms_esd                     ? 
_refine.entry_id                                 9C46 
_refine.pdbx_refine_id                           'X-RAY DIFFRACTION' 
_refine.ls_abs_structure_details                 ? 
_refine.ls_abs_structure_Flack                   ? 
_refine.ls_abs_structure_Flack_esd               ? 
_refine.ls_abs_structure_Rogers                  ? 
_refine.ls_abs_structure_Rogers_esd              ? 
_refine.ls_d_res_high                            2.39 
_refine.ls_d_res_low                             25.10 
_refine.ls_extinction_coef                       ? 
_refine.ls_extinction_coef_esd                   ? 
_refine.ls_extinction_expression                 ? 
_refine.ls_extinction_method                     ? 
_refine.ls_goodness_of_fit_all                   ? 
_refine.ls_goodness_of_fit_all_esd               ? 
_refine.ls_goodness_of_fit_obs                   ? 
_refine.ls_goodness_of_fit_obs_esd               ? 
_refine.ls_hydrogen_treatment                    ? 
_refine.ls_matrix_type                           ? 
_refine.ls_number_constraints                    ? 
_refine.ls_number_parameters                     ? 
_refine.ls_number_reflns_all                     ? 
_refine.ls_number_reflns_obs                     2425 
_refine.ls_number_reflns_R_free                  138 
_refine.ls_number_reflns_R_work                  2287 
_refine.ls_number_restraints                     ? 
_refine.ls_percent_reflns_obs                    96.96 
_refine.ls_percent_reflns_R_free                 5.69 
_refine.ls_R_factor_all                          ? 
_refine.ls_R_factor_obs                          0.2345 
_refine.ls_R_factor_R_free                       0.2543 
_refine.ls_R_factor_R_free_error                 ? 
_refine.ls_R_factor_R_free_error_details         ? 
_refine.ls_R_factor_R_work                       0.2334 
_refine.ls_R_Fsqd_factor_obs                     ? 
_refine.ls_R_I_factor_obs                        ? 
_refine.ls_redundancy_reflns_all                 ? 
_refine.ls_redundancy_reflns_obs                 ? 
_refine.ls_restrained_S_all                      ? 
_refine.ls_restrained_S_obs                      ? 
_refine.ls_shift_over_esd_max                    ? 
_refine.ls_shift_over_esd_mean                   ? 
_refine.ls_structure_factor_coef                 ? 
_refine.ls_weighting_details                     ? 
_refine.ls_weighting_scheme                      ? 
_refine.ls_wR_factor_all                         ? 
_refine.ls_wR_factor_obs                         ? 
_refine.ls_wR_factor_R_free                      ? 
_refine.ls_wR_factor_R_work                      ? 
_refine.occupancy_max                            ? 
_refine.occupancy_min                            ? 
_refine.solvent_model_details                    'FLAT BULK SOLVENT MODEL' 
_refine.solvent_model_param_bsol                 ? 
_refine.solvent_model_param_ksol                 ? 
_refine.pdbx_R_complete                          ? 
_refine.ls_R_factor_gt                           ? 
_refine.ls_goodness_of_fit_gt                    ? 
_refine.ls_goodness_of_fit_ref                   ? 
_refine.ls_shift_over_su_max                     ? 
_refine.ls_shift_over_su_max_lt                  ? 
_refine.ls_shift_over_su_mean                    ? 
_refine.ls_shift_over_su_mean_lt                 ? 
_refine.pdbx_ls_sigma_I                          ? 
_refine.pdbx_ls_sigma_F                          1.34 
_refine.pdbx_ls_sigma_Fsqd                       ? 
_refine.pdbx_data_cutoff_high_absF               ? 
_refine.pdbx_data_cutoff_high_rms_absF           ? 
_refine.pdbx_data_cutoff_low_absF                ? 
_refine.pdbx_isotropic_thermal_model             ? 
_refine.pdbx_ls_cross_valid_method               'FREE R-VALUE' 
_refine.pdbx_method_to_determine_struct          'MOLECULAR REPLACEMENT' 
_refine.pdbx_starting_model                      ? 
_refine.pdbx_stereochemistry_target_values       'GeoStd + Monomer Library + CDL v1.2' 
_refine.pdbx_R_Free_selection_details            ? 
_refine.pdbx_stereochem_target_val_spec_case     ? 
_refine.pdbx_overall_ESU_R                       ? 
_refine.pdbx_overall_ESU_R_Free                  ? 
_refine.pdbx_solvent_vdw_probe_radii             1.1100 
_refine.pdbx_solvent_ion_probe_radii             ? 
_refine.pdbx_solvent_shrinkage_radii             0.9000 
_refine.pdbx_real_space_R                        ? 
_refine.pdbx_density_correlation                 ? 
_refine.pdbx_pd_number_of_powder_patterns        ? 
_refine.pdbx_pd_number_of_points                 ? 
_refine.pdbx_pd_meas_number_of_points            ? 
_refine.pdbx_pd_proc_ls_prof_R_factor            ? 
_refine.pdbx_pd_proc_ls_prof_wR_factor           ? 
_refine.pdbx_pd_Marquardt_correlation_coeff      ? 
_refine.pdbx_pd_Fsqrd_R_factor                   ? 
_refine.pdbx_pd_ls_matrix_band_width             ? 
_refine.pdbx_overall_phase_error                 24.1266 
_refine.pdbx_overall_SU_R_free_Cruickshank_DPI   ? 
_refine.pdbx_overall_SU_R_free_Blow_DPI          ? 
_refine.pdbx_overall_SU_R_Blow_DPI               ? 
_refine.pdbx_TLS_residual_ADP_flag               ? 
_refine.pdbx_diffrn_id                           1 
_refine.overall_SU_B                             ? 
_refine.overall_SU_ML                            0.2860 
_refine.overall_SU_R_Cruickshank_DPI             ? 
_refine.overall_SU_R_free                        ? 
_refine.overall_FOM_free_R_set                   ? 
_refine.overall_FOM_work_R_set                   ? 
_refine.pdbx_average_fsc_overall                 ? 
_refine.pdbx_average_fsc_work                    ? 
_refine.pdbx_average_fsc_free                    ? 
# 
_refine_hist.pdbx_refine_id                   'X-RAY DIFFRACTION' 
_refine_hist.cycle_id                         LAST 
_refine_hist.details                          ? 
_refine_hist.d_res_high                       2.39 
_refine_hist.d_res_low                        25.10 
_refine_hist.number_atoms_solvent             1 
_refine_hist.number_atoms_total               544 
_refine_hist.number_reflns_all                ? 
_refine_hist.number_reflns_obs                ? 
_refine_hist.number_reflns_R_free             ? 
_refine_hist.number_reflns_R_work             ? 
_refine_hist.R_factor_all                     ? 
_refine_hist.R_factor_obs                     ? 
_refine_hist.R_factor_R_free                  ? 
_refine_hist.R_factor_R_work                  ? 
_refine_hist.pdbx_number_residues_total       ? 
_refine_hist.pdbx_B_iso_mean_ligand           ? 
_refine_hist.pdbx_B_iso_mean_solvent          ? 
_refine_hist.pdbx_number_atoms_protein        0 
_refine_hist.pdbx_number_atoms_nucleic_acid   530 
_refine_hist.pdbx_number_atoms_ligand         13 
_refine_hist.pdbx_number_atoms_lipid          ? 
_refine_hist.pdbx_number_atoms_carb           ? 
_refine_hist.pdbx_pseudo_atom_details         ? 
# 
loop_
_refine_ls_restr.pdbx_refine_id 
_refine_ls_restr.criterion 
_refine_ls_restr.dev_ideal 
_refine_ls_restr.dev_ideal_target 
_refine_ls_restr.number 
_refine_ls_restr.rejects 
_refine_ls_restr.type 
_refine_ls_restr.weight 
_refine_ls_restr.pdbx_restraint_function 
'X-RAY DIFFRACTION' ? 0.0041  ? 603 ? f_bond_d           ? ? 
'X-RAY DIFFRACTION' ? 0.6677  ? 935 ? f_angle_d          ? ? 
'X-RAY DIFFRACTION' ? 0.0378  ? 100 ? f_chiral_restr     ? ? 
'X-RAY DIFFRACTION' ? 0.0040  ? 25  ? f_plane_restr      ? ? 
'X-RAY DIFFRACTION' ? 37.5747 ? 247 ? f_dihedral_angle_d ? ? 
# 
_refine_ls_shell.pdbx_refine_id                   'X-RAY DIFFRACTION' 
_refine_ls_shell.d_res_high                       2.39 
_refine_ls_shell.d_res_low                        25.10 
_refine_ls_shell.number_reflns_all                ? 
_refine_ls_shell.number_reflns_obs                ? 
_refine_ls_shell.number_reflns_R_free             138 
_refine_ls_shell.number_reflns_R_work             2287 
_refine_ls_shell.percent_reflns_obs               96.96 
_refine_ls_shell.percent_reflns_R_free            ? 
_refine_ls_shell.R_factor_all                     ? 
_refine_ls_shell.R_factor_obs                     ? 
_refine_ls_shell.R_factor_R_free_error            ? 
_refine_ls_shell.R_factor_R_work                  0.2334 
_refine_ls_shell.redundancy_reflns_all            ? 
_refine_ls_shell.redundancy_reflns_obs            ? 
_refine_ls_shell.wR_factor_all                    ? 
_refine_ls_shell.wR_factor_obs                    ? 
_refine_ls_shell.wR_factor_R_free                 ? 
_refine_ls_shell.wR_factor_R_work                 ? 
_refine_ls_shell.pdbx_R_complete                  ? 
_refine_ls_shell.pdbx_total_number_of_bins_used   ? 
_refine_ls_shell.pdbx_phase_error                 ? 
_refine_ls_shell.pdbx_fsc_work                    ? 
_refine_ls_shell.pdbx_fsc_free                    ? 
_refine_ls_shell.R_factor_R_free                  0.2543 
# 
_struct.entry_id                     9C46 
_struct.title                        'Right-left hybrid parallel G-quadruplex from SLC2A1 promoter' 
_struct.pdbx_model_details           ? 
_struct.pdbx_formula_weight          ? 
_struct.pdbx_formula_weight_method   ? 
_struct.pdbx_model_type_details      ? 
_struct.pdbx_CASP_flag               N 
# 
_struct_keywords.entry_id        9C46 
_struct_keywords.text            'G-quadruplex, right-left-handed, parallel, DNA' 
_struct_keywords.pdbx_keywords   DNA 
# 
loop_
_struct_asym.id 
_struct_asym.pdbx_blank_PDB_chainid_flag 
_struct_asym.pdbx_modified 
_struct_asym.entity_id 
_struct_asym.details 
A N N 1 ? 
B N N 2 ? 
C N N 2 ? 
D N N 2 ? 
E N N 2 ? 
F N N 3 ? 
G N N 4 ? 
H N N 5 ? 
# 
_struct_ref.id                         1 
_struct_ref.db_name                    PDB 
_struct_ref.db_code                    9C46 
_struct_ref.pdbx_db_accession          9C46 
_struct_ref.pdbx_db_isoform            ? 
_struct_ref.entity_id                  1 
_struct_ref.pdbx_seq_one_letter_code   ? 
_struct_ref.pdbx_align_begin           1 
# 
_struct_ref_seq.align_id                      1 
_struct_ref_seq.ref_id                        1 
_struct_ref_seq.pdbx_PDB_id_code              9C46 
_struct_ref_seq.pdbx_strand_id                A 
_struct_ref_seq.seq_align_beg                 1 
_struct_ref_seq.pdbx_seq_align_beg_ins_code   ? 
_struct_ref_seq.seq_align_end                 25 
_struct_ref_seq.pdbx_seq_align_end_ins_code   ? 
_struct_ref_seq.pdbx_db_accession             9C46 
_struct_ref_seq.db_align_beg                  1 
_struct_ref_seq.pdbx_db_align_beg_ins_code    ? 
_struct_ref_seq.db_align_end                  25 
_struct_ref_seq.pdbx_db_align_end_ins_code    ? 
_struct_ref_seq.pdbx_auth_seq_align_beg       1 
_struct_ref_seq.pdbx_auth_seq_align_end       25 
# 
_pdbx_struct_assembly.id                   1 
_pdbx_struct_assembly.details              author_defined_assembly 
_pdbx_struct_assembly.method_details       ? 
_pdbx_struct_assembly.oligomeric_details   monomeric 
_pdbx_struct_assembly.oligomeric_count     1 
# 
_pdbx_struct_assembly_gen.assembly_id       1 
_pdbx_struct_assembly_gen.oper_expression   1 
_pdbx_struct_assembly_gen.asym_id_list      A,B,C,D,E,F,G,H 
# 
_pdbx_struct_oper_list.id                   1 
_pdbx_struct_oper_list.type                 'identity operation' 
_pdbx_struct_oper_list.name                 1_555 
_pdbx_struct_oper_list.symmetry_operation   x,y,z 
_pdbx_struct_oper_list.matrix[1][1]         1.0000000000 
_pdbx_struct_oper_list.matrix[1][2]         0.0000000000 
_pdbx_struct_oper_list.matrix[1][3]         0.0000000000 
_pdbx_struct_oper_list.vector[1]            0.0000000000 
_pdbx_struct_oper_list.matrix[2][1]         0.0000000000 
_pdbx_struct_oper_list.matrix[2][2]         1.0000000000 
_pdbx_struct_oper_list.matrix[2][3]         0.0000000000 
_pdbx_struct_oper_list.vector[2]            0.0000000000 
_pdbx_struct_oper_list.matrix[3][1]         0.0000000000 
_pdbx_struct_oper_list.matrix[3][2]         0.0000000000 
_pdbx_struct_oper_list.matrix[3][3]         1.0000000000 
_pdbx_struct_oper_list.vector[3]            0.0000000000 
# 
loop_
_struct_conn.id 
_struct_conn.conn_type_id 
_struct_conn.pdbx_leaving_atom_flag 
_struct_conn.pdbx_PDB_id 
_struct_conn.ptnr1_label_asym_id 
_struct_conn.ptnr1_label_comp_id 
_struct_conn.ptnr1_label_seq_id 
_struct_conn.ptnr1_label_atom_id 
_struct_conn.pdbx_ptnr1_label_alt_id 
_struct_conn.pdbx_ptnr1_PDB_ins_code 
_struct_conn.pdbx_ptnr1_standard_comp_id 
_struct_conn.ptnr1_symmetry 
_struct_conn.ptnr2_label_asym_id 
_struct_conn.ptnr2_label_comp_id 
_struct_conn.ptnr2_label_seq_id 
_struct_conn.ptnr2_label_atom_id 
_struct_conn.pdbx_ptnr2_label_alt_id 
_struct_conn.pdbx_ptnr2_PDB_ins_code 
_struct_conn.ptnr1_auth_asym_id 
_struct_conn.ptnr1_auth_comp_id 
_struct_conn.ptnr1_auth_seq_id 
_struct_conn.ptnr2_auth_asym_id 
_struct_conn.ptnr2_auth_comp_id 
_struct_conn.ptnr2_auth_seq_id 
_struct_conn.ptnr2_symmetry 
_struct_conn.pdbx_ptnr3_label_atom_id 
_struct_conn.pdbx_ptnr3_label_seq_id 
_struct_conn.pdbx_ptnr3_label_comp_id 
_struct_conn.pdbx_ptnr3_label_asym_id 
_struct_conn.pdbx_ptnr3_label_alt_id 
_struct_conn.pdbx_ptnr3_PDB_ins_code 
_struct_conn.details 
_struct_conn.pdbx_dist_value 
_struct_conn.pdbx_value_order 
_struct_conn.pdbx_role 
metalc1  metalc ? ? A DG 1  O6 ? ? ? 1_555 B K  .  K  ? ? A DG 1  A K  101 1_555 ? ? ? ? ? ? ?           3.044 ? ? 
metalc2  metalc ? ? A DG 1  O6 ? ? ? 1_555 C K  .  K  ? ? A DG 1  A K  102 1_555 ? ? ? ? ? ? ?           2.725 ? ? 
metalc3  metalc ? ? A DG 3  O6 ? ? ? 1_555 B K  .  K  ? ? A DG 3  A K  101 1_555 ? ? ? ? ? ? ?           2.915 ? ? 
metalc4  metalc ? ? A DG 4  O6 ? ? ? 1_555 B K  .  K  ? ? A DG 4  A K  101 1_555 ? ? ? ? ? ? ?           3.247 ? ? 
metalc5  metalc ? ? A DG 4  O6 ? ? ? 1_555 C K  .  K  ? ? A DG 4  A K  102 1_555 ? ? ? ? ? ? ?           3.153 ? ? 
metalc6  metalc ? ? A DG 6  O6 ? ? ? 1_555 B K  .  K  ? ? A DG 6  A K  101 1_555 ? ? ? ? ? ? ?           2.856 ? ? 
metalc7  metalc ? ? A DG 7  O6 ? ? ? 1_555 B K  .  K  ? ? A DG 7  A K  101 1_555 ? ? ? ? ? ? ?           2.930 ? ? 
metalc8  metalc ? ? A DG 7  O6 ? ? ? 1_555 C K  .  K  ? ? A DG 7  A K  102 1_555 ? ? ? ? ? ? ?           3.049 ? ? 
metalc9  metalc ? ? A DG 9  O6 ? ? ? 1_555 B K  .  K  ? ? A DG 9  A K  101 1_555 ? ? ? ? ? ? ?           2.677 ? ? 
metalc10 metalc ? ? A DG 10 O6 ? ? ? 1_555 B K  .  K  ? ? A DG 10 A K  101 1_555 ? ? ? ? ? ? ?           2.973 ? ? 
metalc11 metalc ? ? A DG 10 O6 ? ? ? 1_555 C K  .  K  ? ? A DG 10 A K  102 1_555 ? ? ? ? ? ? ?           2.634 ? ? 
metalc12 metalc ? ? A DG 12 O6 ? ? ? 1_555 B K  .  K  ? ? A DG 12 A K  101 1_555 ? ? ? ? ? ? ?           2.748 ? ? 
metalc13 metalc ? ? A DG 15 O6 ? ? ? 1_555 C K  .  K  ? ? A DG 15 A K  102 1_555 ? ? ? ? ? ? ?           2.789 ? ? 
metalc14 metalc ? ? A DG 15 O6 ? ? ? 1_555 D K  .  K  ? ? A DG 15 A K  103 1_555 ? ? ? ? ? ? ?           2.690 ? ? 
metalc15 metalc ? ? A DG 16 O6 ? ? ? 1_555 D K  .  K  ? ? A DG 16 A K  103 1_555 ? ? ? ? ? ? ?           2.877 ? ? 
metalc16 metalc ? ? A DG 16 O6 ? ? ? 1_555 E K  .  K  ? ? A DG 16 A K  104 1_555 ? ? ? ? ? ? ?           2.657 ? ? 
metalc17 metalc ? ? A DG 16 O6 ? ? ? 1_555 E K  .  K  ? ? A DG 16 A K  104 2_555 ? ? ? ? ? ? ?           2.651 ? ? 
metalc18 metalc ? ? A DG 18 O6 ? ? ? 1_555 C K  .  K  ? ? A DG 18 A K  102 1_555 ? ? ? ? ? ? ?           2.942 ? ? 
metalc19 metalc ? ? A DG 18 O6 ? ? ? 1_555 D K  .  K  ? ? A DG 18 A K  103 1_555 ? ? ? ? ? ? ?           2.695 ? ? 
metalc20 metalc ? ? A DG 19 O6 ? ? ? 1_555 D K  .  K  ? ? A DG 19 A K  103 1_555 ? ? ? ? ? ? ?           3.056 ? ? 
metalc21 metalc ? ? A DG 19 O6 ? ? ? 1_555 E K  .  K  ? ? A DG 19 A K  104 1_555 ? ? ? ? ? ? ?           2.708 ? ? 
metalc22 metalc ? ? A DG 19 O6 ? ? ? 1_555 E K  .  K  ? ? A DG 19 A K  104 2_555 ? ? ? ? ? ? ?           2.705 ? ? 
metalc23 metalc ? ? A DG 21 O6 ? ? ? 1_555 C K  .  K  ? ? A DG 21 A K  102 1_555 ? ? ? ? ? ? ?           2.804 ? ? 
metalc24 metalc ? ? A DG 21 O6 ? ? ? 1_555 D K  .  K  ? ? A DG 21 A K  103 1_555 ? ? ? ? ? ? ?           2.657 ? ? 
metalc25 metalc ? ? A DG 22 O6 ? ? ? 1_555 D K  .  K  ? ? A DG 22 A K  103 1_555 ? ? ? ? ? ? ?           2.650 ? ? 
metalc26 metalc ? ? A DG 22 O6 ? ? ? 1_555 E K  .  K  ? ? A DG 22 A K  104 1_555 ? ? ? ? ? ? ?           2.674 ? ? 
metalc27 metalc ? ? A DG 22 O6 ? ? ? 1_555 E K  .  K  ? ? A DG 22 A K  104 2_555 ? ? ? ? ? ? ?           2.665 ? ? 
metalc28 metalc ? ? A DG 24 O6 ? ? ? 1_555 C K  .  K  ? ? A DG 24 A K  102 1_555 ? ? ? ? ? ? ?           2.862 ? ? 
metalc29 metalc ? ? A DG 24 O6 ? ? ? 1_555 D K  .  K  ? ? A DG 24 A K  103 1_555 ? ? ? ? ? ? ?           2.705 ? ? 
metalc30 metalc ? ? A DG 25 O6 ? ? ? 1_555 D K  .  K  ? ? A DG 25 A K  103 1_555 ? ? ? ? ? ? ?           2.958 ? ? 
metalc31 metalc ? ? A DG 25 O6 ? ? ? 1_555 E K  .  K  ? ? A DG 25 A K  104 1_555 ? ? ? ? ? ? ?           2.729 ? ? 
metalc32 metalc ? ? A DG 25 O6 ? ? ? 1_555 E K  .  K  ? ? A DG 25 A K  104 2_555 ? ? ? ? ? ? ?           2.718 ? ? 
hydrog1  hydrog ? ? A DG 1  N1 ? ? ? 1_555 A DG 4  O6 ? ? A DG 1  A DG 4   1_555 ? ? ? ? ? ? TYPE_6_PAIR ?     ? ? 
hydrog2  hydrog ? ? A DG 1  N2 ? ? ? 1_555 A DG 4  N7 ? ? A DG 1  A DG 4   1_555 ? ? ? ? ? ? TYPE_6_PAIR ?     ? ? 
hydrog3  hydrog ? ? A DG 1  N7 ? ? ? 1_555 A DG 10 N2 ? ? A DG 1  A DG 10  1_555 ? ? ? ? ? ? TYPE_6_PAIR ?     ? ? 
hydrog4  hydrog ? ? A DG 1  O6 ? ? ? 1_555 A DG 10 N1 ? ? A DG 1  A DG 10  1_555 ? ? ? ? ? ? TYPE_6_PAIR ?     ? ? 
hydrog5  hydrog ? ? A DG 3  N1 ? ? ? 1_555 A DG 6  O6 ? ? A DG 3  A DG 6   1_555 ? ? ? ? ? ? TYPE_6_PAIR ?     ? ? 
hydrog6  hydrog ? ? A DG 3  N2 ? ? ? 1_555 A DG 6  N7 ? ? A DG 3  A DG 6   1_555 ? ? ? ? ? ? TYPE_6_PAIR ?     ? ? 
hydrog7  hydrog ? ? A DG 3  N7 ? ? ? 1_555 A DG 12 N2 ? ? A DG 3  A DG 12  1_555 ? ? ? ? ? ? TYPE_6_PAIR ?     ? ? 
hydrog8  hydrog ? ? A DG 3  O6 ? ? ? 1_555 A DG 12 N1 ? ? A DG 3  A DG 12  1_555 ? ? ? ? ? ? TYPE_6_PAIR ?     ? ? 
hydrog9  hydrog ? ? A DG 4  N1 ? ? ? 1_555 A DG 7  O6 ? ? A DG 4  A DG 7   1_555 ? ? ? ? ? ? TYPE_6_PAIR ?     ? ? 
hydrog10 hydrog ? ? A DG 4  N2 ? ? ? 1_555 A DG 7  N7 ? ? A DG 4  A DG 7   1_555 ? ? ? ? ? ? TYPE_6_PAIR ?     ? ? 
hydrog11 hydrog ? ? A DG 6  N1 ? ? ? 1_555 A DG 9  O6 ? ? A DG 6  A DG 9   1_555 ? ? ? ? ? ? TYPE_6_PAIR ?     ? ? 
hydrog12 hydrog ? ? A DG 6  N2 ? ? ? 1_555 A DG 9  N7 ? ? A DG 6  A DG 9   1_555 ? ? ? ? ? ? TYPE_6_PAIR ?     ? ? 
hydrog13 hydrog ? ? A DG 7  N1 ? ? ? 1_555 A DG 10 O6 ? ? A DG 7  A DG 10  1_555 ? ? ? ? ? ? TYPE_6_PAIR ?     ? ? 
hydrog14 hydrog ? ? A DG 7  N2 ? ? ? 1_555 A DG 10 N7 ? ? A DG 7  A DG 10  1_555 ? ? ? ? ? ? TYPE_6_PAIR ?     ? ? 
hydrog15 hydrog ? ? A DG 9  N1 ? ? ? 1_555 A DG 12 O6 ? ? A DG 9  A DG 12  1_555 ? ? ? ? ? ? TYPE_6_PAIR ?     ? ? 
hydrog16 hydrog ? ? A DG 9  N2 ? ? ? 1_555 A DG 12 N7 ? ? A DG 9  A DG 12  1_555 ? ? ? ? ? ? TYPE_6_PAIR ?     ? ? 
hydrog17 hydrog ? ? A DG 15 N1 ? ? ? 1_555 A DG 18 O6 ? ? A DG 15 A DG 18  1_555 ? ? ? ? ? ? TYPE_6_PAIR ?     ? ? 
hydrog18 hydrog ? ? A DG 15 N2 ? ? ? 1_555 A DG 18 N7 ? ? A DG 15 A DG 18  1_555 ? ? ? ? ? ? TYPE_6_PAIR ?     ? ? 
hydrog19 hydrog ? ? A DG 15 N7 ? ? ? 1_555 A DG 24 N2 ? ? A DG 15 A DG 24  1_555 ? ? ? ? ? ? TYPE_6_PAIR ?     ? ? 
hydrog20 hydrog ? ? A DG 15 O6 ? ? ? 1_555 A DG 24 N1 ? ? A DG 15 A DG 24  1_555 ? ? ? ? ? ? TYPE_6_PAIR ?     ? ? 
hydrog21 hydrog ? ? A DG 16 N1 ? ? ? 1_555 A DG 19 O6 ? ? A DG 16 A DG 19  1_555 ? ? ? ? ? ? TYPE_6_PAIR ?     ? ? 
hydrog22 hydrog ? ? A DG 16 N2 ? ? ? 1_555 A DG 19 N7 ? ? A DG 16 A DG 19  1_555 ? ? ? ? ? ? TYPE_6_PAIR ?     ? ? 
hydrog23 hydrog ? ? A DG 16 N7 ? ? ? 1_555 A DG 25 N2 ? ? A DG 16 A DG 25  1_555 ? ? ? ? ? ? TYPE_6_PAIR ?     ? ? 
hydrog24 hydrog ? ? A DG 16 O6 ? ? ? 1_555 A DG 25 N1 ? ? A DG 16 A DG 25  1_555 ? ? ? ? ? ? TYPE_6_PAIR ?     ? ? 
hydrog25 hydrog ? ? A DG 18 N1 ? ? ? 1_555 A DG 21 O6 ? ? A DG 18 A DG 21  1_555 ? ? ? ? ? ? TYPE_6_PAIR ?     ? ? 
hydrog26 hydrog ? ? A DG 18 N2 ? ? ? 1_555 A DG 21 N7 ? ? A DG 18 A DG 21  1_555 ? ? ? ? ? ? TYPE_6_PAIR ?     ? ? 
hydrog27 hydrog ? ? A DG 19 N1 ? ? ? 1_555 A DG 22 O6 ? ? A DG 19 A DG 22  1_555 ? ? ? ? ? ? TYPE_6_PAIR ?     ? ? 
hydrog28 hydrog ? ? A DG 19 N2 ? ? ? 1_555 A DG 22 N7 ? ? A DG 19 A DG 22  1_555 ? ? ? ? ? ? TYPE_6_PAIR ?     ? ? 
hydrog29 hydrog ? ? A DG 21 N1 ? ? ? 1_555 A DG 24 O6 ? ? A DG 21 A DG 24  1_555 ? ? ? ? ? ? TYPE_6_PAIR ?     ? ? 
hydrog30 hydrog ? ? A DG 21 N2 ? ? ? 1_555 A DG 24 N7 ? ? A DG 21 A DG 24  1_555 ? ? ? ? ? ? TYPE_6_PAIR ?     ? ? 
hydrog31 hydrog ? ? A DG 22 N1 ? ? ? 1_555 A DG 25 O6 ? ? A DG 22 A DG 25  1_555 ? ? ? ? ? ? TYPE_6_PAIR ?     ? ? 
hydrog32 hydrog ? ? A DG 22 N2 ? ? ? 1_555 A DG 25 N7 ? ? A DG 22 A DG 25  1_555 ? ? ? ? ? ? TYPE_6_PAIR ?     ? ? 
# 
loop_
_struct_conn_type.id 
_struct_conn_type.criteria 
_struct_conn_type.reference 
metalc ? ? 
hydrog ? ? 
# 
loop_
_pdbx_struct_conn_angle.id 
_pdbx_struct_conn_angle.ptnr1_label_atom_id 
_pdbx_struct_conn_angle.ptnr1_label_alt_id 
_pdbx_struct_conn_angle.ptnr1_label_asym_id 
_pdbx_struct_conn_angle.ptnr1_label_comp_id 
_pdbx_struct_conn_angle.ptnr1_label_seq_id 
_pdbx_struct_conn_angle.ptnr1_auth_atom_id 
_pdbx_struct_conn_angle.ptnr1_auth_asym_id 
_pdbx_struct_conn_angle.ptnr1_auth_comp_id 
_pdbx_struct_conn_angle.ptnr1_auth_seq_id 
_pdbx_struct_conn_angle.ptnr1_PDB_ins_code 
_pdbx_struct_conn_angle.ptnr1_symmetry 
_pdbx_struct_conn_angle.ptnr2_label_atom_id 
_pdbx_struct_conn_angle.ptnr2_label_alt_id 
_pdbx_struct_conn_angle.ptnr2_label_asym_id 
_pdbx_struct_conn_angle.ptnr2_label_comp_id 
_pdbx_struct_conn_angle.ptnr2_label_seq_id 
_pdbx_struct_conn_angle.ptnr2_auth_atom_id 
_pdbx_struct_conn_angle.ptnr2_auth_asym_id 
_pdbx_struct_conn_angle.ptnr2_auth_comp_id 
_pdbx_struct_conn_angle.ptnr2_auth_seq_id 
_pdbx_struct_conn_angle.ptnr2_PDB_ins_code 
_pdbx_struct_conn_angle.ptnr2_symmetry 
_pdbx_struct_conn_angle.ptnr3_label_atom_id 
_pdbx_struct_conn_angle.ptnr3_label_alt_id 
_pdbx_struct_conn_angle.ptnr3_label_asym_id 
_pdbx_struct_conn_angle.ptnr3_label_comp_id 
_pdbx_struct_conn_angle.ptnr3_label_seq_id 
_pdbx_struct_conn_angle.ptnr3_auth_atom_id 
_pdbx_struct_conn_angle.ptnr3_auth_asym_id 
_pdbx_struct_conn_angle.ptnr3_auth_comp_id 
_pdbx_struct_conn_angle.ptnr3_auth_seq_id 
_pdbx_struct_conn_angle.ptnr3_PDB_ins_code 
_pdbx_struct_conn_angle.ptnr3_symmetry 
_pdbx_struct_conn_angle.value 
_pdbx_struct_conn_angle.value_esd 
1   O6 ? A DG 1  ? A DG 1  ? 1_555 K ? B K . ? A K 101 ? 1_555 O6 ? A DG 3  ? A DG 3  ? 1_555 91.0  ? 
2   O6 ? A DG 1  ? A DG 1  ? 1_555 K ? B K . ? A K 101 ? 1_555 O6 ? A DG 4  ? A DG 4  ? 1_555 60.8  ? 
3   O6 ? A DG 3  ? A DG 3  ? 1_555 K ? B K . ? A K 101 ? 1_555 O6 ? A DG 4  ? A DG 4  ? 1_555 73.0  ? 
4   O6 ? A DG 1  ? A DG 1  ? 1_555 K ? B K . ? A K 101 ? 1_555 O6 ? A DG 6  ? A DG 6  ? 1_555 145.0 ? 
5   O6 ? A DG 3  ? A DG 3  ? 1_555 K ? B K . ? A K 101 ? 1_555 O6 ? A DG 6  ? A DG 6  ? 1_555 64.8  ? 
6   O6 ? A DG 4  ? A DG 4  ? 1_555 K ? B K . ? A K 101 ? 1_555 O6 ? A DG 6  ? A DG 6  ? 1_555 87.1  ? 
7   O6 ? A DG 1  ? A DG 1  ? 1_555 K ? B K . ? A K 101 ? 1_555 O6 ? A DG 7  ? A DG 7  ? 1_555 101.4 ? 
8   O6 ? A DG 3  ? A DG 3  ? 1_555 K ? B K . ? A K 101 ? 1_555 O6 ? A DG 7  ? A DG 7  ? 1_555 133.1 ? 
9   O6 ? A DG 4  ? A DG 4  ? 1_555 K ? B K . ? A K 101 ? 1_555 O6 ? A DG 7  ? A DG 7  ? 1_555 74.4  ? 
10  O6 ? A DG 6  ? A DG 6  ? 1_555 K ? B K . ? A K 101 ? 1_555 O6 ? A DG 7  ? A DG 7  ? 1_555 80.9  ? 
11  O6 ? A DG 1  ? A DG 1  ? 1_555 K ? B K . ? A K 101 ? 1_555 O6 ? A DG 9  ? A DG 9  ? 1_555 141.7 ? 
12  O6 ? A DG 3  ? A DG 3  ? 1_555 K ? B K . ? A K 101 ? 1_555 O6 ? A DG 9  ? A DG 9  ? 1_555 107.8 ? 
13  O6 ? A DG 4  ? A DG 4  ? 1_555 K ? B K . ? A K 101 ? 1_555 O6 ? A DG 9  ? A DG 9  ? 1_555 156.0 ? 
14  O6 ? A DG 6  ? A DG 6  ? 1_555 K ? B K . ? A K 101 ? 1_555 O6 ? A DG 9  ? A DG 9  ? 1_555 72.5  ? 
15  O6 ? A DG 7  ? A DG 7  ? 1_555 K ? B K . ? A K 101 ? 1_555 O6 ? A DG 9  ? A DG 9  ? 1_555 89.7  ? 
16  O6 ? A DG 1  ? A DG 1  ? 1_555 K ? B K . ? A K 101 ? 1_555 O6 ? A DG 10 ? A DG 10 ? 1_555 68.4  ? 
17  O6 ? A DG 3  ? A DG 3  ? 1_555 K ? B K . ? A K 101 ? 1_555 O6 ? A DG 10 ? A DG 10 ? 1_555 158.8 ? 
18  O6 ? A DG 4  ? A DG 4  ? 1_555 K ? B K . ? A K 101 ? 1_555 O6 ? A DG 10 ? A DG 10 ? 1_555 100.0 ? 
19  O6 ? A DG 6  ? A DG 6  ? 1_555 K ? B K . ? A K 101 ? 1_555 O6 ? A DG 10 ? A DG 10 ? 1_555 135.9 ? 
20  O6 ? A DG 7  ? A DG 7  ? 1_555 K ? B K . ? A K 101 ? 1_555 O6 ? A DG 10 ? A DG 10 ? 1_555 60.0  ? 
21  O6 ? A DG 9  ? A DG 9  ? 1_555 K ? B K . ? A K 101 ? 1_555 O6 ? A DG 10 ? A DG 10 ? 1_555 86.8  ? 
22  O6 ? A DG 1  ? A DG 1  ? 1_555 K ? B K . ? A K 101 ? 1_555 O6 ? A DG 12 ? A DG 12 ? 1_555 78.1  ? 
23  O6 ? A DG 3  ? A DG 3  ? 1_555 K ? B K . ? A K 101 ? 1_555 O6 ? A DG 12 ? A DG 12 ? 1_555 68.5  ? 
24  O6 ? A DG 4  ? A DG 4  ? 1_555 K ? B K . ? A K 101 ? 1_555 O6 ? A DG 12 ? A DG 12 ? 1_555 122.0 ? 
25  O6 ? A DG 6  ? A DG 6  ? 1_555 K ? B K . ? A K 101 ? 1_555 O6 ? A DG 12 ? A DG 12 ? 1_555 112.1 ? 
26  O6 ? A DG 7  ? A DG 7  ? 1_555 K ? B K . ? A K 101 ? 1_555 O6 ? A DG 12 ? A DG 12 ? 1_555 158.2 ? 
27  O6 ? A DG 9  ? A DG 9  ? 1_555 K ? B K . ? A K 101 ? 1_555 O6 ? A DG 12 ? A DG 12 ? 1_555 78.5  ? 
28  O6 ? A DG 10 ? A DG 10 ? 1_555 K ? B K . ? A K 101 ? 1_555 O6 ? A DG 12 ? A DG 12 ? 1_555 100.8 ? 
29  O6 ? A DG 1  ? A DG 1  ? 1_555 K ? C K . ? A K 102 ? 1_555 O6 ? A DG 4  ? A DG 4  ? 1_555 65.3  ? 
30  O6 ? A DG 1  ? A DG 1  ? 1_555 K ? C K . ? A K 102 ? 1_555 O6 ? A DG 7  ? A DG 7  ? 1_555 106.3 ? 
31  O6 ? A DG 4  ? A DG 4  ? 1_555 K ? C K . ? A K 102 ? 1_555 O6 ? A DG 7  ? A DG 7  ? 1_555 74.2  ? 
32  O6 ? A DG 1  ? A DG 1  ? 1_555 K ? C K . ? A K 102 ? 1_555 O6 ? A DG 10 ? A DG 10 ? 1_555 78.3  ? 
33  O6 ? A DG 4  ? A DG 4  ? 1_555 K ? C K . ? A K 102 ? 1_555 O6 ? A DG 10 ? A DG 10 ? 1_555 110.6 ? 
34  O6 ? A DG 7  ? A DG 7  ? 1_555 K ? C K . ? A K 102 ? 1_555 O6 ? A DG 10 ? A DG 10 ? 1_555 62.0  ? 
35  O6 ? A DG 1  ? A DG 1  ? 1_555 K ? C K . ? A K 102 ? 1_555 O6 ? A DG 15 ? A DG 15 ? 1_555 96.9  ? 
36  O6 ? A DG 4  ? A DG 4  ? 1_555 K ? C K . ? A K 102 ? 1_555 O6 ? A DG 15 ? A DG 15 ? 1_555 151.7 ? 
37  O6 ? A DG 7  ? A DG 7  ? 1_555 K ? C K . ? A K 102 ? 1_555 O6 ? A DG 15 ? A DG 15 ? 1_555 133.7 ? 
38  O6 ? A DG 10 ? A DG 10 ? 1_555 K ? C K . ? A K 102 ? 1_555 O6 ? A DG 15 ? A DG 15 ? 1_555 85.0  ? 
39  O6 ? A DG 1  ? A DG 1  ? 1_555 K ? C K . ? A K 102 ? 1_555 O6 ? A DG 18 ? A DG 18 ? 1_555 154.9 ? 
40  O6 ? A DG 4  ? A DG 4  ? 1_555 K ? C K . ? A K 102 ? 1_555 O6 ? A DG 18 ? A DG 18 ? 1_555 139.7 ? 
41  O6 ? A DG 7  ? A DG 7  ? 1_555 K ? C K . ? A K 102 ? 1_555 O6 ? A DG 18 ? A DG 18 ? 1_555 83.5  ? 
42  O6 ? A DG 10 ? A DG 10 ? 1_555 K ? C K . ? A K 102 ? 1_555 O6 ? A DG 18 ? A DG 18 ? 1_555 86.6  ? 
43  O6 ? A DG 15 ? A DG 15 ? 1_555 K ? C K . ? A K 102 ? 1_555 O6 ? A DG 18 ? A DG 18 ? 1_555 61.5  ? 
44  O6 ? A DG 1  ? A DG 1  ? 1_555 K ? C K . ? A K 102 ? 1_555 O6 ? A DG 21 ? A DG 21 ? 1_555 137.1 ? 
45  O6 ? A DG 4  ? A DG 4  ? 1_555 K ? C K . ? A K 102 ? 1_555 O6 ? A DG 21 ? A DG 21 ? 1_555 82.5  ? 
46  O6 ? A DG 7  ? A DG 7  ? 1_555 K ? C K . ? A K 102 ? 1_555 O6 ? A DG 21 ? A DG 21 ? 1_555 90.2  ? 
47  O6 ? A DG 10 ? A DG 10 ? 1_555 K ? C K . ? A K 102 ? 1_555 O6 ? A DG 21 ? A DG 21 ? 1_555 142.3 ? 
48  O6 ? A DG 15 ? A DG 15 ? 1_555 K ? C K . ? A K 102 ? 1_555 O6 ? A DG 21 ? A DG 21 ? 1_555 99.5  ? 
49  O6 ? A DG 18 ? A DG 18 ? 1_555 K ? C K . ? A K 102 ? 1_555 O6 ? A DG 21 ? A DG 21 ? 1_555 64.1  ? 
50  O6 ? A DG 1  ? A DG 1  ? 1_555 K ? C K . ? A K 102 ? 1_555 O6 ? A DG 24 ? A DG 24 ? 1_555 82.3  ? 
51  O6 ? A DG 4  ? A DG 4  ? 1_555 K ? C K . ? A K 102 ? 1_555 O6 ? A DG 24 ? A DG 24 ? 1_555 86.2  ? 
52  O6 ? A DG 7  ? A DG 7  ? 1_555 K ? C K . ? A K 102 ? 1_555 O6 ? A DG 24 ? A DG 24 ? 1_555 152.1 ? 
53  O6 ? A DG 10 ? A DG 10 ? 1_555 K ? C K . ? A K 102 ? 1_555 O6 ? A DG 24 ? A DG 24 ? 1_555 145.4 ? 
54  O6 ? A DG 15 ? A DG 15 ? 1_555 K ? C K . ? A K 102 ? 1_555 O6 ? A DG 24 ? A DG 24 ? 1_555 69.1  ? 
55  O6 ? A DG 18 ? A DG 18 ? 1_555 K ? C K . ? A K 102 ? 1_555 O6 ? A DG 24 ? A DG 24 ? 1_555 99.9  ? 
56  O6 ? A DG 21 ? A DG 21 ? 1_555 K ? C K . ? A K 102 ? 1_555 O6 ? A DG 24 ? A DG 24 ? 1_555 67.3  ? 
57  O6 ? A DG 15 ? A DG 15 ? 1_555 K ? D K . ? A K 103 ? 1_555 O6 ? A DG 16 ? A DG 16 ? 1_555 80.4  ? 
58  O6 ? A DG 15 ? A DG 15 ? 1_555 K ? D K . ? A K 103 ? 1_555 O6 ? A DG 18 ? A DG 18 ? 1_555 66.0  ? 
59  O6 ? A DG 16 ? A DG 16 ? 1_555 K ? D K . ? A K 103 ? 1_555 O6 ? A DG 18 ? A DG 18 ? 1_555 85.5  ? 
60  O6 ? A DG 15 ? A DG 15 ? 1_555 K ? D K . ? A K 103 ? 1_555 O6 ? A DG 19 ? A DG 19 ? 1_555 127.5 ? 
61  O6 ? A DG 16 ? A DG 16 ? 1_555 K ? D K . ? A K 103 ? 1_555 O6 ? A DG 19 ? A DG 19 ? 1_555 60.0  ? 
62  O6 ? A DG 18 ? A DG 18 ? 1_555 K ? D K . ? A K 103 ? 1_555 O6 ? A DG 19 ? A DG 19 ? 1_555 77.1  ? 
63  O6 ? A DG 15 ? A DG 15 ? 1_555 K ? D K . ? A K 103 ? 1_555 O6 ? A DG 21 ? A DG 21 ? 1_555 106.0 ? 
64  O6 ? A DG 16 ? A DG 16 ? 1_555 K ? D K . ? A K 103 ? 1_555 O6 ? A DG 21 ? A DG 21 ? 1_555 147.8 ? 
65  O6 ? A DG 18 ? A DG 18 ? 1_555 K ? D K . ? A K 103 ? 1_555 O6 ? A DG 21 ? A DG 21 ? 1_555 69.5  ? 
66  O6 ? A DG 19 ? A DG 19 ? 1_555 K ? D K . ? A K 103 ? 1_555 O6 ? A DG 21 ? A DG 21 ? 1_555 93.8  ? 
67  O6 ? A DG 15 ? A DG 15 ? 1_555 K ? D K . ? A K 103 ? 1_555 O6 ? A DG 22 ? A DG 22 ? 1_555 152.5 ? 
68  O6 ? A DG 16 ? A DG 16 ? 1_555 K ? D K . ? A K 103 ? 1_555 O6 ? A DG 22 ? A DG 22 ? 1_555 101.4 ? 
69  O6 ? A DG 18 ? A DG 18 ? 1_555 K ? D K . ? A K 103 ? 1_555 O6 ? A DG 22 ? A DG 22 ? 1_555 141.2 ? 
70  O6 ? A DG 19 ? A DG 19 ? 1_555 K ? D K . ? A K 103 ? 1_555 O6 ? A DG 22 ? A DG 22 ? 1_555 73.9  ? 
71  O6 ? A DG 21 ? A DG 21 ? 1_555 K ? D K . ? A K 103 ? 1_555 O6 ? A DG 22 ? A DG 22 ? 1_555 87.3  ? 
72  O6 ? A DG 15 ? A DG 15 ? 1_555 K ? D K . ? A K 103 ? 1_555 O6 ? A DG 24 ? A DG 24 ? 1_555 72.8  ? 
73  O6 ? A DG 16 ? A DG 16 ? 1_555 K ? D K . ? A K 103 ? 1_555 O6 ? A DG 24 ? A DG 24 ? 1_555 138.5 ? 
74  O6 ? A DG 18 ? A DG 18 ? 1_555 K ? D K . ? A K 103 ? 1_555 O6 ? A DG 24 ? A DG 24 ? 1_555 110.7 ? 
75  O6 ? A DG 19 ? A DG 19 ? 1_555 K ? D K . ? A K 103 ? 1_555 O6 ? A DG 24 ? A DG 24 ? 1_555 158.5 ? 
76  O6 ? A DG 21 ? A DG 21 ? 1_555 K ? D K . ? A K 103 ? 1_555 O6 ? A DG 24 ? A DG 24 ? 1_555 71.7  ? 
77  O6 ? A DG 22 ? A DG 22 ? 1_555 K ? D K . ? A K 103 ? 1_555 O6 ? A DG 24 ? A DG 24 ? 1_555 89.4  ? 
78  O6 ? A DG 15 ? A DG 15 ? 1_555 K ? D K . ? A K 103 ? 1_555 O6 ? A DG 25 ? A DG 25 ? 1_555 92.9  ? 
79  O6 ? A DG 16 ? A DG 16 ? 1_555 K ? D K . ? A K 103 ? 1_555 O6 ? A DG 25 ? A DG 25 ? 1_555 66.9  ? 
80  O6 ? A DG 18 ? A DG 18 ? 1_555 K ? D K . ? A K 103 ? 1_555 O6 ? A DG 25 ? A DG 25 ? 1_555 148.1 ? 
81  O6 ? A DG 19 ? A DG 19 ? 1_555 K ? D K . ? A K 103 ? 1_555 O6 ? A DG 25 ? A DG 25 ? 1_555 100.6 ? 
82  O6 ? A DG 21 ? A DG 21 ? 1_555 K ? D K . ? A K 103 ? 1_555 O6 ? A DG 25 ? A DG 25 ? 1_555 141.9 ? 
83  O6 ? A DG 22 ? A DG 22 ? 1_555 K ? D K . ? A K 103 ? 1_555 O6 ? A DG 25 ? A DG 25 ? 1_555 63.7  ? 
84  O6 ? A DG 24 ? A DG 24 ? 1_555 K ? D K . ? A K 103 ? 1_555 O6 ? A DG 25 ? A DG 25 ? 1_555 83.2  ? 
85  O6 ? A DG 16 ? A DG 16 ? 1_555 K ? E K . ? A K 104 ? 1_555 O6 ? A DG 16 ? A DG 16 ? 1_555 0.0   ? 
86  O6 ? A DG 16 ? A DG 16 ? 1_555 K ? E K . ? A K 104 ? 1_555 O6 ? A DG 19 ? A DG 19 ? 1_555 67.3  ? 
87  O6 ? A DG 16 ? A DG 16 ? 1_555 K ? E K . ? A K 104 ? 1_555 O6 ? A DG 19 ? A DG 19 ? 1_555 67.3  ? 
88  O6 ? A DG 16 ? A DG 16 ? 1_555 K ? E K . ? A K 104 ? 1_555 O6 ? A DG 19 ? A DG 19 ? 1_555 67.3  ? 
89  O6 ? A DG 16 ? A DG 16 ? 1_555 K ? E K . ? A K 104 ? 1_555 O6 ? A DG 19 ? A DG 19 ? 1_555 67.3  ? 
90  O6 ? A DG 19 ? A DG 19 ? 1_555 K ? E K . ? A K 104 ? 1_555 O6 ? A DG 19 ? A DG 19 ? 1_555 0.0   ? 
91  O6 ? A DG 16 ? A DG 16 ? 1_555 K ? E K . ? A K 104 ? 1_555 O6 ? A DG 22 ? A DG 22 ? 1_555 106.8 ? 
92  O6 ? A DG 16 ? A DG 16 ? 1_555 K ? E K . ? A K 104 ? 1_555 O6 ? A DG 22 ? A DG 22 ? 1_555 106.8 ? 
93  O6 ? A DG 19 ? A DG 19 ? 1_555 K ? E K . ? A K 104 ? 1_555 O6 ? A DG 22 ? A DG 22 ? 1_555 79.6  ? 
94  O6 ? A DG 19 ? A DG 19 ? 1_555 K ? E K . ? A K 104 ? 1_555 O6 ? A DG 22 ? A DG 22 ? 1_555 79.6  ? 
95  O6 ? A DG 16 ? A DG 16 ? 1_555 K ? E K . ? A K 104 ? 1_555 O6 ? A DG 22 ? A DG 22 ? 1_555 106.8 ? 
96  O6 ? A DG 16 ? A DG 16 ? 1_555 K ? E K . ? A K 104 ? 1_555 O6 ? A DG 22 ? A DG 22 ? 1_555 106.8 ? 
97  O6 ? A DG 19 ? A DG 19 ? 1_555 K ? E K . ? A K 104 ? 1_555 O6 ? A DG 22 ? A DG 22 ? 1_555 79.6  ? 
98  O6 ? A DG 19 ? A DG 19 ? 1_555 K ? E K . ? A K 104 ? 1_555 O6 ? A DG 22 ? A DG 22 ? 1_555 79.6  ? 
99  O6 ? A DG 22 ? A DG 22 ? 1_555 K ? E K . ? A K 104 ? 1_555 O6 ? A DG 22 ? A DG 22 ? 1_555 0.0   ? 
100 O6 ? A DG 16 ? A DG 16 ? 1_555 K ? E K . ? A K 104 ? 1_555 O6 ? A DG 25 ? A DG 25 ? 1_555 73.3  ? 
101 O6 ? A DG 16 ? A DG 16 ? 1_555 K ? E K . ? A K 104 ? 1_555 O6 ? A DG 25 ? A DG 25 ? 1_555 73.3  ? 
102 O6 ? A DG 19 ? A DG 19 ? 1_555 K ? E K . ? A K 104 ? 1_555 O6 ? A DG 25 ? A DG 25 ? 1_555 116.6 ? 
103 O6 ? A DG 19 ? A DG 19 ? 1_555 K ? E K . ? A K 104 ? 1_555 O6 ? A DG 25 ? A DG 25 ? 1_555 116.6 ? 
104 O6 ? A DG 22 ? A DG 22 ? 1_555 K ? E K . ? A K 104 ? 1_555 O6 ? A DG 25 ? A DG 25 ? 1_555 66.7  ? 
105 O6 ? A DG 22 ? A DG 22 ? 1_555 K ? E K . ? A K 104 ? 1_555 O6 ? A DG 25 ? A DG 25 ? 1_555 66.7  ? 
106 O6 ? A DG 16 ? A DG 16 ? 1_555 K ? E K . ? A K 104 ? 1_555 O6 ? A DG 25 ? A DG 25 ? 1_555 73.3  ? 
107 O6 ? A DG 16 ? A DG 16 ? 1_555 K ? E K . ? A K 104 ? 1_555 O6 ? A DG 25 ? A DG 25 ? 1_555 73.3  ? 
108 O6 ? A DG 19 ? A DG 19 ? 1_555 K ? E K . ? A K 104 ? 1_555 O6 ? A DG 25 ? A DG 25 ? 1_555 116.6 ? 
109 O6 ? A DG 19 ? A DG 19 ? 1_555 K ? E K . ? A K 104 ? 1_555 O6 ? A DG 25 ? A DG 25 ? 1_555 116.6 ? 
110 O6 ? A DG 22 ? A DG 22 ? 1_555 K ? E K . ? A K 104 ? 1_555 O6 ? A DG 25 ? A DG 25 ? 1_555 66.7  ? 
111 O6 ? A DG 22 ? A DG 22 ? 1_555 K ? E K . ? A K 104 ? 1_555 O6 ? A DG 25 ? A DG 25 ? 1_555 66.7  ? 
112 O6 ? A DG 25 ? A DG 25 ? 1_555 K ? E K . ? A K 104 ? 1_555 O6 ? A DG 25 ? A DG 25 ? 1_555 0.0   ? 
# 
_pdbx_entry_details.entry_id                   9C46 
_pdbx_entry_details.nonpolymer_details         ? 
_pdbx_entry_details.sequence_details           ? 
_pdbx_entry_details.compound_details           ? 
_pdbx_entry_details.source_details             ? 
_pdbx_entry_details.has_ligand_of_interest     N 
_pdbx_entry_details.has_protein_modification   N 
# 
_pdbx_struct_special_symmetry.id              1 
_pdbx_struct_special_symmetry.PDB_model_num   1 
_pdbx_struct_special_symmetry.auth_asym_id    A 
_pdbx_struct_special_symmetry.auth_comp_id    K 
_pdbx_struct_special_symmetry.auth_seq_id     104 
_pdbx_struct_special_symmetry.PDB_ins_code    ? 
_pdbx_struct_special_symmetry.label_asym_id   E 
_pdbx_struct_special_symmetry.label_comp_id   K 
_pdbx_struct_special_symmetry.label_seq_id    . 
# 
loop_
_space_group_symop.id 
_space_group_symop.operation_xyz 
1 x,y,z           
2 -x,y,-z         
3 x+1/2,y+1/2,z   
4 -x+1/2,y+1/2,-z 
# 
_pdbx_refine_tls.id               1 
_pdbx_refine_tls.pdbx_refine_id   'X-RAY DIFFRACTION' 
_pdbx_refine_tls.details          ? 
_pdbx_refine_tls.method           refined 
_pdbx_refine_tls.origin_x         0.00681849071 
_pdbx_refine_tls.origin_y         -0.0581193307 
_pdbx_refine_tls.origin_z         0.082306029942 
_pdbx_refine_tls.T[1][1]          0.5865711921 
_pdbx_refine_tls.T[1][1]_esd      ? 
_pdbx_refine_tls.T[1][2]          -0.253011720102 
_pdbx_refine_tls.T[1][2]_esd      ? 
_pdbx_refine_tls.T[1][3]          -0.119131691326 
_pdbx_refine_tls.T[1][3]_esd      ? 
_pdbx_refine_tls.T[2][2]          0.634964691135 
_pdbx_refine_tls.T[2][2]_esd      ? 
_pdbx_refine_tls.T[2][3]          0.108991182394 
_pdbx_refine_tls.T[2][3]_esd      ? 
_pdbx_refine_tls.T[3][3]          0.247802567206 
_pdbx_refine_tls.T[3][3]_esd      ? 
_pdbx_refine_tls.L[1][1]          2.72976914366 
_pdbx_refine_tls.L[1][1]_esd      ? 
_pdbx_refine_tls.L[1][2]          2.98517255283 
_pdbx_refine_tls.L[1][2]_esd      ? 
_pdbx_refine_tls.L[1][3]          -2.251466698504 
_pdbx_refine_tls.L[1][3]_esd      ? 
_pdbx_refine_tls.L[2][2]          5.34756634836 
_pdbx_refine_tls.L[2][2]_esd      ? 
_pdbx_refine_tls.L[2][3]          -1.162429676123 
_pdbx_refine_tls.L[2][3]_esd      ? 
_pdbx_refine_tls.L[3][3]          2.71994458738 
_pdbx_refine_tls.L[3][3]_esd      ? 
_pdbx_refine_tls.S[1][1]          -0.460204465629 
_pdbx_refine_tls.S[1][1]_esd      ? 
_pdbx_refine_tls.S[1][2]          1.911044254330 
_pdbx_refine_tls.S[1][2]_esd      ? 
_pdbx_refine_tls.S[1][3]          0.361981556211 
_pdbx_refine_tls.S[1][3]_esd      ? 
_pdbx_refine_tls.S[2][1]          -1.670812957913 
_pdbx_refine_tls.S[2][1]_esd      ? 
_pdbx_refine_tls.S[2][2]          1.534180244507 
_pdbx_refine_tls.S[2][2]_esd      ? 
_pdbx_refine_tls.S[2][3]          1.050960993910 
_pdbx_refine_tls.S[2][3]_esd      ? 
_pdbx_refine_tls.S[3][1]          0.231907370335 
_pdbx_refine_tls.S[3][1]_esd      ? 
_pdbx_refine_tls.S[3][2]          -1.36795372886 
_pdbx_refine_tls.S[3][2]_esd      ? 
_pdbx_refine_tls.S[3][3]          -0.258372797166 
_pdbx_refine_tls.S[3][3]_esd      ? 
# 
_pdbx_refine_tls_group.id                  1 
_pdbx_refine_tls_group.pdbx_refine_id      'X-RAY DIFFRACTION' 
_pdbx_refine_tls_group.refine_tls_id       1 
_pdbx_refine_tls_group.beg_label_asym_id   A 
_pdbx_refine_tls_group.beg_label_seq_id    ? 
_pdbx_refine_tls_group.beg_auth_asym_id    A 
_pdbx_refine_tls_group.beg_auth_seq_id     1 
_pdbx_refine_tls_group.beg_PDB_ins_code    ? 
_pdbx_refine_tls_group.end_label_asym_id   H 
_pdbx_refine_tls_group.end_label_seq_id    ? 
_pdbx_refine_tls_group.end_auth_asym_id    E 
_pdbx_refine_tls_group.end_auth_seq_id     101 
_pdbx_refine_tls_group.end_PDB_ins_code    ? 
_pdbx_refine_tls_group.selection           ? 
_pdbx_refine_tls_group.selection_details   all 
# 
loop_
_chem_comp_atom.comp_id 
_chem_comp_atom.atom_id 
_chem_comp_atom.type_symbol 
_chem_comp_atom.pdbx_aromatic_flag 
_chem_comp_atom.pdbx_stereo_config 
_chem_comp_atom.pdbx_ordinal 
DA  OP3    O  N N 1   
DA  P      P  N N 2   
DA  OP1    O  N N 3   
DA  OP2    O  N N 4   
DA  "O5'"  O  N N 5   
DA  "C5'"  C  N N 6   
DA  "C4'"  C  N R 7   
DA  "O4'"  O  N N 8   
DA  "C3'"  C  N S 9   
DA  "O3'"  O  N N 10  
DA  "C2'"  C  N N 11  
DA  "C1'"  C  N R 12  
DA  N9     N  Y N 13  
DA  C8     C  Y N 14  
DA  N7     N  Y N 15  
DA  C5     C  Y N 16  
DA  C6     C  Y N 17  
DA  N6     N  N N 18  
DA  N1     N  Y N 19  
DA  C2     C  Y N 20  
DA  N3     N  Y N 21  
DA  C4     C  Y N 22  
DA  HOP3   H  N N 23  
DA  HOP2   H  N N 24  
DA  "H5'"  H  N N 25  
DA  "H5''" H  N N 26  
DA  "H4'"  H  N N 27  
DA  "H3'"  H  N N 28  
DA  "HO3'" H  N N 29  
DA  "H2'"  H  N N 30  
DA  "H2''" H  N N 31  
DA  "H1'"  H  N N 32  
DA  H8     H  N N 33  
DA  H61    H  N N 34  
DA  H62    H  N N 35  
DA  H2     H  N N 36  
DG  OP3    O  N N 37  
DG  P      P  N N 38  
DG  OP1    O  N N 39  
DG  OP2    O  N N 40  
DG  "O5'"  O  N N 41  
DG  "C5'"  C  N N 42  
DG  "C4'"  C  N R 43  
DG  "O4'"  O  N N 44  
DG  "C3'"  C  N S 45  
DG  "O3'"  O  N N 46  
DG  "C2'"  C  N N 47  
DG  "C1'"  C  N R 48  
DG  N9     N  Y N 49  
DG  C8     C  Y N 50  
DG  N7     N  Y N 51  
DG  C5     C  Y N 52  
DG  C6     C  N N 53  
DG  O6     O  N N 54  
DG  N1     N  N N 55  
DG  C2     C  N N 56  
DG  N2     N  N N 57  
DG  N3     N  N N 58  
DG  C4     C  Y N 59  
DG  HOP3   H  N N 60  
DG  HOP2   H  N N 61  
DG  "H5'"  H  N N 62  
DG  "H5''" H  N N 63  
DG  "H4'"  H  N N 64  
DG  "H3'"  H  N N 65  
DG  "HO3'" H  N N 66  
DG  "H2'"  H  N N 67  
DG  "H2''" H  N N 68  
DG  "H1'"  H  N N 69  
DG  H8     H  N N 70  
DG  H1     H  N N 71  
DG  H21    H  N N 72  
DG  H22    H  N N 73  
DT  OP3    O  N N 74  
DT  P      P  N N 75  
DT  OP1    O  N N 76  
DT  OP2    O  N N 77  
DT  "O5'"  O  N N 78  
DT  "C5'"  C  N N 79  
DT  "C4'"  C  N R 80  
DT  "O4'"  O  N N 81  
DT  "C3'"  C  N S 82  
DT  "O3'"  O  N N 83  
DT  "C2'"  C  N N 84  
DT  "C1'"  C  N R 85  
DT  N1     N  N N 86  
DT  C2     C  N N 87  
DT  O2     O  N N 88  
DT  N3     N  N N 89  
DT  C4     C  N N 90  
DT  O4     O  N N 91  
DT  C5     C  N N 92  
DT  C7     C  N N 93  
DT  C6     C  N N 94  
DT  HOP3   H  N N 95  
DT  HOP2   H  N N 96  
DT  "H5'"  H  N N 97  
DT  "H5''" H  N N 98  
DT  "H4'"  H  N N 99  
DT  "H3'"  H  N N 100 
DT  "HO3'" H  N N 101 
DT  "H2'"  H  N N 102 
DT  "H2''" H  N N 103 
DT  "H1'"  H  N N 104 
DT  H3     H  N N 105 
DT  H71    H  N N 106 
DT  H72    H  N N 107 
DT  H73    H  N N 108 
DT  H6     H  N N 109 
HOH O      O  N N 110 
HOH H1     H  N N 111 
HOH H2     H  N N 112 
K   K      K  N N 113 
MPD C1     C  N N 114 
MPD C2     C  N N 115 
MPD O2     O  N N 116 
MPD CM     C  N N 117 
MPD C3     C  N N 118 
MPD C4     C  N S 119 
MPD O4     O  N N 120 
MPD C5     C  N N 121 
MPD H11    H  N N 122 
MPD H12    H  N N 123 
MPD H13    H  N N 124 
MPD HO2    H  N N 125 
MPD HM1    H  N N 126 
MPD HM2    H  N N 127 
MPD HM3    H  N N 128 
MPD H31    H  N N 129 
MPD H32    H  N N 130 
MPD H4     H  N N 131 
MPD HO4    H  N N 132 
MPD H51    H  N N 133 
MPD H52    H  N N 134 
MPD H53    H  N N 135 
NA  NA     NA N N 136 
# 
loop_
_chem_comp_bond.comp_id 
_chem_comp_bond.atom_id_1 
_chem_comp_bond.atom_id_2 
_chem_comp_bond.value_order 
_chem_comp_bond.pdbx_aromatic_flag 
_chem_comp_bond.pdbx_stereo_config 
_chem_comp_bond.pdbx_ordinal 
DA  OP3   P      sing N N 1   
DA  OP3   HOP3   sing N N 2   
DA  P     OP1    doub N N 3   
DA  P     OP2    sing N N 4   
DA  P     "O5'"  sing N N 5   
DA  OP2   HOP2   sing N N 6   
DA  "O5'" "C5'"  sing N N 7   
DA  "C5'" "C4'"  sing N N 8   
DA  "C5'" "H5'"  sing N N 9   
DA  "C5'" "H5''" sing N N 10  
DA  "C4'" "O4'"  sing N N 11  
DA  "C4'" "C3'"  sing N N 12  
DA  "C4'" "H4'"  sing N N 13  
DA  "O4'" "C1'"  sing N N 14  
DA  "C3'" "O3'"  sing N N 15  
DA  "C3'" "C2'"  sing N N 16  
DA  "C3'" "H3'"  sing N N 17  
DA  "O3'" "HO3'" sing N N 18  
DA  "C2'" "C1'"  sing N N 19  
DA  "C2'" "H2'"  sing N N 20  
DA  "C2'" "H2''" sing N N 21  
DA  "C1'" N9     sing N N 22  
DA  "C1'" "H1'"  sing N N 23  
DA  N9    C8     sing Y N 24  
DA  N9    C4     sing Y N 25  
DA  C8    N7     doub Y N 26  
DA  C8    H8     sing N N 27  
DA  N7    C5     sing Y N 28  
DA  C5    C6     sing Y N 29  
DA  C5    C4     doub Y N 30  
DA  C6    N6     sing N N 31  
DA  C6    N1     doub Y N 32  
DA  N6    H61    sing N N 33  
DA  N6    H62    sing N N 34  
DA  N1    C2     sing Y N 35  
DA  C2    N3     doub Y N 36  
DA  C2    H2     sing N N 37  
DA  N3    C4     sing Y N 38  
DG  OP3   P      sing N N 39  
DG  OP3   HOP3   sing N N 40  
DG  P     OP1    doub N N 41  
DG  P     OP2    sing N N 42  
DG  P     "O5'"  sing N N 43  
DG  OP2   HOP2   sing N N 44  
DG  "O5'" "C5'"  sing N N 45  
DG  "C5'" "C4'"  sing N N 46  
DG  "C5'" "H5'"  sing N N 47  
DG  "C5'" "H5''" sing N N 48  
DG  "C4'" "O4'"  sing N N 49  
DG  "C4'" "C3'"  sing N N 50  
DG  "C4'" "H4'"  sing N N 51  
DG  "O4'" "C1'"  sing N N 52  
DG  "C3'" "O3'"  sing N N 53  
DG  "C3'" "C2'"  sing N N 54  
DG  "C3'" "H3'"  sing N N 55  
DG  "O3'" "HO3'" sing N N 56  
DG  "C2'" "C1'"  sing N N 57  
DG  "C2'" "H2'"  sing N N 58  
DG  "C2'" "H2''" sing N N 59  
DG  "C1'" N9     sing N N 60  
DG  "C1'" "H1'"  sing N N 61  
DG  N9    C8     sing Y N 62  
DG  N9    C4     sing Y N 63  
DG  C8    N7     doub Y N 64  
DG  C8    H8     sing N N 65  
DG  N7    C5     sing Y N 66  
DG  C5    C6     sing N N 67  
DG  C5    C4     doub Y N 68  
DG  C6    O6     doub N N 69  
DG  C6    N1     sing N N 70  
DG  N1    C2     sing N N 71  
DG  N1    H1     sing N N 72  
DG  C2    N2     sing N N 73  
DG  C2    N3     doub N N 74  
DG  N2    H21    sing N N 75  
DG  N2    H22    sing N N 76  
DG  N3    C4     sing N N 77  
DT  OP3   P      sing N N 78  
DT  OP3   HOP3   sing N N 79  
DT  P     OP1    doub N N 80  
DT  P     OP2    sing N N 81  
DT  P     "O5'"  sing N N 82  
DT  OP2   HOP2   sing N N 83  
DT  "O5'" "C5'"  sing N N 84  
DT  "C5'" "C4'"  sing N N 85  
DT  "C5'" "H5'"  sing N N 86  
DT  "C5'" "H5''" sing N N 87  
DT  "C4'" "O4'"  sing N N 88  
DT  "C4'" "C3'"  sing N N 89  
DT  "C4'" "H4'"  sing N N 90  
DT  "O4'" "C1'"  sing N N 91  
DT  "C3'" "O3'"  sing N N 92  
DT  "C3'" "C2'"  sing N N 93  
DT  "C3'" "H3'"  sing N N 94  
DT  "O3'" "HO3'" sing N N 95  
DT  "C2'" "C1'"  sing N N 96  
DT  "C2'" "H2'"  sing N N 97  
DT  "C2'" "H2''" sing N N 98  
DT  "C1'" N1     sing N N 99  
DT  "C1'" "H1'"  sing N N 100 
DT  N1    C2     sing N N 101 
DT  N1    C6     sing N N 102 
DT  C2    O2     doub N N 103 
DT  C2    N3     sing N N 104 
DT  N3    C4     sing N N 105 
DT  N3    H3     sing N N 106 
DT  C4    O4     doub N N 107 
DT  C4    C5     sing N N 108 
DT  C5    C7     sing N N 109 
DT  C5    C6     doub N N 110 
DT  C7    H71    sing N N 111 
DT  C7    H72    sing N N 112 
DT  C7    H73    sing N N 113 
DT  C6    H6     sing N N 114 
HOH O     H1     sing N N 115 
HOH O     H2     sing N N 116 
MPD C1    C2     sing N N 117 
MPD C1    H11    sing N N 118 
MPD C1    H12    sing N N 119 
MPD C1    H13    sing N N 120 
MPD C2    O2     sing N N 121 
MPD C2    CM     sing N N 122 
MPD C2    C3     sing N N 123 
MPD O2    HO2    sing N N 124 
MPD CM    HM1    sing N N 125 
MPD CM    HM2    sing N N 126 
MPD CM    HM3    sing N N 127 
MPD C3    C4     sing N N 128 
MPD C3    H31    sing N N 129 
MPD C3    H32    sing N N 130 
MPD C4    O4     sing N N 131 
MPD C4    C5     sing N N 132 
MPD C4    H4     sing N N 133 
MPD O4    HO4    sing N N 134 
MPD C5    H51    sing N N 135 
MPD C5    H52    sing N N 136 
MPD C5    H53    sing N N 137 
# 
loop_
_ndb_struct_conf_na.entry_id 
_ndb_struct_conf_na.feature 
9C46 'double helix'    
9C46 'triple helix'    
9C46 'quadruple helix' 
# 
loop_
_ndb_struct_na_base_pair.model_number 
_ndb_struct_na_base_pair.i_label_asym_id 
_ndb_struct_na_base_pair.i_label_comp_id 
_ndb_struct_na_base_pair.i_label_seq_id 
_ndb_struct_na_base_pair.i_symmetry 
_ndb_struct_na_base_pair.j_label_asym_id 
_ndb_struct_na_base_pair.j_label_comp_id 
_ndb_struct_na_base_pair.j_label_seq_id 
_ndb_struct_na_base_pair.j_symmetry 
_ndb_struct_na_base_pair.shear 
_ndb_struct_na_base_pair.stretch 
_ndb_struct_na_base_pair.stagger 
_ndb_struct_na_base_pair.buckle 
_ndb_struct_na_base_pair.propeller 
_ndb_struct_na_base_pair.opening 
_ndb_struct_na_base_pair.pair_number 
_ndb_struct_na_base_pair.pair_name 
_ndb_struct_na_base_pair.i_auth_asym_id 
_ndb_struct_na_base_pair.i_auth_seq_id 
_ndb_struct_na_base_pair.i_PDB_ins_code 
_ndb_struct_na_base_pair.j_auth_asym_id 
_ndb_struct_na_base_pair.j_auth_seq_id 
_ndb_struct_na_base_pair.j_PDB_ins_code 
_ndb_struct_na_base_pair.hbond_type_28 
_ndb_struct_na_base_pair.hbond_type_12 
1 A DG 3  1_555 A DG 6  1_555 -1.581 3.126  -0.015 4.824  3.514  90.761  1 A_DG3:DG6_A   A 3  ? A 6  ? 6 3 
1 A DG 12 1_555 A DG 9  1_555 1.907  -3.247 0.147  -8.219 -5.894 -89.179 2 A_DG12:DG9_A  A 12 ? A 9  ? 6 3 
1 A DG 1  1_555 A DG 4  1_555 -1.594 3.384  0.000  6.227  5.402  91.738  3 A_DG1:DG4_A   A 1  ? A 4  ? 6 3 
1 A DG 7  1_555 A DG 10 1_555 1.211  3.600  0.269  -3.776 -3.872 -92.833 4 A_DG7:DG10_A  A 7  ? A 10 ? 6 3 
1 A DG 21 1_555 A DG 24 1_555 1.600  3.285  0.113  -0.394 1.829  -87.472 5 A_DG21:DG24_A A 21 ? A 24 ? 6 3 
1 A DG 22 1_555 A DG 25 1_555 1.274  3.462  -0.214 -3.301 5.007  -94.677 6 A_DG22:DG25_A A 22 ? A 25 ? 6 3 
1 A DG 19 1_555 A DG 16 1_555 -1.435 -3.117 0.200  4.516  -4.768 90.431  7 A_DG19:DG16_A A 19 ? A 16 ? 6 3 
# 
loop_
_ndb_struct_na_base_pair_step.model_number 
_ndb_struct_na_base_pair_step.i_label_asym_id_1 
_ndb_struct_na_base_pair_step.i_label_comp_id_1 
_ndb_struct_na_base_pair_step.i_label_seq_id_1 
_ndb_struct_na_base_pair_step.i_symmetry_1 
_ndb_struct_na_base_pair_step.j_label_asym_id_1 
_ndb_struct_na_base_pair_step.j_label_comp_id_1 
_ndb_struct_na_base_pair_step.j_label_seq_id_1 
_ndb_struct_na_base_pair_step.j_symmetry_1 
_ndb_struct_na_base_pair_step.i_label_asym_id_2 
_ndb_struct_na_base_pair_step.i_label_comp_id_2 
_ndb_struct_na_base_pair_step.i_label_seq_id_2 
_ndb_struct_na_base_pair_step.i_symmetry_2 
_ndb_struct_na_base_pair_step.j_label_asym_id_2 
_ndb_struct_na_base_pair_step.j_label_comp_id_2 
_ndb_struct_na_base_pair_step.j_label_seq_id_2 
_ndb_struct_na_base_pair_step.j_symmetry_2 
_ndb_struct_na_base_pair_step.shift 
_ndb_struct_na_base_pair_step.slide 
_ndb_struct_na_base_pair_step.rise 
_ndb_struct_na_base_pair_step.tilt 
_ndb_struct_na_base_pair_step.roll 
_ndb_struct_na_base_pair_step.twist 
_ndb_struct_na_base_pair_step.x_displacement 
_ndb_struct_na_base_pair_step.y_displacement 
_ndb_struct_na_base_pair_step.helical_rise 
_ndb_struct_na_base_pair_step.inclination 
_ndb_struct_na_base_pair_step.tip 
_ndb_struct_na_base_pair_step.helical_twist 
_ndb_struct_na_base_pair_step.step_number 
_ndb_struct_na_base_pair_step.step_name 
_ndb_struct_na_base_pair_step.i_auth_asym_id_1 
_ndb_struct_na_base_pair_step.i_auth_seq_id_1 
_ndb_struct_na_base_pair_step.i_PDB_ins_code_1 
_ndb_struct_na_base_pair_step.j_auth_asym_id_1 
_ndb_struct_na_base_pair_step.j_auth_seq_id_1 
_ndb_struct_na_base_pair_step.j_PDB_ins_code_1 
_ndb_struct_na_base_pair_step.i_auth_asym_id_2 
_ndb_struct_na_base_pair_step.i_auth_seq_id_2 
_ndb_struct_na_base_pair_step.i_PDB_ins_code_2 
_ndb_struct_na_base_pair_step.j_auth_asym_id_2 
_ndb_struct_na_base_pair_step.j_auth_seq_id_2 
_ndb_struct_na_base_pair_step.j_PDB_ins_code_2 
1 A DG 3  1_555 A DG 6  1_555 A DG 12 1_555 A DG 9  1_555 -1.678 3.248  0.132 9.452  7.490  179.094  1.624  0.839 0.132 3.745  
-4.726 179.099  1 AA_DG3DG12:DG9DG6_AA    A 3  ? A 6  ? A 12 ? A 9  ? 
1 A DG 12 1_555 A DG 9  1_555 A DG 1  1_555 A DG 4  1_555 1.619  -2.703 3.509 -6.044 -2.019 -113.457 1.640  0.895 3.532 1.207  
-3.613 -113.573 2 AA_DG12DG1:DG4DG9_AA    A 12 ? A 9  ? A 1  ? A 4  ? 
1 A DG 21 1_555 A DG 24 1_555 A DG 22 1_555 A DG 25 1_555 -0.509 -0.952 3.334 0.727  -4.191 35.415   -0.927 0.939 3.410 -6.859 
-1.190 35.662   3 AA_DG21DG22:DG25DG24_AA A 21 ? A 24 ? A 22 ? A 25 ? 
1 A DG 22 1_555 A DG 25 1_555 A DG 19 1_555 A DG 16 1_555 1.667  3.554  0.105 -7.377 -0.242 -178.411 -1.777 0.833 0.106 0.121  
-3.689 -178.415 4 AA_DG22DG19:DG16DG25_AA A 22 ? A 25 ? A 19 ? A 16 ? 
# 
_pdbx_audit_support.funding_organization   'National Institutes of Health/National Cancer Institute (NIH/NCI)' 
_pdbx_audit_support.country                'United States' 
_pdbx_audit_support.grant_number           1R15CA253134 
_pdbx_audit_support.ordinal                1 
# 
_pdbx_initial_refinement_model.id               1 
_pdbx_initial_refinement_model.entity_id_list   ? 
_pdbx_initial_refinement_model.type             'experimental model' 
_pdbx_initial_refinement_model.source_name      PDB 
_pdbx_initial_refinement_model.accession_code   8TAA 
_pdbx_initial_refinement_model.details          'Sane structure in the presence of ligand' 
# 
_space_group.name_H-M_alt     'C 1 2 1' 
_space_group.name_Hall        'C 2y' 
_space_group.IT_number        5 
_space_group.crystal_system   monoclinic 
_space_group.id               1 
# 
_atom_sites.entry_id                    9C46 
_atom_sites.Cartn_transf_matrix[1][1]   ? 
_atom_sites.Cartn_transf_matrix[1][2]   ? 
_atom_sites.Cartn_transf_matrix[1][3]   ? 
_atom_sites.Cartn_transf_matrix[2][1]   ? 
_atom_sites.Cartn_transf_matrix[2][2]   ? 
_atom_sites.Cartn_transf_matrix[2][3]   ? 
_atom_sites.Cartn_transf_matrix[3][1]   ? 
_atom_sites.Cartn_transf_matrix[3][2]   ? 
_atom_sites.Cartn_transf_matrix[3][3]   ? 
_atom_sites.Cartn_transf_vector[1]      ? 
_atom_sites.Cartn_transf_vector[2]      ? 
_atom_sites.Cartn_transf_vector[3]      ? 
_atom_sites.Cartn_transform_axes        ? 
_atom_sites.fract_transf_matrix[1][1]   0.00881248 
_atom_sites.fract_transf_matrix[1][2]   0.00556091 
_atom_sites.fract_transf_matrix[1][3]   0.01226146 
_atom_sites.fract_transf_matrix[2][1]   0.02153505 
_atom_sites.fract_transf_matrix[2][2]   -0.02276067 
_atom_sites.fract_transf_matrix[2][3]   -0.00515494 
_atom_sites.fract_transf_matrix[3][1]   0.01999201 
_atom_sites.fract_transf_matrix[3][2]   0.02202542 
_atom_sites.fract_transf_matrix[3][3]   -0.01373132 
_atom_sites.fract_transf_vector[1]      -0.113261 
_atom_sites.fract_transf_vector[2]      -0.478624 
_atom_sites.fract_transf_vector[3]      0.022317 
_atom_sites.solution_primary            ? 
_atom_sites.solution_secondary          ? 
_atom_sites.solution_hydrogens          ? 
_atom_sites.special_details             ? 
# 
loop_
_atom_type.symbol 
_atom_type.scat_dispersion_real 
_atom_type.scat_dispersion_imag 
_atom_type.scat_Cromer_Mann_a1 
_atom_type.scat_Cromer_Mann_a2 
_atom_type.scat_Cromer_Mann_a3 
_atom_type.scat_Cromer_Mann_a4 
_atom_type.scat_Cromer_Mann_b1 
_atom_type.scat_Cromer_Mann_b2 
_atom_type.scat_Cromer_Mann_b3 
_atom_type.scat_Cromer_Mann_b4 
_atom_type.scat_Cromer_Mann_c 
_atom_type.scat_source 
_atom_type.scat_dispersion_source 
C  ? ? 3.54356  2.42580 ? ? 25.62398 1.50364  ? ? 0.0 
;2-Gaussian fit: Grosse-Kunstleve RW, Sauter NK, Adams PD: Newsletter of the IUCr Commission on Crystallographic Computing 2004, 3, 22-31.
;
? 
K  ? ? 16.37977 2.54835 ? ? 4.54127  84.28225 ? ? 0.0 
;2-Gaussian fit: Grosse-Kunstleve RW, Sauter NK, Adams PD: Newsletter of the IUCr Commission on Crystallographic Computing 2004, 3, 22-31.
;
? 
N  ? ? 4.01032  2.96436 ? ? 19.97189 1.75589  ? ? 0.0 
;2-Gaussian fit: Grosse-Kunstleve RW, Sauter NK, Adams PD: Newsletter of the IUCr Commission on Crystallographic Computing 2004, 3, 22-31.
;
? 
NA ? ? 9.38062  1.54875 ? ? 3.38349  72.32734 ? ? 0.0 
;2-Gaussian fit: Grosse-Kunstleve RW, Sauter NK, Adams PD: Newsletter of the IUCr Commission on Crystallographic Computing 2004, 3, 22-31.
;
? 
O  ? ? 4.49882  3.47563 ? ? 15.80542 1.70748  ? ? 0.0 
;2-Gaussian fit: Grosse-Kunstleve RW, Sauter NK, Adams PD: Newsletter of the IUCr Commission on Crystallographic Computing 2004, 3, 22-31.
;
? 
P  ? ? 9.51135  5.44231 ? ? 1.42069  35.72801 ? ? 0.0 
;2-Gaussian fit: Grosse-Kunstleve RW, Sauter NK, Adams PD: Newsletter of the IUCr Commission on Crystallographic Computing 2004, 3, 22-31.
;
? 
# 
loop_
_atom_site.group_PDB 
_atom_site.id 
_atom_site.type_symbol 
_atom_site.label_atom_id 
_atom_site.label_alt_id 
_atom_site.label_comp_id 
_atom_site.label_asym_id 
_atom_site.label_entity_id 
_atom_site.label_seq_id 
_atom_site.pdbx_PDB_ins_code 
_atom_site.Cartn_x 
_atom_site.Cartn_y 
_atom_site.Cartn_z 
_atom_site.occupancy 
_atom_site.B_iso_or_equiv 
_atom_site.pdbx_formal_charge 
_atom_site.auth_seq_id 
_atom_site.auth_comp_id 
_atom_site.auth_asym_id 
_atom_site.auth_atom_id 
_atom_site.pdbx_PDB_model_num 
ATOM   1   O  "O5'" . DG  A 1 1  ? 2.43108   9.87473   -4.96869 1.000 93.66925  ? 1   DG  A "O5'" 1 
ATOM   2   C  "C5'" . DG  A 1 1  ? 2.22041   9.09029   -3.79847 1.000 67.03836  ? 1   DG  A "C5'" 1 
ATOM   3   C  "C4'" . DG  A 1 1  ? 3.32955   8.07388   -3.63251 1.000 51.50472  ? 1   DG  A "C4'" 1 
ATOM   4   O  "O4'" . DG  A 1 1  ? 2.89958   7.03610   -2.70940 1.000 47.23793  ? 1   DG  A "O4'" 1 
ATOM   5   C  "C3'" . DG  A 1 1  ? 3.73308   7.34870   -4.91922 1.000 54.92190  ? 1   DG  A "C3'" 1 
ATOM   6   O  "O3'" . DG  A 1 1  ? 5.14377   7.16210   -4.94452 1.000 54.44735  ? 1   DG  A "O3'" 1 
ATOM   7   C  "C2'" . DG  A 1 1  ? 2.99243   6.01765   -4.80123 1.000 54.81321  ? 1   DG  A "C2'" 1 
ATOM   8   C  "C1'" . DG  A 1 1  ? 3.09880   5.77773   -3.30727 1.000 44.89129  ? 1   DG  A "C1'" 1 
ATOM   9   N  N9    . DG  A 1 1  ? 2.12372   4.83055   -2.76798 1.000 44.81797  ? 1   DG  A N9    1 
ATOM   10  C  C8    . DG  A 1 1  ? 0.87521   5.10955   -2.25847 1.000 47.97879  ? 1   DG  A C8    1 
ATOM   11  N  N7    . DG  A 1 1  ? 0.23795   4.04969   -1.83373 1.000 45.72414  ? 1   DG  A N7    1 
ATOM   12  C  C5    . DG  A 1 1  ? 1.12231   3.00538   -2.07379 1.000 44.81888  ? 1   DG  A C5    1 
ATOM   13  C  C6    . DG  A 1 1  ? 0.99026   1.61943   -1.82179 1.000 47.68629  ? 1   DG  A C6    1 
ATOM   14  O  O6    . DG  A 1 1  ? 0.03093   1.01442   -1.32097 1.000 44.10612  ? 1   DG  A O6    1 
ATOM   15  N  N1    . DG  A 1 1  ? 2.12617   0.91605   -2.21655 1.000 53.75026  ? 1   DG  A N1    1 
ATOM   16  C  C2    . DG  A 1 1  ? 3.24457   1.48087   -2.78274 1.000 46.17660  ? 1   DG  A C2    1 
ATOM   17  N  N2    . DG  A 1 1  ? 4.24076   0.64192   -3.09954 1.000 49.29509  ? 1   DG  A N2    1 
ATOM   18  N  N3    . DG  A 1 1  ? 3.37889   2.77300   -3.02408 1.000 42.44979  ? 1   DG  A N3    1 
ATOM   19  C  C4    . DG  A 1 1  ? 2.28564   3.47208   -2.64620 1.000 43.95119  ? 1   DG  A C4    1 
ATOM   20  P  P     . DT  A 1 2  ? 5.92008   7.02288   -6.34557 1.000 59.61882  ? 2   DT  A P     1 
ATOM   21  O  OP1   . DT  A 1 2  ? 7.36248   6.82231   -6.07587 1.000 61.28929  ? 2   DT  A OP1   1 
ATOM   22  O  OP2   . DT  A 1 2  ? 5.47912   8.14274   -7.20548 1.000 55.08517  ? 2   DT  A OP2   1 
ATOM   23  O  "O5'" . DT  A 1 2  ? 5.37701   5.64882   -6.94129 1.000 53.43893  ? 2   DT  A "O5'" 1 
ATOM   24  C  "C5'" . DT  A 1 2  ? 6.12307   4.97413   -7.93373 1.000 69.18629  ? 2   DT  A "C5'" 1 
ATOM   25  C  "C4'" . DT  A 1 2  ? 6.03065   3.47230   -7.74368 1.000 70.77857  ? 2   DT  A "C4'" 1 
ATOM   26  O  "O4'" . DT  A 1 2  ? 4.67358   3.10906   -7.39260 1.000 67.46154  ? 2   DT  A "O4'" 1 
ATOM   27  C  "C3'" . DT  A 1 2  ? 6.34908   2.65988   -8.98173 1.000 59.61397  ? 2   DT  A "C3'" 1 
ATOM   28  O  "O3'" . DT  A 1 2  ? 6.79810   1.37003   -8.60628 1.000 71.05683  ? 2   DT  A "O3'" 1 
ATOM   29  C  "C2'" . DT  A 1 2  ? 5.00071   2.60988   -9.69240 1.000 65.28317  ? 2   DT  A "C2'" 1 
ATOM   30  C  "C1'" . DT  A 1 2  ? 4.01119   2.57028   -8.52349 1.000 72.48493  ? 2   DT  A "C1'" 1 
ATOM   31  N  N1    . DT  A 1 2  ? 2.76974   3.36727   -8.77185 1.000 69.97282  ? 2   DT  A N1    1 
ATOM   32  C  C2    . DT  A 1 2  ? 1.60896   2.71569   -9.12202 1.000 74.42218  ? 2   DT  A C2    1 
ATOM   33  O  O2    . DT  A 1 2  ? 1.52900   1.50501   -9.23559 1.000 71.11943  ? 2   DT  A O2    1 
ATOM   34  N  N3    . DT  A 1 2  ? 0.53333   3.53884   -9.33076 1.000 78.63728  ? 2   DT  A N3    1 
ATOM   35  C  C4    . DT  A 1 2  ? 0.50454   4.91893   -9.23086 1.000 77.95656  ? 2   DT  A C4    1 
ATOM   36  O  O4    . DT  A 1 2  ? -0.51258  5.57219   -9.43942 1.000 90.53323  ? 2   DT  A O4    1 
ATOM   37  C  C5    . DT  A 1 2  ? 1.75582   5.53744   -8.86391 1.000 75.91227  ? 2   DT  A C5    1 
ATOM   38  C  C7    . DT  A 1 2  ? 1.84907   7.02821   -8.72431 1.000 72.24625  ? 2   DT  A C7    1 
ATOM   39  C  C6    . DT  A 1 2  ? 2.81338   4.74117   -8.65619 1.000 65.91257  ? 2   DT  A C6    1 
ATOM   40  P  P     . DG  A 1 3  ? 8.37179   1.04711   -8.57377 1.000 87.67242  ? 3   DG  A P     1 
ATOM   41  O  OP1   . DG  A 1 3  ? 9.10077   2.33303   -8.66233 1.000 85.59188  ? 3   DG  A OP1   1 
ATOM   42  O  OP2   . DG  A 1 3  ? 8.63927   -0.01781  -9.56604 1.000 87.61572  ? 3   DG  A OP2   1 
ATOM   43  O  "O5'" . DG  A 1 3  ? 8.60459   0.44338   -7.11541 1.000 73.07033  ? 3   DG  A "O5'" 1 
ATOM   44  C  "C5'" . DG  A 1 3  ? 7.50607   -0.05167  -6.37008 1.000 60.13292  ? 3   DG  A "C5'" 1 
ATOM   45  C  "C4'" . DG  A 1 3  ? 7.57623   -1.55993  -6.25639 1.000 61.66132  ? 3   DG  A "C4'" 1 
ATOM   46  O  "O4'" . DG  A 1 3  ? 6.41878   -2.03558  -5.53220 1.000 65.24092  ? 3   DG  A "O4'" 1 
ATOM   47  C  "C3'" . DG  A 1 3  ? 7.51720   -2.29152  -7.58173 1.000 62.24516  ? 3   DG  A "C3'" 1 
ATOM   48  O  "O3'" . DG  A 1 3  ? 7.98920   -3.64424  -7.44425 1.000 68.51870  ? 3   DG  A "O3'" 1 
ATOM   49  C  "C2'" . DG  A 1 3  ? 6.01884   -2.26758  -7.84290 1.000 66.63196  ? 3   DG  A "C2'" 1 
ATOM   50  C  "C1'" . DG  A 1 3  ? 5.48958   -2.59160  -6.44696 1.000 59.53464  ? 3   DG  A "C1'" 1 
ATOM   51  N  N9    . DG  A 1 3  ? 4.17420   -2.03118  -6.16195 1.000 53.22460  ? 3   DG  A N9    1 
ATOM   52  C  C8    . DG  A 1 3  ? 3.74855   -0.74817  -6.40387 1.000 59.32566  ? 3   DG  A C8    1 
ATOM   53  N  N7    . DG  A 1 3  ? 2.51649   -0.53174  -6.03165 1.000 56.76958  ? 3   DG  A N7    1 
ATOM   54  C  C5    . DG  A 1 3  ? 2.10220   -1.74779  -5.50388 1.000 54.54773  ? 3   DG  A C5    1 
ATOM   55  C  C6    . DG  A 1 3  ? 0.85676   -2.12417  -4.94266 1.000 56.45805  ? 3   DG  A C6    1 
ATOM   56  O  O6    . DG  A 1 3  ? -0.16010  -1.43189  -4.79259 1.000 56.68637  ? 3   DG  A O6    1 
ATOM   57  N  N1    . DG  A 1 3  ? 0.85912   -3.45387  -4.53120 1.000 53.77092  ? 3   DG  A N1    1 
ATOM   58  C  C2    . DG  A 1 3  ? 1.92735   -4.31107  -4.64509 1.000 52.36566  ? 3   DG  A C2    1 
ATOM   59  N  N2    . DG  A 1 3  ? 1.74052   -5.55644  -4.18876 1.000 55.80590  ? 3   DG  A N2    1 
ATOM   60  N  N3    . DG  A 1 3  ? 3.09860   -3.97220  -5.16624 1.000 53.30779  ? 3   DG  A N3    1 
ATOM   61  C  C4    . DG  A 1 3  ? 3.11287   -2.67956  -5.57548 1.000 53.10260  ? 3   DG  A C4    1 
ATOM   62  P  P     . DG  A 1 4  ? 9.26014   -4.02206  -6.52855 1.000 82.23103  ? 4   DG  A P     1 
ATOM   63  O  OP1   . DG  A 1 4  ? 10.26155  -2.92916  -6.56498 1.000 69.30692  ? 4   DG  A OP1   1 
ATOM   64  O  OP2   . DG  A 1 4  ? 9.66905   -5.38006  -6.95090 1.000 85.73897  ? 4   DG  A OP2   1 
ATOM   65  O  "O5'" . DG  A 1 4  ? 8.64403   -4.16870  -5.05773 1.000 72.95741  ? 4   DG  A "O5'" 1 
ATOM   66  C  "C5'" . DG  A 1 4  ? 9.42226   -4.72086  -4.00997 1.000 71.72454  ? 4   DG  A "C5'" 1 
ATOM   67  C  "C4'" . DG  A 1 4  ? 8.57143   -5.60502  -3.11156 1.000 69.59034  ? 4   DG  A "C4'" 1 
ATOM   68  O  "O4'" . DG  A 1 4  ? 7.60758   -4.79751  -2.37911 1.000 68.04018  ? 4   DG  A "O4'" 1 
ATOM   69  C  "C3'" . DG  A 1 4  ? 7.75856   -6.67561  -3.83545 1.000 63.92660  ? 4   DG  A "C3'" 1 
ATOM   70  O  "O3'" . DG  A 1 4  ? 7.80858   -7.88465  -3.08861 1.000 72.69893  ? 4   DG  A "O3'" 1 
ATOM   71  C  "C2'" . DG  A 1 4  ? 6.34786   -6.08042  -3.86011 1.000 51.48232  ? 4   DG  A "C2'" 1 
ATOM   72  C  "C1'" . DG  A 1 4  ? 6.31873   -5.35540  -2.52714 1.000 50.83835  ? 4   DG  A "C1'" 1 
ATOM   73  N  N9    . DG  A 1 4  ? 5.32721   -4.27687  -2.44069 1.000 52.59600  ? 4   DG  A N9    1 
ATOM   74  C  C8    . DG  A 1 4  ? 5.47076   -2.98357  -2.88659 1.000 48.20685  ? 4   DG  A C8    1 
ATOM   75  N  N7    . DG  A 1 4  ? 4.42513   -2.23335  -2.66305 1.000 46.64173  ? 4   DG  A N7    1 
ATOM   76  C  C5    . DG  A 1 4  ? 3.53068   -3.07739  -2.01742 1.000 48.48610  ? 4   DG  A C5    1 
ATOM   77  C  C6    . DG  A 1 4  ? 2.22352   -2.82189  -1.53062 1.000 47.84881  ? 4   DG  A C6    1 
ATOM   78  O  O6    . DG  A 1 4  ? 1.57817   -1.76353  -1.57386 1.000 48.96545  ? 4   DG  A O6    1 
ATOM   79  N  N1    . DG  A 1 4  ? 1.66237   -3.95201  -0.94360 1.000 43.46857  ? 4   DG  A N1    1 
ATOM   80  C  C2    . DG  A 1 4  ? 2.28234   -5.17464  -0.83994 1.000 47.54347  ? 4   DG  A C2    1 
ATOM   81  N  N2    . DG  A 1 4  ? 1.57677   -6.14566  -0.23979 1.000 55.01544  ? 4   DG  A N2    1 
ATOM   82  N  N3    . DG  A 1 4  ? 3.50742   -5.42992  -1.29052 1.000 40.13535  ? 4   DG  A N3    1 
ATOM   83  C  C4    . DG  A 1 4  ? 4.06942   -4.33981  -1.86906 1.000 49.22207  ? 4   DG  A C4    1 
ATOM   84  P  P     . DT  A 1 5  ? 7.35426   -9.27243  -3.75446 1.000 73.68894  ? 5   DT  A P     1 
ATOM   85  O  OP1   . DT  A 1 5  ? 7.80067   -10.35520 -2.85067 1.000 77.37518  ? 5   DT  A OP1   1 
ATOM   86  O  OP2   . DT  A 1 5  ? 7.76764   -9.27192  -5.17575 1.000 59.44714  ? 5   DT  A OP2   1 
ATOM   87  O  "O5'" . DT  A 1 5  ? 5.76232   -9.19559  -3.71880 1.000 71.35413  ? 5   DT  A "O5'" 1 
ATOM   88  C  "C5'" . DT  A 1 5  ? 4.99494   -10.15260 -4.40646 1.000 77.67493  ? 5   DT  A "C5'" 1 
ATOM   89  C  "C4'" . DT  A 1 5  ? 3.53455   -10.02693 -4.02891 1.000 78.92252  ? 5   DT  A "C4'" 1 
ATOM   90  O  "O4'" . DT  A 1 5  ? 3.04769   -8.71144  -4.39586 1.000 73.50558  ? 5   DT  A "O4'" 1 
ATOM   91  C  "C3'" . DT  A 1 5  ? 2.61376   -10.99826 -4.73797 1.000 70.32924  ? 5   DT  A "C3'" 1 
ATOM   92  O  "O3'" . DT  A 1 5  ? 1.43722   -11.18382 -3.96801 1.000 67.13462  ? 5   DT  A "O3'" 1 
ATOM   93  C  "C2'" . DT  A 1 5  ? 2.32051   -10.24960 -6.03436 1.000 76.68105  ? 5   DT  A "C2'" 1 
ATOM   94  C  "C1'" . DT  A 1 5  ? 2.19467   -8.81540  -5.52544 1.000 76.79569  ? 5   DT  A "C1'" 1 
ATOM   95  N  N1    . DT  A 1 5  ? 2.60602   -7.77844  -6.51708 1.000 70.32038  ? 5   DT  A N1    1 
ATOM   96  C  C2    . DT  A 1 5  ? 1.63887   -7.07310  -7.19949 1.000 70.94842  ? 5   DT  A C2    1 
ATOM   97  O  O2    . DT  A 1 5  ? 0.44219   -7.26214  -7.05252 1.000 66.89381  ? 5   DT  A O2    1 
ATOM   98  N  N3    . DT  A 1 5  ? 2.12539   -6.13375  -8.07132 1.000 67.19242  ? 5   DT  A N3    1 
ATOM   99  C  C4    . DT  A 1 5  ? 3.45176   -5.83770  -8.32390 1.000 65.60351  ? 5   DT  A C4    1 
ATOM   100 O  O4    . DT  A 1 5  ? 3.79038   -4.97577  -9.13025 1.000 76.34563  ? 5   DT  A O4    1 
ATOM   101 C  C5    . DT  A 1 5  ? 4.41242   -6.61109  -7.57078 1.000 64.47116  ? 5   DT  A C5    1 
ATOM   102 C  C7    . DT  A 1 5  ? 5.88267   -6.37735  -7.75579 1.000 68.59889  ? 5   DT  A C7    1 
ATOM   103 C  C6    . DT  A 1 5  ? 3.94784   -7.52986  -6.71275 1.000 65.47253  ? 5   DT  A C6    1 
ATOM   104 P  P     . DG  A 1 6  ? 1.46999   -12.07857 -2.63256 1.000 92.42993  ? 6   DG  A P     1 
ATOM   105 O  OP1   . DG  A 1 6  ? 2.86221   -12.54071 -2.41837 1.000 71.95316  ? 6   DG  A OP1   1 
ATOM   106 O  OP2   . DG  A 1 6  ? 0.39570   -13.09042 -2.75428 1.000 66.69606  ? 6   DG  A OP2   1 
ATOM   107 O  "O5'" . DG  A 1 6  ? 1.06315   -11.04211 -1.47548 1.000 62.26995  ? 6   DG  A "O5'" 1 
ATOM   108 C  "C5'" . DG  A 1 6  ? 0.57138   -11.51895 -0.22446 1.000 65.25166  ? 6   DG  A "C5'" 1 
ATOM   109 C  "C4'" . DG  A 1 6  ? -0.89081  -11.14200 -0.02693 1.000 55.12457  ? 6   DG  A "C4'" 1 
ATOM   110 O  "O4'" . DG  A 1 6  ? -1.05261  -9.70948  -0.18245 1.000 55.50718  ? 6   DG  A "O4'" 1 
ATOM   111 C  "C3'" . DG  A 1 6  ? -1.87777  -11.76975 -1.01224 1.000 63.30080  ? 6   DG  A "C3'" 1 
ATOM   112 O  "O3'" . DG  A 1 6  ? -3.16651  -11.95756 -0.39214 1.000 52.40027  ? 6   DG  A "O3'" 1 
ATOM   113 C  "C2'" . DG  A 1 6  ? -1.95617  -10.69612 -2.09414 1.000 68.64737  ? 6   DG  A "C2'" 1 
ATOM   114 C  "C1'" . DG  A 1 6  ? -1.97394  -9.45316  -1.22218 1.000 57.45262  ? 6   DG  A "C1'" 1 
ATOM   115 N  N9    . DG  A 1 6  ? -1.57422  -8.22348  -1.89599 1.000 60.04079  ? 6   DG  A N9    1 
ATOM   116 C  C8    . DG  A 1 6  ? -0.38837  -7.97481  -2.54411 1.000 63.32063  ? 6   DG  A C8    1 
ATOM   117 N  N7    . DG  A 1 6  ? -0.30806  -6.76572  -3.03117 1.000 57.72586  ? 6   DG  A N7    1 
ATOM   118 C  C5    . DG  A 1 6  ? -1.51475  -6.17371  -2.67420 1.000 52.68891  ? 6   DG  A C5    1 
ATOM   119 C  C6    . DG  A 1 6  ? -2.00281  -4.86955  -2.92504 1.000 54.34208  ? 6   DG  A C6    1 
ATOM   120 O  O6    . DG  A 1 6  ? -1.44690  -3.94507  -3.53315 1.000 65.70308  ? 6   DG  A O6    1 
ATOM   121 N  N1    . DG  A 1 6  ? -3.27205  -4.68124  -2.38581 1.000 55.33021  ? 6   DG  A N1    1 
ATOM   122 C  C2    . DG  A 1 6  ? -3.98312  -5.63406  -1.69551 1.000 59.04410  ? 6   DG  A C2    1 
ATOM   123 N  N2    . DG  A 1 6  ? -5.19814  -5.27064  -1.25593 1.000 56.15728  ? 6   DG  A N2    1 
ATOM   124 N  N3    . DG  A 1 6  ? -3.53721  -6.85788  -1.45332 1.000 62.27845  ? 6   DG  A N3    1 
ATOM   125 C  C4    . DG  A 1 6  ? -2.30041  -7.05657  -1.97044 1.000 60.24835  ? 6   DG  A C4    1 
ATOM   126 P  P     . DG  A 1 7  ? -3.31877  -12.53200 1.10472  1.000 72.66487  ? 7   DG  A P     1 
ATOM   127 O  OP1   . DG  A 1 7  ? -2.26715  -13.55055 1.33528  1.000 65.72088  ? 7   DG  A OP1   1 
ATOM   128 O  OP2   . DG  A 1 7  ? -4.73511  -12.93703 1.25503  1.000 73.92610  ? 7   DG  A OP2   1 
ATOM   129 O  "O5'" . DG  A 1 7  ? -3.05242  -11.24702 2.03243  1.000 57.83977  ? 7   DG  A "O5'" 1 
ATOM   130 C  "C5'" . DG  A 1 7  ? -3.49462  -11.21517 3.38013  1.000 53.94491  ? 7   DG  A "C5'" 1 
ATOM   131 C  "C4'" . DG  A 1 7  ? -4.24382  -9.91988  3.67540  1.000 56.83194  ? 7   DG  A "C4'" 1 
ATOM   132 O  "O4'" . DG  A 1 7  ? -3.39162  -8.76739  3.41347  1.000 48.95656  ? 7   DG  A "O4'" 1 
ATOM   133 C  "C3'" . DG  A 1 7  ? -5.52137  -9.69518  2.85101  1.000 53.74670  ? 7   DG  A "C3'" 1 
ATOM   134 O  "O3'" . DG  A 1 7  ? -6.58331  -9.33561  3.71900  1.000 59.13283  ? 7   DG  A "O3'" 1 
ATOM   135 C  "C2'" . DG  A 1 7  ? -5.14696  -8.53458  1.92205  1.000 52.67921  ? 7   DG  A "C2'" 1 
ATOM   136 C  "C1'" . DG  A 1 7  ? -4.17705  -7.77053  2.80347  1.000 50.75705  ? 7   DG  A "C1'" 1 
ATOM   137 N  N9    . DG  A 1 7  ? -3.30791  -6.84033  2.08024  1.000 52.65213  ? 7   DG  A N9    1 
ATOM   138 C  C8    . DG  A 1 7  ? -2.10847  -7.12764  1.47405  1.000 53.63676  ? 7   DG  A C8    1 
ATOM   139 N  N7    . DG  A 1 7  ? -1.54948  -6.09175  0.90694  1.000 46.44311  ? 7   DG  A N7    1 
ATOM   140 C  C5    . DG  A 1 7  ? -2.43431  -5.04882  1.14981  1.000 44.08112  ? 7   DG  A C5    1 
ATOM   141 C  C6    . DG  A 1 7  ? -2.36083  -3.68514  0.77294  1.000 48.91657  ? 7   DG  A C6    1 
ATOM   142 O  O6    . DG  A 1 7  ? -1.46933  -3.11210  0.12826  1.000 47.73655  ? 7   DG  A O6    1 
ATOM   143 N  N1    . DG  A 1 7  ? -3.46494  -2.96529  1.22091  1.000 52.68115  ? 7   DG  A N1    1 
ATOM   144 C  C2    . DG  A 1 7  ? -4.51117  -3.49483  1.93788  1.000 55.57990  ? 7   DG  A C2    1 
ATOM   145 N  N2    . DG  A 1 7  ? -5.49054  -2.63940  2.27573  1.000 49.53482  ? 7   DG  A N2    1 
ATOM   146 N  N3    . DG  A 1 7  ? -4.59377  -4.77332  2.29932  1.000 49.39399  ? 7   DG  A N3    1 
ATOM   147 C  C4    . DG  A 1 7  ? -3.52307  -5.48969  1.87127  1.000 47.82413  ? 7   DG  A C4    1 
ATOM   148 P  P     . DT  A 1 8  ? -8.11100  -9.56189  3.27941  1.000 82.25012  ? 8   DT  A P     1 
ATOM   149 O  OP1   . DT  A 1 8  ? -8.94075  -9.25528  4.46602  1.000 70.20255  ? 8   DT  A OP1   1 
ATOM   150 O  OP2   . DT  A 1 8  ? -8.21957  -10.88141 2.60837  1.000 63.00311  ? 8   DT  A OP2   1 
ATOM   151 O  "O5'" . DT  A 1 8  ? -8.36760  -8.42877  2.18070  1.000 65.11570  ? 8   DT  A "O5'" 1 
ATOM   152 C  "C5'" . DT  A 1 8  ? -8.47526  -7.06598  2.57328  1.000 67.37883  ? 8   DT  A "C5'" 1 
ATOM   153 C  "C4'" . DT  A 1 8  ? -8.99851  -6.21467  1.42960  1.000 61.30846  ? 8   DT  A "C4'" 1 
ATOM   154 O  "O4'" . DT  A 1 8  ? -8.08136  -6.29696  0.30873  1.000 58.58237  ? 8   DT  A "O4'" 1 
ATOM   155 C  "C3'" . DT  A 1 8  ? -10.36611 -6.62924  0.88812  1.000 67.16251  ? 8   DT  A "C3'" 1 
ATOM   156 O  "O3'" . DT  A 1 8  ? -11.10867 -5.47634  0.51275  1.000 68.47394  ? 8   DT  A "O3'" 1 
ATOM   157 C  "C2'" . DT  A 1 8  ? -10.00374 -7.47547  -0.32954 1.000 77.16688  ? 8   DT  A "C2'" 1 
ATOM   158 C  "C1'" . DT  A 1 8  ? -8.76252  -6.75334  -0.83755 1.000 64.96906  ? 8   DT  A "C1'" 1 
ATOM   159 N  N1    . DT  A 1 8  ? -7.84063  -7.62654  -1.61603 1.000 65.34528  ? 8   DT  A N1    1 
ATOM   160 C  C2    . DT  A 1 8  ? -7.40972  -7.21389  -2.85591 1.000 69.69400  ? 8   DT  A C2    1 
ATOM   161 O  O2    . DT  A 1 8  ? -7.74219  -6.15619  -3.36138 1.000 71.86462  ? 8   DT  A O2    1 
ATOM   162 N  N3    . DT  A 1 8  ? -6.56663  -8.08970  -3.48998 1.000 69.44550  ? 8   DT  A N3    1 
ATOM   163 C  C4    . DT  A 1 8  ? -6.12447  -9.31418  -3.01929 1.000 70.40570  ? 8   DT  A C4    1 
ATOM   164 O  O4    . DT  A 1 8  ? -5.36703  -10.03170 -3.66498 1.000 86.76891  ? 8   DT  A O4    1 
ATOM   165 C  C5    . DT  A 1 8  ? -6.61589  -9.68841  -1.71543 1.000 63.69036  ? 8   DT  A C5    1 
ATOM   166 C  C7    . DT  A 1 8  ? -6.20402  -10.99467 -1.10258 1.000 61.45090  ? 8   DT  A C7    1 
ATOM   167 C  C6    . DT  A 1 8  ? -7.43928  -8.83531  -1.08237 1.000 65.27405  ? 8   DT  A C6    1 
ATOM   168 P  P     . DG  A 1 9  ? -11.65262 -4.45943  1.63184  1.000 79.96948  ? 9   DG  A P     1 
ATOM   169 O  OP1   . DG  A 1 9  ? -11.76355 -5.21860  2.89711  1.000 92.07257  ? 9   DG  A OP1   1 
ATOM   170 O  OP2   . DG  A 1 9  ? -12.84834 -3.77730  1.08506  1.000 74.95456  ? 9   DG  A OP2   1 
ATOM   171 O  "O5'" . DG  A 1 9  ? -10.48306 -3.37105  1.76231  1.000 79.16171  ? 9   DG  A "O5'" 1 
ATOM   172 C  "C5'" . DG  A 1 9  ? -10.57245 -2.34149  2.74354  1.000 79.96348  ? 9   DG  A "C5'" 1 
ATOM   173 C  "C4'" . DG  A 1 9  ? -10.35738 -0.96224  2.13133  1.000 76.11944  ? 9   DG  A "C4'" 1 
ATOM   174 O  "O4'" . DG  A 1 9  ? -9.01470  -0.85519  1.59609  1.000 73.57177  ? 9   DG  A "O4'" 1 
ATOM   175 C  "C3'" . DG  A 1 9  ? -11.28437 -0.59445  0.97609  1.000 68.40547  ? 9   DG  A "C3'" 1 
ATOM   176 O  "O3'" . DG  A 1 9  ? -11.47675 0.82680   0.95033  1.000 70.60833  ? 9   DG  A "O3'" 1 
ATOM   177 C  "C2'" . DG  A 1 9  ? -10.46361 -1.04887  -0.22947 1.000 69.61415  ? 9   DG  A "C2'" 1 
ATOM   178 C  "C1'" . DG  A 1 9  ? -9.08289  -0.58632  0.20949  1.000 71.60661  ? 9   DG  A "C1'" 1 
ATOM   179 N  N9    . DG  A 1 9  ? -7.96398  -1.26766  -0.43047 1.000 69.51524  ? 9   DG  A N9    1 
ATOM   180 C  C8    . DG  A 1 9  ? -7.67017  -2.60913  -0.38217 1.000 63.02564  ? 9   DG  A C8    1 
ATOM   181 N  N7    . DG  A 1 9  ? -6.57688  -2.92341  -1.02075 1.000 62.87255  ? 9   DG  A N7    1 
ATOM   182 C  C5    . DG  A 1 9  ? -6.10649  -1.70836  -1.51036 1.000 65.82068  ? 9   DG  A C5    1 
ATOM   183 C  C6    . DG  A 1 9  ? -4.95312  -1.41743  -2.27947 1.000 59.49638  ? 9   DG  A C6    1 
ATOM   184 O  O6    . DG  A 1 9  ? -4.09090  -2.20223  -2.69672 1.000 58.55501  ? 9   DG  A O6    1 
ATOM   185 N  N1    . DG  A 1 9  ? -4.85096  -0.05684  -2.56175 1.000 60.61061  ? 9   DG  A N1    1 
ATOM   186 C  C2    . DG  A 1 9  ? -5.75033  0.90078   -2.15330 1.000 64.63996  ? 9   DG  A C2    1 
ATOM   187 N  N2    . DG  A 1 9  ? -5.48414  2.16397   -2.52359 1.000 65.99187  ? 9   DG  A N2    1 
ATOM   188 N  N3    . DG  A 1 9  ? -6.83187  0.64168   -1.43044 1.000 62.70778  ? 9   DG  A N3    1 
ATOM   189 C  C4    . DG  A 1 9  ? -6.94538  -0.67924  -1.14770 1.000 66.86729  ? 9   DG  A C4    1 
ATOM   190 P  P     . DG  A 1 10 ? -12.33167 1.58398   2.08724  1.000 93.17062  ? 10  DG  A P     1 
ATOM   191 O  OP1   . DG  A 1 10 ? -12.57688 0.67934   3.23168  1.000 79.16920  ? 10  DG  A OP1   1 
ATOM   192 O  OP2   . DG  A 1 10 ? -13.48819 2.19537   1.39267  1.000 94.39529  ? 10  DG  A OP2   1 
ATOM   193 O  "O5'" . DG  A 1 10 ? -11.37786 2.78574   2.56108  1.000 83.69135  ? 10  DG  A "O5'" 1 
ATOM   194 C  "C5'" . DG  A 1 10 ? -10.03175 2.52252   2.98131  1.000 71.70653  ? 10  DG  A "C5'" 1 
ATOM   195 C  "C4'" . DG  A 1 10 ? -9.11911  3.69871   2.65840  1.000 73.52558  ? 10  DG  A "C4'" 1 
ATOM   196 O  "O4'" . DG  A 1 10 ? -7.72724  3.28234   2.79379  1.000 69.08156  ? 10  DG  A "O4'" 1 
ATOM   197 C  "C3'" . DG  A 1 10 ? -9.23274  4.22101   1.22968  1.000 69.90358  ? 10  DG  A "C3'" 1 
ATOM   198 O  "O3'" . DG  A 1 10 ? -8.82797  5.59149   1.17616  1.000 73.64783  ? 10  DG  A "O3'" 1 
ATOM   199 C  "C2'" . DG  A 1 10 ? -8.23512  3.33157   0.51324  1.000 68.51867  ? 10  DG  A "C2'" 1 
ATOM   200 C  "C1'" . DG  A 1 10 ? -7.09968  3.35046   1.52490  1.000 62.22899  ? 10  DG  A "C1'" 1 
ATOM   201 N  N9    . DG  A 1 10 ? -6.16964  2.23436   1.37988  1.000 51.65125  ? 10  DG  A N9    1 
ATOM   202 C  C8    . DG  A 1 10 ? -6.37051  0.93078   1.76128  1.000 55.56288  ? 10  DG  A C8    1 
ATOM   203 N  N7    . DG  A 1 10 ? -5.36226  0.14981   1.49197  1.000 50.67113  ? 10  DG  A N7    1 
ATOM   204 C  C5    . DG  A 1 10 ? -4.43425  0.98865   0.89037  1.000 53.74786  ? 10  DG  A C5    1 
ATOM   205 C  C6    . DG  A 1 10 ? -3.14286  0.70622   0.38639  1.000 46.69741  ? 10  DG  A C6    1 
ATOM   206 O  O6    . DG  A 1 10 ? -2.54803  -0.37741  0.37209  1.000 43.72193  ? 10  DG  A O6    1 
ATOM   207 N  N1    . DG  A 1 10 ? -2.53597  1.84013   -0.14367 1.000 47.41691  ? 10  DG  A N1    1 
ATOM   208 C  C2    . DG  A 1 10 ? -3.10305  3.09350   -0.17842 1.000 54.87835  ? 10  DG  A C2    1 
ATOM   209 N  N2    . DG  A 1 10 ? -2.36028  4.07002   -0.72794 1.000 51.06556  ? 10  DG  A N2    1 
ATOM   210 N  N3    . DG  A 1 10 ? -4.31269  3.37207   0.29235  1.000 55.19746  ? 10  DG  A N3    1 
ATOM   211 C  C4    . DG  A 1 10 ? -4.91791  2.27435   0.81027  1.000 56.03789  ? 10  DG  A C4    1 
ATOM   212 P  P     . DT  A 1 11 ? -9.33784  6.54653   -0.01536 1.000 91.32269  ? 11  DT  A P     1 
ATOM   213 O  OP1   . DT  A 1 11 ? -9.92708  7.74794   0.61478  1.000 87.78613  ? 11  DT  A OP1   1 
ATOM   214 O  OP2   . DT  A 1 11 ? -10.15856 5.72751   -0.93674 1.000 79.31702  ? 11  DT  A OP2   1 
ATOM   215 O  "O5'" . DT  A 1 11 ? -7.99754  6.97277   -0.78838 1.000 75.69660  ? 11  DT  A "O5'" 1 
ATOM   216 C  "C5'" . DT  A 1 11 ? -7.12849  5.97307   -1.32132 1.000 76.44366  ? 11  DT  A "C5'" 1 
ATOM   217 C  "C4'" . DT  A 1 11 ? -6.55453  6.39413   -2.66245 1.000 70.49348  ? 11  DT  A "C4'" 1 
ATOM   218 O  "O4'" . DT  A 1 11 ? -6.43968  5.23370   -3.51816 1.000 83.11742  ? 11  DT  A "O4'" 1 
ATOM   219 C  "C3'" . DT  A 1 11 ? -7.41763  7.34624   -3.45718 1.000 77.56613  ? 11  DT  A "C3'" 1 
ATOM   220 O  "O3'" . DT  A 1 11 ? -6.62630  7.96767   -4.45785 1.000 79.26244  ? 11  DT  A "O3'" 1 
ATOM   221 C  "C2'" . DT  A 1 11 ? -8.43413  6.38867   -4.06975 1.000 82.77463  ? 11  DT  A "C2'" 1 
ATOM   222 C  "C1'" . DT  A 1 11 ? -7.55412  5.18204   -4.40102 1.000 79.73456  ? 11  DT  A "C1'" 1 
ATOM   223 N  N1    . DT  A 1 11 ? -8.23369  3.87263   -4.20792 1.000 80.34309  ? 11  DT  A N1    1 
ATOM   224 C  C2    . DT  A 1 11 ? -7.82164  2.78789   -4.94559 1.000 81.12913  ? 11  DT  A C2    1 
ATOM   225 O  O2    . DT  A 1 11 ? -6.92590  2.84264   -5.77032 1.000 81.48895  ? 11  DT  A O2    1 
ATOM   226 N  N3    . DT  A 1 11 ? -8.49998  1.62725   -4.68407 1.000 81.73797  ? 11  DT  A N3    1 
ATOM   227 C  C4    . DT  A 1 11 ? -9.52619  1.44647   -3.77510 1.000 81.57592  ? 11  DT  A C4    1 
ATOM   228 O  O4    . DT  A 1 11 ? -10.07668 0.36139   -3.61412 1.000 82.28166  ? 11  DT  A O4    1 
ATOM   229 C  C5    . DT  A 1 11 ? -9.90808  2.62494   -3.03309 1.000 80.81142  ? 11  DT  A C5    1 
ATOM   230 C  C7    . DT  A 1 11 ? -11.00891 2.55377   -2.01819 1.000 80.91813  ? 11  DT  A C7    1 
ATOM   231 C  C6    . DT  A 1 11 ? -9.24881  3.76666   -3.28054 1.000 80.25377  ? 11  DT  A C6    1 
ATOM   232 P  P     . DG  A 1 12 ? -5.54553  9.08413   -4.05051 1.000 83.14963  ? 12  DG  A P     1 
ATOM   233 O  OP1   . DG  A 1 12 ? -5.92190  9.58563   -2.70793 1.000 80.81340  ? 12  DG  A OP1   1 
ATOM   234 O  OP2   . DG  A 1 12 ? -5.43818  10.02897  -5.18630 1.000 80.14919  ? 12  DG  A OP2   1 
ATOM   235 O  "O5'" . DG  A 1 12 ? -4.16491  8.27227   -3.93627 1.000 80.11264  ? 12  DG  A "O5'" 1 
ATOM   236 C  "C5'" . DG  A 1 12 ? -3.04130  8.85966   -3.27888 1.000 64.66421  ? 12  DG  A "C5'" 1 
ATOM   237 C  "C4'" . DG  A 1 12 ? -1.73687  8.51105   -3.98447 1.000 71.25404  ? 12  DG  A "C4'" 1 
ATOM   238 O  "O4'" . DG  A 1 12 ? -1.36499  7.14463   -3.68785 1.000 65.24431  ? 12  DG  A "O4'" 1 
ATOM   239 C  "C3'" . DG  A 1 12 ? -1.75921  8.60981   -5.50429 1.000 79.71990  ? 12  DG  A "C3'" 1 
ATOM   240 O  "O3'" . DG  A 1 12 ? -0.47293  9.02667   -5.97276 1.000 75.47140  ? 12  DG  A "O3'" 1 
ATOM   241 C  "C2'" . DG  A 1 12 ? -2.08145  7.17438   -5.92788 1.000 69.22656  ? 12  DG  A "C2'" 1 
ATOM   242 C  "C1'" . DG  A 1 12 ? -1.32123  6.37925   -4.87820 1.000 62.28537  ? 12  DG  A "C1'" 1 
ATOM   243 N  N9    . DG  A 1 12 ? -1.88380  5.06579   -4.57666 1.000 65.22756  ? 12  DG  A N9    1 
ATOM   244 C  C8    . DG  A 1 12 ? -3.11801  4.79613   -4.03241 1.000 65.60294  ? 12  DG  A C8    1 
ATOM   245 N  N7    . DG  A 1 12 ? -3.33364  3.52415   -3.83641 1.000 62.47869  ? 12  DG  A N7    1 
ATOM   246 C  C5    . DG  A 1 12 ? -2.16393  2.91147   -4.26418 1.000 60.47525  ? 12  DG  A C5    1 
ATOM   247 C  C6    . DG  A 1 12 ? -1.81174  1.54280   -4.29217 1.000 59.16020  ? 12  DG  A C6    1 
ATOM   248 O  O6    . DG  A 1 12 ? -2.48813  0.56949   -3.93358 1.000 62.03853  ? 12  DG  A O6    1 
ATOM   249 N  N1    . DG  A 1 12 ? -0.52992  1.35078   -4.80094 1.000 57.75394  ? 12  DG  A N1    1 
ATOM   250 C  C2    . DG  A 1 12 ? 0.30514   2.35789   -5.23143 1.000 62.98040  ? 12  DG  A C2    1 
ATOM   251 N  N2    . DG  A 1 12 ? 1.50587   1.97918   -5.69493 1.000 56.40451  ? 12  DG  A N2    1 
ATOM   252 N  N3    . DG  A 1 12 ? -0.01353  3.64599   -5.20962 1.000 58.62848  ? 12  DG  A N3    1 
ATOM   253 C  C4    . DG  A 1 12 ? -1.25806  3.84764   -4.71504 1.000 60.10231  ? 12  DG  A C4    1 
ATOM   254 P  P     . DA  A 1 13 ? -0.31418  10.41031  -6.77716 1.000 108.98280 ? 13  DA  A P     1 
ATOM   255 O  OP1   . DA  A 1 13 ? -1.66405  11.00242  -6.91668 1.000 113.29326 ? 13  DA  A OP1   1 
ATOM   256 O  OP2   . DA  A 1 13 ? 0.50116   10.14531  -7.98330 1.000 104.18358 ? 13  DA  A OP2   1 
ATOM   257 O  "O5'" . DA  A 1 13 ? 0.55952   11.32921  -5.80538 1.000 108.29342 ? 13  DA  A "O5'" 1 
ATOM   258 C  "C5'" . DA  A 1 13 ? -0.04958  11.99829  -4.70659 1.000 121.49321 ? 13  DA  A "C5'" 1 
ATOM   259 C  "C4'" . DA  A 1 13 ? 1.00874   12.45325  -3.71703 1.000 143.68479 ? 13  DA  A "C4'" 1 
ATOM   260 O  "O4'" . DA  A 1 13 ? 2.09597   13.09118  -4.43280 1.000 153.06104 ? 13  DA  A "O4'" 1 
ATOM   261 C  "C3'" . DA  A 1 13 ? 0.53546   13.44762  -2.66206 1.000 149.39541 ? 13  DA  A "C3'" 1 
ATOM   262 O  "O3'" . DA  A 1 13 ? 0.22771   12.73724  -1.45767 1.000 143.64331 ? 13  DA  A "O3'" 1 
ATOM   263 C  "C2'" . DA  A 1 13 ? 1.73926   14.37415  -2.48937 1.000 153.45336 ? 13  DA  A "C2'" 1 
ATOM   264 C  "C1'" . DA  A 1 13 ? 2.36665   14.35924  -3.87960 1.000 156.18543 ? 13  DA  A "C1'" 1 
ATOM   265 N  N9    . DA  A 1 13 ? 1.84322   15.38263  -4.78439 1.000 156.77215 ? 13  DA  A N9    1 
ATOM   266 C  C8    . DA  A 1 13 ? 1.32446   16.60011  -4.43994 1.000 154.34226 ? 13  DA  A C8    1 
ATOM   267 N  N7    . DA  A 1 13 ? 0.93582   17.31980  -5.46632 1.000 158.52928 ? 13  DA  A N7    1 
ATOM   268 C  C5    . DA  A 1 13 ? 1.22331   16.52107  -6.56230 1.000 157.01583 ? 13  DA  A C5    1 
ATOM   269 C  C6    . DA  A 1 13 ? 1.04876   16.71188  -7.94829 1.000 146.83555 ? 13  DA  A C6    1 
ATOM   270 N  N6    . DA  A 1 13 ? 0.51902   17.81811  -8.47852 1.000 148.63095 ? 13  DA  A N6    1 
ATOM   271 N  N1    . DA  A 1 13 ? 1.44167   15.71648  -8.77115 1.000 133.19612 ? 13  DA  A N1    1 
ATOM   272 C  C2    . DA  A 1 13 ? 1.97140   14.61049  -8.23833 1.000 139.44040 ? 13  DA  A C2    1 
ATOM   273 N  N3    . DA  A 1 13 ? 2.18588   14.31778  -6.95631 1.000 148.93440 ? 13  DA  A N3    1 
ATOM   274 C  C4    . DA  A 1 13 ? 1.78472   15.32544  -6.16117 1.000 156.65298 ? 13  DA  A C4    1 
ATOM   275 P  P     . DT  A 1 14 ? 0.43708   13.40661  -0.00993 1.000 149.59778 ? 14  DT  A P     1 
ATOM   276 O  OP1   . DT  A 1 14 ? -0.14009  14.76956  -0.03234 1.000 143.69755 ? 14  DT  A OP1   1 
ATOM   277 O  OP2   . DT  A 1 14 ? 1.84774   13.19916  0.39288  1.000 117.84086 ? 14  DT  A OP2   1 
ATOM   278 O  "O5'" . DT  A 1 14 ? -0.47846  12.50831  0.94466  1.000 124.80801 ? 14  DT  A "O5'" 1 
ATOM   279 C  "C5'" . DT  A 1 14 ? -0.92954  13.01787  2.19052  1.000 117.37213 ? 14  DT  A "C5'" 1 
ATOM   280 C  "C4'" . DT  A 1 14 ? -2.43195  12.84971  2.32381  1.000 110.38913 ? 14  DT  A "C4'" 1 
ATOM   281 O  "O4'" . DT  A 1 14 ? -3.10435  13.79519  1.44930  1.000 125.58120 ? 14  DT  A "O4'" 1 
ATOM   282 C  "C3'" . DT  A 1 14 ? -2.96372  11.46844  1.94134  1.000 104.72034 ? 14  DT  A "C3'" 1 
ATOM   283 O  "O3'" . DT  A 1 14 ? -4.02764  11.10232  2.81037  1.000 97.44028  ? 14  DT  A "O3'" 1 
ATOM   284 C  "C2'" . DT  A 1 14 ? -3.45689  11.67792  0.51219  1.000 106.46430 ? 14  DT  A "C2'" 1 
ATOM   285 C  "C1'" . DT  A 1 14 ? -3.98315  13.10313  0.58807  1.000 126.16337 ? 14  DT  A "C1'" 1 
ATOM   286 N  N1    . DT  A 1 14 ? -4.01353  13.80835  -0.72996 1.000 126.90521 ? 14  DT  A N1    1 
ATOM   287 C  C2    . DT  A 1 14 ? -4.99555  13.49257  -1.63892 1.000 118.75490 ? 14  DT  A C2    1 
ATOM   288 O  O2    . DT  A 1 14 ? -5.85254  12.65253  -1.43102 1.000 122.21929 ? 14  DT  A O2    1 
ATOM   289 N  N3    . DT  A 1 14 ? -4.93811  14.19758  -2.81169 1.000 114.22945 ? 14  DT  A N3    1 
ATOM   290 C  C4    . DT  A 1 14 ? -4.01776  15.16840  -3.15854 1.000 122.55568 ? 14  DT  A C4    1 
ATOM   291 O  O4    . DT  A 1 14 ? -4.05045  15.74687  -4.23971 1.000 128.21971 ? 14  DT  A O4    1 
ATOM   292 C  C5    . DT  A 1 14 ? -3.01592  15.45419  -2.15921 1.000 124.01567 ? 14  DT  A C5    1 
ATOM   293 C  C7    . DT  A 1 14 ? -1.96324  16.48972  -2.42137 1.000 128.21797 ? 14  DT  A C7    1 
ATOM   294 C  C6    . DT  A 1 14 ? -3.06330  14.77007  -1.00614 1.000 124.49893 ? 14  DT  A C6    1 
ATOM   295 P  P     . DG  A 1 15 ? -3.74375  10.16462  4.08358  1.000 90.10966  ? 15  DG  A P     1 
ATOM   296 O  OP1   . DG  A 1 15 ? -4.58673  10.64176  5.20142  1.000 96.77721  ? 15  DG  A OP1   1 
ATOM   297 O  OP2   . DG  A 1 15 ? -2.27592  10.09805  4.25481  1.000 102.96659 ? 15  DG  A OP2   1 
ATOM   298 O  "O5'" . DG  A 1 15 ? -4.25399  8.71910   3.62455  1.000 82.48897  ? 15  DG  A "O5'" 1 
ATOM   299 C  "C5'" . DG  A 1 15 ? -5.58772  8.54809   3.15500  1.000 72.19874  ? 15  DG  A "C5'" 1 
ATOM   300 C  "C4'" . DG  A 1 15 ? -6.14239  7.19539   3.57263  1.000 64.39689  ? 15  DG  A "C4'" 1 
ATOM   301 O  "O4'" . DG  A 1 15 ? -5.36471  6.13273   2.95202  1.000 58.25252  ? 15  DG  A "O4'" 1 
ATOM   302 C  "C3'" . DG  A 1 15 ? -6.10458  6.91381   5.07936  1.000 71.24985  ? 15  DG  A "C3'" 1 
ATOM   303 O  "O3'" . DG  A 1 15 ? -7.28427  6.21452   5.46950  1.000 72.99016  ? 15  DG  A "O3'" 1 
ATOM   304 C  "C2'" . DG  A 1 15 ? -4.86791  6.03245   5.22136  1.000 59.42530  ? 15  DG  A "C2'" 1 
ATOM   305 C  "C1'" . DG  A 1 15 ? -4.97344  5.21517   3.94952  1.000 60.38561  ? 15  DG  A "C1'" 1 
ATOM   306 N  N9    . DG  A 1 15 ? -3.72840  4.56177   3.54936  1.000 51.31779  ? 15  DG  A N9    1 
ATOM   307 C  C8    . DG  A 1 15 ? -2.63205  5.13975   2.95534  1.000 45.76844  ? 15  DG  A C8    1 
ATOM   308 N  N7    . DG  A 1 15 ? -1.66706  4.29269   2.71136  1.000 41.19489  ? 15  DG  A N7    1 
ATOM   309 C  C5    . DG  A 1 15 ? -2.16045  3.07584   3.16869  1.000 39.42347  ? 15  DG  A C5    1 
ATOM   310 C  C6    . DG  A 1 15 ? -1.56562  1.78867   3.17254  1.000 41.60801  ? 15  DG  A C6    1 
ATOM   311 O  O6    . DG  A 1 15 ? -0.44774  1.45673   2.75364  1.000 36.24481  ? 15  DG  A O6    1 
ATOM   312 N  N1    . DG  A 1 15 ? -2.40918  0.83271   3.73718  1.000 37.24014  ? 15  DG  A N1    1 
ATOM   313 C  C2    . DG  A 1 15 ? -3.66959  1.08724   4.22683  1.000 41.60603  ? 15  DG  A C2    1 
ATOM   314 N  N2    . DG  A 1 15 ? -4.33529  0.04006   4.72956  1.000 40.00270  ? 15  DG  A N2    1 
ATOM   315 N  N3    . DG  A 1 15 ? -4.23580  2.28369   4.22872  1.000 41.92180  ? 15  DG  A N3    1 
ATOM   316 C  C4    . DG  A 1 15 ? -3.42589  3.22741   3.68805  1.000 46.92866  ? 15  DG  A C4    1 
ATOM   317 P  P     . DG  A 1 16 ? -7.72150  6.15237   7.01560  1.000 64.77682  ? 16  DG  A P     1 
ATOM   318 O  OP1   . DG  A 1 16 ? -9.01610  6.85952   7.13341  1.000 94.36558  ? 16  DG  A OP1   1 
ATOM   319 O  OP2   . DG  A 1 16 ? -6.57591  6.57643   7.85047  1.000 72.91283  ? 16  DG  A OP2   1 
ATOM   320 O  "O5'" . DG  A 1 16 ? -7.98612  4.59920   7.28167  1.000 74.73382  ? 16  DG  A "O5'" 1 
ATOM   321 C  "C5'" . DG  A 1 16 ? -6.99725  3.63589   6.95655  1.000 65.85196  ? 16  DG  A "C5'" 1 
ATOM   322 C  "C4'" . DG  A 1 16 ? -7.21279  2.36452   7.75383  1.000 62.63933  ? 16  DG  A "C4'" 1 
ATOM   323 O  "O4'" . DG  A 1 16 ? -6.14625  1.43226   7.46330  1.000 64.80923  ? 16  DG  A "O4'" 1 
ATOM   324 C  "C3'" . DG  A 1 16 ? -7.15443  2.54716   9.25732  1.000 69.68576  ? 16  DG  A "C3'" 1 
ATOM   325 O  "O3'" . DG  A 1 16 ? -7.78472  1.44545   9.89964  1.000 77.94101  ? 16  DG  A "O3'" 1 
ATOM   326 C  "C2'" . DG  A 1 16 ? -5.64902  2.53871   9.49690  1.000 58.07284  ? 16  DG  A "C2'" 1 
ATOM   327 C  "C1'" . DG  A 1 16 ? -5.19584  1.45275   8.51846  1.000 51.61142  ? 16  DG  A "C1'" 1 
ATOM   328 N  N9    . DG  A 1 16 ? -3.87714  1.68835   7.93824  1.000 39.44977  ? 16  DG  A N9    1 
ATOM   329 C  C8    . DG  A 1 16 ? -3.35519  2.88761   7.51363  1.000 38.07295  ? 16  DG  A C8    1 
ATOM   330 N  N7    . DG  A 1 16 ? -2.14591  2.78549   7.02730  1.000 35.17538  ? 16  DG  A N7    1 
ATOM   331 C  C5    . DG  A 1 16 ? -1.85157  1.43382   7.13138  1.000 29.12975  ? 16  DG  A C5    1 
ATOM   332 C  C6    . DG  A 1 16 ? -0.68882  0.72394   6.75743  1.000 37.77567  ? 16  DG  A C6    1 
ATOM   333 O  O6    . DG  A 1 16 ? 0.34946   1.16472   6.24744  1.000 22.69098  ? 16  DG  A O6    1 
ATOM   334 N  N1    . DG  A 1 16 ? -0.80588  -0.63688  7.03136  1.000 40.25665  ? 16  DG  A N1    1 
ATOM   335 C  C2    . DG  A 1 16 ? -1.90689  -1.23191  7.59488  1.000 25.15954  ? 16  DG  A C2    1 
ATOM   336 N  N2    . DG  A 1 16 ? -1.83413  -2.55517  7.78342  1.000 32.41613  ? 16  DG  A N2    1 
ATOM   337 N  N3    . DG  A 1 16 ? -3.00201  -0.57842  7.94943  1.000 28.42087  ? 16  DG  A N3    1 
ATOM   338 C  C4    . DG  A 1 16 ? -2.90652  0.74385   7.68625  1.000 35.58426  ? 16  DG  A C4    1 
ATOM   339 P  P     . DT  A 1 17 ? -9.34701  1.50010   10.28165 1.000 91.39736  ? 17  DT  A P     1 
ATOM   340 O  OP1   . DT  A 1 17 ? -10.08504 2.15697   9.17827  1.000 78.03106  ? 17  DT  A OP1   1 
ATOM   341 O  OP2   . DT  A 1 17 ? -9.45287  2.02620   11.66107 1.000 82.67900  ? 17  DT  A OP2   1 
ATOM   342 O  "O5'" . DT  A 1 17 ? -9.77587  -0.03648  10.29508 1.000 75.85993  ? 17  DT  A "O5'" 1 
ATOM   343 C  "C5'" . DT  A 1 17 ? -9.20400  -0.92227  9.35556  1.000 84.14842  ? 17  DT  A "C5'" 1 
ATOM   344 C  "C4'" . DT  A 1 17 ? -9.66568  -2.34417  9.59639  1.000 84.39188  ? 17  DT  A "C4'" 1 
ATOM   345 O  "O4'" . DT  A 1 17 ? -11.10709 -2.38541  9.65705  1.000 106.39272 ? 17  DT  A "O4'" 1 
ATOM   346 C  "C3'" . DT  A 1 17 ? -9.26419  -3.32751  8.51317  1.000 83.58170  ? 17  DT  A "C3'" 1 
ATOM   347 O  "O3'" . DT  A 1 17 ? -8.99275  -4.59336  9.07951  1.000 80.34658  ? 17  DT  A "O3'" 1 
ATOM   348 C  "C2'" . DT  A 1 17 ? -10.47286 -3.36187  7.57374  1.000 99.50310  ? 17  DT  A "C2'" 1 
ATOM   349 C  "C1'" . DT  A 1 17 ? -11.64042 -2.90546  8.45364  1.000 113.79860 ? 17  DT  A "C1'" 1 
ATOM   350 N  N1    . DT  A 1 17 ? -12.48774 -1.84761  7.81117  1.000 122.59099 ? 17  DT  A N1    1 
ATOM   351 C  C2    . DT  A 1 17 ? -13.84288 -2.05180  7.68303  1.000 120.34912 ? 17  DT  A C2    1 
ATOM   352 O  O2    . DT  A 1 17 ? -14.40761 -3.05837  8.07348  1.000 122.13260 ? 17  DT  A O2    1 
ATOM   353 N  N3    . DT  A 1 17 ? -14.52116 -1.02462  7.07948  1.000 121.03731 ? 17  DT  A N3    1 
ATOM   354 C  C4    . DT  A 1 17 ? -13.99059 0.16012   6.59811  1.000 116.98574 ? 17  DT  A C4    1 
ATOM   355 O  O4    . DT  A 1 17 ? -14.68410 1.02352   6.06984  1.000 108.06279 ? 17  DT  A O4    1 
ATOM   356 C  C5    . DT  A 1 17 ? -12.56315 0.30818   6.76141  1.000 116.43436 ? 17  DT  A C5    1 
ATOM   357 C  C7    . DT  A 1 17 ? -11.87056 1.54936   6.28038  1.000 108.15856 ? 17  DT  A C7    1 
ATOM   358 C  C6    . DT  A 1 17 ? -11.89064 -0.69116  7.34900  1.000 116.71258 ? 17  DT  A C6    1 
ATOM   359 P  P     . DG  A 1 18 ? -7.47013  -5.02718  9.34464  1.000 78.46608  ? 18  DG  A P     1 
ATOM   360 O  OP1   . DG  A 1 18 ? -7.46504  -6.39878  9.90256  1.000 65.13563  ? 18  DG  A OP1   1 
ATOM   361 O  OP2   . DG  A 1 18 ? -6.83948  -3.92065  10.09915 1.000 69.66772  ? 18  DG  A OP2   1 
ATOM   362 O  "O5'" . DG  A 1 18 ? -6.82263  -5.07325  7.88116  1.000 54.67242  ? 18  DG  A "O5'" 1 
ATOM   363 C  "C5'" . DG  A 1 18 ? -7.20042  -6.10065  6.97334  1.000 52.59471  ? 18  DG  A "C5'" 1 
ATOM   364 C  "C4'" . DG  A 1 18 ? -5.98183  -6.83476  6.43891  1.000 47.27043  ? 18  DG  A "C4'" 1 
ATOM   365 O  "O4'" . DG  A 1 18 ? -5.28176  -5.99194  5.48184  1.000 52.56842  ? 18  DG  A "O4'" 1 
ATOM   366 C  "C3'" . DG  A 1 18 ? -4.94394  -7.23852  7.48926  1.000 51.09046  ? 18  DG  A "C3'" 1 
ATOM   367 O  "O3'" . DG  A 1 18 ? -4.46192  -8.56065  7.20808  1.000 40.66267  ? 18  DG  A "O3'" 1 
ATOM   368 C  "C2'" . DG  A 1 18 ? -3.84741  -6.18296  7.31199  1.000 51.12608  ? 18  DG  A "C2'" 1 
ATOM   369 C  "C1'" . DG  A 1 18 ? -3.91205  -5.94683  5.81016  1.000 48.50527  ? 18  DG  A "C1'" 1 
ATOM   370 N  N9    . DG  A 1 18 ? -3.37851  -4.65736  5.37340  1.000 48.09134  ? 18  DG  A N9    1 
ATOM   371 C  C8    . DG  A 1 18 ? -4.00393  -3.43654  5.44706  1.000 43.12807  ? 18  DG  A C8    1 
ATOM   372 N  N7    . DG  A 1 18 ? -3.29165  -2.45819  4.96344  1.000 33.37743  ? 18  DG  A N7    1 
ATOM   373 C  C5    . DG  A 1 18 ? -2.12085  -3.06842  4.53510  1.000 35.36395  ? 18  DG  A C5    1 
ATOM   374 C  C6    . DG  A 1 18 ? -0.97519  -2.50958  3.91925  1.000 40.82240  ? 18  DG  A C6    1 
ATOM   375 O  O6    . DG  A 1 18 ? -0.76487  -1.32668  3.62694  1.000 43.55599  ? 18  DG  A O6    1 
ATOM   376 N  N1    . DG  A 1 18 ? -0.01263  -3.47635  3.64012  1.000 30.89235  ? 18  DG  A N1    1 
ATOM   377 C  C2    . DG  A 1 18 ? -0.14634  -4.81634  3.91629  1.000 32.91382  ? 18  DG  A C2    1 
ATOM   378 N  N2    . DG  A 1 18 ? 0.88533   -5.59879  3.57394  1.000 40.15737  ? 18  DG  A N2    1 
ATOM   379 N  N3    . DG  A 1 18 ? -1.21428  -5.35304  4.49179  1.000 37.61806  ? 18  DG  A N3    1 
ATOM   380 C  C4    . DG  A 1 18 ? -2.15904  -4.42152  4.77370  1.000 40.17198  ? 18  DG  A C4    1 
ATOM   381 P  P     . DG  A 1 19 ? -3.44411  -9.29641  8.21361  1.000 57.19431  ? 19  DG  A P     1 
ATOM   382 O  OP1   . DG  A 1 19 ? -3.61116  -10.75351 8.01260  1.000 55.27388  ? 19  DG  A OP1   1 
ATOM   383 O  OP2   . DG  A 1 19 ? -3.60650  -8.69701  9.55955  1.000 46.58023  ? 19  DG  A OP2   1 
ATOM   384 O  "O5'" . DG  A 1 19 ? -1.99278  -8.88939  7.67599  1.000 46.77952  ? 19  DG  A "O5'" 1 
ATOM   385 C  "C5'" . DG  A 1 19 ? -1.53138  -9.40423  6.44535  1.000 44.65178  ? 19  DG  A "C5'" 1 
ATOM   386 C  "C4'" . DG  A 1 19 ? -0.01193  -9.38559  6.36563  1.000 50.61969  ? 19  DG  A "C4'" 1 
ATOM   387 O  "O4'" . DG  A 1 19 ? 0.44635   -8.07309  5.96309  1.000 49.24314  ? 19  DG  A "O4'" 1 
ATOM   388 C  "C3'" . DG  A 1 19 ? 0.73415   -9.70334  7.65788  1.000 52.78668  ? 19  DG  A "C3'" 1 
ATOM   389 O  "O3'" . DG  A 1 19 ? 1.94806   -10.37909 7.33876  1.000 54.32645  ? 19  DG  A "O3'" 1 
ATOM   390 C  "C2'" . DG  A 1 19 ? 1.01853   -8.30619  8.21739  1.000 48.96721  ? 19  DG  A "C2'" 1 
ATOM   391 C  "C1'" . DG  A 1 19 ? 1.33663   -7.55722  6.93444  1.000 43.65887  ? 19  DG  A "C1'" 1 
ATOM   392 N  N9    . DG  A 1 19 ? 1.11153   -6.12349  6.99253  1.000 35.73251  ? 19  DG  A N9    1 
ATOM   393 C  C8    . DG  A 1 19 ? 0.00743   -5.47971  7.49144  1.000 40.00321  ? 19  DG  A C8    1 
ATOM   394 N  N7    . DG  A 1 19 ? 0.06746   -4.18315  7.37217  1.000 33.87561  ? 19  DG  A N7    1 
ATOM   395 C  C5    . DG  A 1 19 ? 1.27507   -3.95682  6.73071  1.000 30.69876  ? 19  DG  A C5    1 
ATOM   396 C  C6    . DG  A 1 19 ? 1.87147   -2.74652  6.32506  1.000 28.20388  ? 19  DG  A C6    1 
ATOM   397 O  O6    . DG  A 1 19 ? 1.43385   -1.59471  6.46031  1.000 36.99964  ? 19  DG  A O6    1 
ATOM   398 N  N1    . DG  A 1 19 ? 3.09691   -2.95710  5.70848  1.000 20.61665  ? 19  DG  A N1    1 
ATOM   399 C  C2    . DG  A 1 19 ? 3.67533   -4.18422  5.50550  1.000 31.70928  ? 19  DG  A C2    1 
ATOM   400 N  N2    . DG  A 1 19 ? 4.86649   -4.18274  4.88946  1.000 35.65965  ? 19  DG  A N2    1 
ATOM   401 N  N3    . DG  A 1 19 ? 3.12454   -5.33287  5.87493  1.000 40.71355  ? 19  DG  A N3    1 
ATOM   402 C  C4    . DG  A 1 19 ? 1.92660   -5.14197  6.48180  1.000 39.12208  ? 19  DG  A C4    1 
ATOM   403 P  P     . DT  A 1 20 ? 1.98783   -11.97900 7.17514  1.000 77.01742  ? 20  DT  A P     1 
ATOM   404 O  OP1   . DT  A 1 20 ? 0.98653   -12.39853 6.16733  1.000 58.12347  ? 20  DT  A OP1   1 
ATOM   405 O  OP2   . DT  A 1 20 ? 1.93236   -12.54626 8.54134  1.000 65.53948  ? 20  DT  A OP2   1 
ATOM   406 O  "O5'" . DT  A 1 20 ? 3.43878   -12.24843 6.55253  1.000 87.41868  ? 20  DT  A "O5'" 1 
ATOM   407 C  "C5'" . DT  A 1 20 ? 3.67373   -13.40201 5.75515  1.000 100.24657 ? 20  DT  A "C5'" 1 
ATOM   408 C  "C4'" . DT  A 1 20 ? 4.92094   -13.22654 4.90410  1.000 99.60810  ? 20  DT  A "C4'" 1 
ATOM   409 O  "O4'" . DT  A 1 20 ? 5.13482   -14.42860 4.12090  1.000 120.39536 ? 20  DT  A "O4'" 1 
ATOM   410 C  "C3'" . DT  A 1 20 ? 4.84927   -12.09975 3.88374  1.000 94.26164  ? 20  DT  A "C3'" 1 
ATOM   411 O  "O3'" . DT  A 1 20 ? 6.16489   -11.66377 3.54352  1.000 98.96472  ? 20  DT  A "O3'" 1 
ATOM   412 C  "C2'" . DT  A 1 20 ? 4.17933   -12.79584 2.70774  1.000 109.62443 ? 20  DT  A "C2'" 1 
ATOM   413 C  "C1'" . DT  A 1 20 ? 4.84671   -14.16891 2.75713  1.000 127.01179 ? 20  DT  A "C1'" 1 
ATOM   414 N  N1    . DT  A 1 20 ? 3.98891   -15.27366 2.23423  1.000 124.23932 ? 20  DT  A N1    1 
ATOM   415 C  C2    . DT  A 1 20 ? 4.56126   -16.49046 1.94735  1.000 124.12671 ? 20  DT  A C2    1 
ATOM   416 O  O2    . DT  A 1 20 ? 5.74664   -16.72314 2.09952  1.000 128.32558 ? 20  DT  A O2    1 
ATOM   417 N  N3    . DT  A 1 20 ? 3.69038   -17.43487 1.47336  1.000 139.04133 ? 20  DT  A N3    1 
ATOM   418 C  C4    . DT  A 1 20 ? 2.33173   -17.28727 1.26034  1.000 137.51964 ? 20  DT  A C4    1 
ATOM   419 O  O4    . DT  A 1 20 ? 1.63194   -18.19877 0.82958  1.000 137.16162 ? 20  DT  A O4    1 
ATOM   420 C  C5    . DT  A 1 20 ? 1.79487   -15.98538 1.58017  1.000 128.30833 ? 20  DT  A C5    1 
ATOM   421 C  C7    . DT  A 1 20 ? 0.33344   -15.70438 1.39074  1.000 111.29438 ? 20  DT  A C7    1 
ATOM   422 C  C6    . DT  A 1 20 ? 2.63977   -15.05260 2.04573  1.000 126.66002 ? 20  DT  A C6    1 
ATOM   423 P  P     . DG  A 1 21 ? 6.70253   -10.23114 4.03725  1.000 84.05559  ? 21  DG  A P     1 
ATOM   424 O  OP1   . DG  A 1 21 ? 7.84061   -10.46881 4.95231  1.000 97.96011  ? 21  DG  A OP1   1 
ATOM   425 O  OP2   . DG  A 1 21 ? 5.53309   -9.45524  4.50428  1.000 85.17444  ? 21  DG  A OP2   1 
ATOM   426 O  "O5'" . DG  A 1 21 ? 7.24891   -9.53701  2.70278  1.000 71.41196  ? 21  DG  A "O5'" 1 
ATOM   427 C  "C5'" . DG  A 1 21 ? 6.33165   -8.99902  1.75876  1.000 71.21611  ? 21  DG  A "C5'" 1 
ATOM   428 C  "C4'" . DG  A 1 21 ? 7.02243   -8.02441  0.82030  1.000 70.33072  ? 21  DG  A "C4'" 1 
ATOM   429 O  "O4'" . DG  A 1 21 ? 6.06340   -7.02793  0.38064  1.000 63.83647  ? 21  DG  A "O4'" 1 
ATOM   430 C  "C3'" . DG  A 1 21 ? 8.15952   -7.21972  1.43738  1.000 66.14415  ? 21  DG  A "C3'" 1 
ATOM   431 O  "O3'" . DG  A 1 21 ? 9.04078   -6.78063  0.40833  1.000 68.31400  ? 21  DG  A "O3'" 1 
ATOM   432 C  "C2'" . DG  A 1 21 ? 7.40486   -6.04712  2.04729  1.000 51.72493  ? 21  DG  A "C2'" 1 
ATOM   433 C  "C1'" . DG  A 1 21 ? 6.39949   -5.76796  0.94205  1.000 53.95542  ? 21  DG  A "C1'" 1 
ATOM   434 N  N9    . DG  A 1 21 ? 5.17488   -5.12773  1.39515  1.000 51.32840  ? 21  DG  A N9    1 
ATOM   435 C  C8    . DG  A 1 21 ? 4.08585   -5.73596  1.97008  1.000 39.94494  ? 21  DG  A C8    1 
ATOM   436 N  N7    . DG  A 1 21 ? 3.12300   -4.90948  2.25845  1.000 29.75744  ? 21  DG  A N7    1 
ATOM   437 C  C5    . DG  A 1 21 ? 3.60423   -3.67174  1.84007  1.000 38.57101  ? 21  DG  A C5    1 
ATOM   438 C  C6    . DG  A 1 21 ? 3.00293   -2.39390  1.89477  1.000 38.64059  ? 21  DG  A C6    1 
ATOM   439 O  O6    . DG  A 1 21 ? 1.88993   -2.09133  2.33625  1.000 44.93437  ? 21  DG  A O6    1 
ATOM   440 N  N1    . DG  A 1 21 ? 3.83044   -1.41080  1.36233  1.000 47.21938  ? 21  DG  A N1    1 
ATOM   441 C  C2    . DG  A 1 21 ? 5.08660   -1.63546  0.84576  1.000 44.57225  ? 21  DG  A C2    1 
ATOM   442 N  N2    . DG  A 1 21 ? 5.74037   -0.55962  0.38020  1.000 37.45457  ? 21  DG  A N2    1 
ATOM   443 N  N3    . DG  A 1 21 ? 5.65960   -2.82766  0.78908  1.000 37.28987  ? 21  DG  A N3    1 
ATOM   444 C  C4    . DG  A 1 21 ? 4.86350   -3.79422  1.30219  1.000 40.99935  ? 21  DG  A C4    1 
ATOM   445 P  P     . DG  A 1 22 ? 10.50735  -6.23722  0.77293  1.000 59.94631  ? 22  DG  A P     1 
ATOM   446 O  OP1   . DG  A 1 22 ? 11.48502  -7.12531  0.10473  1.000 66.14407  ? 22  DG  A OP1   1 
ATOM   447 O  OP2   . DG  A 1 22 ? 10.56044  -6.05716  2.24140  1.000 61.57154  ? 22  DG  A OP2   1 
ATOM   448 O  "O5'" . DG  A 1 22 ? 10.57764  -4.78695  0.08578  1.000 72.91910  ? 22  DG  A "O5'" 1 
ATOM   449 C  "C5'" . DG  A 1 22 ? 9.62628   -3.77571  0.43171  1.000 60.59050  ? 22  DG  A "C5'" 1 
ATOM   450 C  "C4'" . DG  A 1 22 ? 10.26186  -2.39446  0.43317  1.000 50.10565  ? 22  DG  A "C4'" 1 
ATOM   451 O  "O4'" . DG  A 1 22 ? 9.25062   -1.41763  0.78089  1.000 50.76121  ? 22  DG  A "O4'" 1 
ATOM   452 C  "C3'" . DG  A 1 22 ? 11.34791  -2.19955  1.47953  1.000 67.59163  ? 22  DG  A "C3'" 1 
ATOM   453 O  "O3'" . DG  A 1 22 ? 12.15625  -1.03888  1.19082  1.000 68.39568  ? 22  DG  A "O3'" 1 
ATOM   454 C  "C2'" . DG  A 1 22 ? 10.49693  -1.94766  2.71338  1.000 61.27369  ? 22  DG  A "C2'" 1 
ATOM   455 C  "C1'" . DG  A 1 22 ? 9.42736   -1.01928  2.13254  1.000 48.92664  ? 22  DG  A "C1'" 1 
ATOM   456 N  N9    . DG  A 1 22 ? 8.14136   -1.12008  2.80560  1.000 36.33466  ? 22  DG  A N9    1 
ATOM   457 C  C8    . DG  A 1 22 ? 7.57740   -2.25486  3.33471  1.000 40.87176  ? 22  DG  A C8    1 
ATOM   458 N  N7    . DG  A 1 22 ? 6.41308   -2.05217  3.87825  1.000 38.34598  ? 22  DG  A N7    1 
ATOM   459 C  C5    . DG  A 1 22 ? 6.18425   -0.69666  3.69584  1.000 32.06257  ? 22  DG  A C5    1 
ATOM   460 C  C6    . DG  A 1 22 ? 5.07658   0.08757   4.07008  1.000 29.77435  ? 22  DG  A C6    1 
ATOM   461 O  O6    . DG  A 1 22 ? 4.05590   -0.27235  4.66185  1.000 26.93309  ? 22  DG  A O6    1 
ATOM   462 N  N1    . DG  A 1 22 ? 5.23498   1.41982   3.69664  1.000 32.32097  ? 22  DG  A N1    1 
ATOM   463 C  C2    . DG  A 1 22 ? 6.33133   1.92644   3.03798  1.000 35.93460  ? 22  DG  A C2    1 
ATOM   464 N  N2    . DG  A 1 22 ? 6.30268   3.23992   2.76388  1.000 39.09323  ? 22  DG  A N2    1 
ATOM   465 N  N3    . DG  A 1 22 ? 7.38237   1.19781   2.67495  1.000 32.90078  ? 22  DG  A N3    1 
ATOM   466 C  C4    . DG  A 1 22 ? 7.23818   -0.10485  3.03771  1.000 42.38176  ? 22  DG  A C4    1 
ATOM   467 P  P     . DT  A 1 23 ? 12.79061  -0.76676  -0.26431 1.000 69.72714  ? 23  DT  A P     1 
ATOM   468 O  OP1   . DT  A 1 23 ? 12.84660  -2.01944  -1.05243 1.000 60.47217  ? 23  DT  A OP1   1 
ATOM   469 O  OP2   . DT  A 1 23 ? 14.04917  -0.02656  -0.03225 1.000 76.37476  ? 23  DT  A OP2   1 
ATOM   470 O  "O5'" . DT  A 1 23 ? 11.75869  0.25932   -0.92664 1.000 66.41498  ? 23  DT  A "O5'" 1 
ATOM   471 C  "C5'" . DT  A 1 23 ? 12.06525  0.88790   -2.15764 1.000 69.01203  ? 23  DT  A "C5'" 1 
ATOM   472 C  "C4'" . DT  A 1 23 ? 12.81527  2.18786   -1.92932 1.000 76.71986  ? 23  DT  A "C4'" 1 
ATOM   473 O  "O4'" . DT  A 1 23 ? 13.90052  2.27247   -2.86779 1.000 84.04099  ? 23  DT  A "O4'" 1 
ATOM   474 C  "C3'" . DT  A 1 23 ? 11.99840  3.45259   -2.14680 1.000 68.82189  ? 23  DT  A "C3'" 1 
ATOM   475 O  "O3'" . DT  A 1 23 ? 11.36264  3.81766   -0.92040 1.000 74.40178  ? 23  DT  A "O3'" 1 
ATOM   476 C  "C2'" . DT  A 1 23 ? 13.05782  4.47935   -2.55902 1.000 75.25270  ? 23  DT  A "C2'" 1 
ATOM   477 C  "C1'" . DT  A 1 23 ? 14.20324  3.62274   -3.12293 1.000 83.57174  ? 23  DT  A "C1'" 1 
ATOM   478 N  N1    . DT  A 1 23 ? 14.42296  3.79106   -4.59305 1.000 84.46220  ? 23  DT  A N1    1 
ATOM   479 C  C2    . DT  A 1 23 ? 15.33096  2.97913   -5.23690 1.000 85.90245  ? 23  DT  A C2    1 
ATOM   480 O  O2    . DT  A 1 23 ? 15.97488  2.11160   -4.67047 1.000 83.06919  ? 23  DT  A O2    1 
ATOM   481 N  N3    . DT  A 1 23 ? 15.46033  3.21859   -6.57973 1.000 90.56858  ? 23  DT  A N3    1 
ATOM   482 C  C4    . DT  A 1 23 ? 14.78798  4.16829   -7.32935 1.000 89.34739  ? 23  DT  A C4    1 
ATOM   483 O  O4    . DT  A 1 23 ? 14.97244  4.30326   -8.53728 1.000 60.34782  ? 23  DT  A O4    1 
ATOM   484 C  C5    . DT  A 1 23 ? 13.85238  4.98730   -6.59156 1.000 87.94725  ? 23  DT  A C5    1 
ATOM   485 C  C7    . DT  A 1 23 ? 13.06307  6.05227   -7.29394 1.000 87.51221  ? 23  DT  A C7    1 
ATOM   486 C  C6    . DT  A 1 23 ? 13.71688  4.76034   -5.27601 1.000 85.16219  ? 23  DT  A C6    1 
ATOM   487 P  P     . DG  A 1 24 ? 10.26380  4.99198   -0.85272 1.000 64.37864  ? 24  DG  A P     1 
ATOM   488 O  OP1   . DG  A 1 24 ? 10.88415  6.26929   -1.27698 1.000 57.82721  ? 24  DG  A OP1   1 
ATOM   489 O  OP2   . DG  A 1 24 ? 9.65763   4.88713   0.49456  1.000 64.91952  ? 24  DG  A OP2   1 
ATOM   490 O  "O5'" . DG  A 1 24 ? 9.15112   4.57594   -1.92850 1.000 55.10523  ? 24  DG  A "O5'" 1 
ATOM   491 C  "C5'" . DG  A 1 24 ? 8.64763   5.54325   -2.85809 1.000 41.14727  ? 24  DG  A "C5'" 1 
ATOM   492 C  "C4'" . DG  A 1 24 ? 7.30327   6.12113   -2.41415 1.000 47.75414  ? 24  DG  A "C4'" 1 
ATOM   493 O  "O4'" . DG  A 1 24 ? 6.33638   5.06049   -2.17383 1.000 46.75562  ? 24  DG  A "O4'" 1 
ATOM   494 C  "C3'" . DG  A 1 24 ? 7.31992   6.96651   -1.13430 1.000 48.56145  ? 24  DG  A "C3'" 1 
ATOM   495 O  "O3'" . DG  A 1 24 ? 6.49600   8.10843   -1.33599 1.000 47.45056  ? 24  DG  A "O3'" 1 
ATOM   496 C  "C2'" . DG  A 1 24 ? 6.71193   6.01833   -0.09743 1.000 36.48619  ? 24  DG  A "C2'" 1 
ATOM   497 C  "C1'" . DG  A 1 24 ? 5.67472   5.32824   -0.95529 1.000 47.70029  ? 24  DG  A "C1'" 1 
ATOM   498 N  N9    . DG  A 1 24 ? 5.13980   4.07763   -0.41635 1.000 34.32671  ? 24  DG  A N9    1 
ATOM   499 C  C8    . DG  A 1 24 ? 5.72996   2.83736   -0.44939 1.000 34.88801  ? 24  DG  A C8    1 
ATOM   500 N  N7    . DG  A 1 24 ? 4.99483   1.89409   0.08099  1.000 35.18721  ? 24  DG  A N7    1 
ATOM   501 C  C5    . DG  A 1 24 ? 3.83637   2.54868   0.47838  1.000 43.47609  ? 24  DG  A C5    1 
ATOM   502 C  C6    . DG  A 1 24 ? 2.67361   2.04425   1.11777  1.000 36.67631  ? 24  DG  A C6    1 
ATOM   503 O  O6    . DG  A 1 24 ? 2.42859   0.87848   1.46677  1.000 35.07488  ? 24  DG  A O6    1 
ATOM   504 N  N1    . DG  A 1 24 ? 1.73679   3.04706   1.34673  1.000 31.65072  ? 24  DG  A N1    1 
ATOM   505 C  C2    . DG  A 1 24 ? 1.89835   4.36949   1.00225  1.000 36.51823  ? 24  DG  A C2    1 
ATOM   506 N  N2    . DG  A 1 24 ? 0.88063   5.18731   1.30541  1.000 36.58477  ? 24  DG  A N2    1 
ATOM   507 N  N3    . DG  A 1 24 ? 2.98210   4.85829   0.40358  1.000 36.01772  ? 24  DG  A N3    1 
ATOM   508 C  C4    . DG  A 1 24 ? 3.90843   3.89362   0.17533  1.000 39.31847  ? 24  DG  A C4    1 
ATOM   509 P  P     . DG  A 1 25 ? 6.56502   9.37155   -0.34512 1.000 46.97848  ? 25  DG  A P     1 
ATOM   510 O  OP1   . DG  A 1 25 ? 7.12206   10.50703  -1.11600 1.000 72.02583  ? 25  DG  A OP1   1 
ATOM   511 O  OP2   . DG  A 1 25 ? 7.18440   8.95054   0.93135  1.000 52.51796  ? 25  DG  A OP2   1 
ATOM   512 O  "O5'" . DG  A 1 25 ? 5.03588   9.68409   -0.03472 1.000 57.55479  ? 25  DG  A "O5'" 1 
ATOM   513 C  "C5'" . DG  A 1 25 ? 4.23191   8.70022   0.58818  1.000 53.03647  ? 25  DG  A "C5'" 1 
ATOM   514 C  "C4'" . DG  A 1 25 ? 3.03027   9.34019   1.24636  1.000 55.32798  ? 25  DG  A "C4'" 1 
ATOM   515 O  "O4'" . DG  A 1 25 ? 2.19601   8.31006   1.81539  1.000 41.17424  ? 25  DG  A "O4'" 1 
ATOM   516 C  "C3'" . DG  A 1 25 ? 3.35913   10.25327  2.40824  1.000 50.76029  ? 25  DG  A "C3'" 1 
ATOM   517 O  "O3'" . DG  A 1 25 ? 2.28373   11.16071  2.62927  1.000 67.82323  ? 25  DG  A "O3'" 1 
ATOM   518 C  "C2'" . DG  A 1 25 ? 3.50200   9.25776   3.55382  1.000 43.59548  ? 25  DG  A "C2'" 1 
ATOM   519 C  "C1'" . DG  A 1 25 ? 2.43025   8.21917   3.20889  1.000 43.19268  ? 25  DG  A "C1'" 1 
ATOM   520 N  N9    . DG  A 1 25 ? 2.82761   6.84937   3.49647  1.000 27.71605  ? 25  DG  A N9    1 
ATOM   521 C  C8    . DG  A 1 25 ? 4.01589   6.25123   3.16686  1.000 27.52714  ? 25  DG  A C8    1 
ATOM   522 N  N7    . DG  A 1 25 ? 4.08927   5.00566   3.53185  1.000 24.37278  ? 25  DG  A N7    1 
ATOM   523 C  C5    . DG  A 1 25 ? 2.86533   4.75772   4.13895  1.000 32.53964  ? 25  DG  A C5    1 
ATOM   524 C  C6    . DG  A 1 25 ? 2.36583   3.57370   4.72968  1.000 27.55805  ? 25  DG  A C6    1 
ATOM   525 O  O6    . DG  A 1 25 ? 2.92959   2.47199   4.84026  1.000 23.43891  ? 25  DG  A O6    1 
ATOM   526 N  N1    . DG  A 1 25 ? 1.08100   3.75288   5.23101  1.000 29.69505  ? 25  DG  A N1    1 
ATOM   527 C  C2    . DG  A 1 25 ? 0.36566   4.92561   5.16575  1.000 35.16184  ? 25  DG  A C2    1 
ATOM   528 N  N2    . DG  A 1 25 ? -0.86264  4.90124   5.70362  1.000 38.76616  ? 25  DG  A N2    1 
ATOM   529 N  N3    . DG  A 1 25 ? 0.81882   6.04136   4.60818  1.000 33.33575  ? 25  DG  A N3    1 
ATOM   530 C  C4    . DG  A 1 25 ? 2.07484   5.88429   4.12005  1.000 37.73960  ? 25  DG  A C4    1 
HETATM 531 K  K     . K   B 2 .  ? -1.57743  -1.39856  -2.24603 1.000 51.93147  ? 101 K   A K     1 
HETATM 532 K  K     . K   C 2 .  ? 0.02634   -0.56913  0.89682  1.000 44.60655  ? 102 K   A K     1 
HETATM 533 K  K     . K   D 2 .  ? 1.54251   0.04146   3.88207  1.000 24.06526  ? 103 K   A K     1 
HETATM 534 K  K     . K   E 2 .  ? 2.87990   0.65619   6.87675  0.500 28.81586  ? 104 K   A K     1 
HETATM 535 NA NA    . NA  F 3 .  ? -3.52453  3.04206   -8.60454 1.000 83.33820  ? 105 NA  A NA    1 
HETATM 536 C  C1    . MPD G 4 .  ? 5.53777   13.43028  -7.71063 1.000 99.90631  ? 106 MPD A C1    1 
HETATM 537 C  C2    . MPD G 4 .  ? 6.37246   12.78638  -6.60580 1.000 98.28553  ? 106 MPD A C2    1 
HETATM 538 O  O2    . MPD G 4 .  ? 7.72879   12.82334  -6.95671 1.000 92.97311  ? 106 MPD A O2    1 
HETATM 539 C  CM    . MPD G 4 .  ? 5.92843   11.33372  -6.42958 1.000 89.42515  ? 106 MPD A CM    1 
HETATM 540 C  C3    . MPD G 4 .  ? 6.17227   13.56876  -5.30840 1.000 100.20949 ? 106 MPD A C3    1 
HETATM 541 C  C4    . MPD G 4 .  ? 6.61000   12.72442  -4.11286 1.000 98.09171  ? 106 MPD A C4    1 
HETATM 542 O  O4    . MPD G 4 .  ? 7.92450   13.05416  -3.75803 1.000 71.16169  ? 106 MPD A O4    1 
HETATM 543 C  C5    . MPD G 4 .  ? 5.66669   12.98617  -2.94042 1.000 105.70964 ? 106 MPD A C5    1 
HETATM 544 O  O     . HOH H 5 .  ? 14.97791  -7.89206  1.90707  1.000 65.83498  ? 201 HOH A O     1 
# 
loop_
_atom_site_anisotrop.id 
_atom_site_anisotrop.type_symbol 
_atom_site_anisotrop.pdbx_label_atom_id 
_atom_site_anisotrop.pdbx_label_alt_id 
_atom_site_anisotrop.pdbx_label_comp_id 
_atom_site_anisotrop.pdbx_label_asym_id 
_atom_site_anisotrop.pdbx_label_seq_id 
_atom_site_anisotrop.pdbx_PDB_ins_code 
_atom_site_anisotrop.U[1][1] 
_atom_site_anisotrop.U[2][2] 
_atom_site_anisotrop.U[3][3] 
_atom_site_anisotrop.U[1][2] 
_atom_site_anisotrop.U[1][3] 
_atom_site_anisotrop.U[2][3] 
_atom_site_anisotrop.pdbx_auth_seq_id 
_atom_site_anisotrop.pdbx_auth_comp_id 
_atom_site_anisotrop.pdbx_auth_asym_id 
_atom_site_anisotrop.pdbx_auth_atom_id 
1   O  "O5'" . DG  A 1  ? 1.32444 1.28797 0.94659 -0.16688 -0.13826 0.29662  1   DG  A "O5'" 
2   C  "C5'" . DG  A 1  ? 0.96412 0.94938 0.63365 -0.15374 -0.12526 0.27989  1   DG  A "C5'" 
3   C  "C4'" . DG  A 1  ? 0.80019 0.74790 0.40886 -0.16147 -0.08742 0.22137  1   DG  A "C4'" 
4   O  "O4'" . DG  A 1  ? 0.72747 0.69796 0.36940 -0.16126 -0.08629 0.20717  1   DG  A "O4'" 
5   C  "C3'" . DG  A 1  ? 0.88379 0.79774 0.40525 -0.20413 -0.09607 0.19615  1   DG  A "C3'" 
6   O  "O3'" . DG  A 1  ? 0.90220 0.77592 0.39063 -0.19453 -0.05002 0.14956  1   DG  A "O3'" 
7   C  "C2'" . DG  A 1  ? 0.87731 0.80780 0.39755 -0.23221 -0.11671 0.18611  1   DG  A "C2'" 
8   C  "C1'" . DG  A 1  ? 0.72564 0.67438 0.30565 -0.19655 -0.08898 0.17224  1   DG  A "C1'" 
9   N  N9    . DG  A 1  ? 0.70294 0.68513 0.31481 -0.20931 -0.11097 0.17739  1   DG  A N9    
10  C  C8    . DG  A 1  ? 0.69826 0.73605 0.38866 -0.20181 -0.14555 0.22219  1   DG  A C8    
11  N  N7    . DG  A 1  ? 0.65735 0.71661 0.36335 -0.21652 -0.15770 0.21411  1   DG  A N7    
12  C  C5    . DG  A 1  ? 0.68724 0.69792 0.31776 -0.23445 -0.12696 0.15997  1   DG  A C5    
13  C  C6    . DG  A 1  ? 0.73238 0.73461 0.34487 -0.25327 -0.11867 0.12718  1   DG  A C6    
14  O  O6    . DG  A 1  ? 0.66276 0.70073 0.31234 -0.26161 -0.14023 0.13811  1   DG  A O6    
15  N  N1    . DG  A 1  ? 0.84560 0.79255 0.40412 -0.25894 -0.07915 0.07897  1   DG  A N1    
16  C  C2    . DG  A 1  ? 0.77163 0.68206 0.30083 -0.24909 -0.05472 0.06465  1   DG  A C2    
17  N  N2    . DG  A 1  ? 0.83344 0.70123 0.33832 -0.25289 -0.02090 0.02553  1   DG  A N2    
18  N  N3    . DG  A 1  ? 0.72050 0.63801 0.25439 -0.23488 -0.06289 0.09099  1   DG  A N3    
19  C  C4    . DG  A 1  ? 0.70731 0.67296 0.28967 -0.22809 -0.09804 0.13804  1   DG  A C4    
20  P  P     . DT  A 2  ? 1.00833 0.83663 0.42028 -0.22734 -0.04583 0.12927  2   DT  A P     
21  O  OP1   . DT  A 2  ? 1.03657 0.83798 0.45416 -0.20807 0.00108  0.08509  2   DT  A OP1   
22  O  OP2   . DT  A 2  ? 0.95737 0.78763 0.34799 -0.23708 -0.07479 0.17116  2   DT  A OP2   
23  O  "O5'" . DT  A 2  ? 0.94686 0.76485 0.31872 -0.27328 -0.06597 0.11598  2   DT  A "O5'" 
24  C  "C5'" . DT  A 2  ? 1.18265 0.95218 0.49394 -0.30580 -0.05000 0.08565  2   DT  A "C5'" 
25  C  "C4'" . DT  A 2  ? 1.20740 0.96616 0.51570 -0.32446 -0.03950 0.05748  2   DT  A "C4'" 
26  O  "O4'" . DT  A 2  ? 1.14578 0.94439 0.47306 -0.33722 -0.07635 0.08262  2   DT  A "O4'" 
27  C  "C3'" . DT  A 2  ? 1.10604 0.81472 0.34430 -0.37335 -0.03370 0.04002  2   DT  A "C3'" 
28  O  "O3'" . DT  A 2  ? 1.25255 0.94268 0.50460 -0.37325 -0.00273 0.00727  2   DT  A "O3'" 
29  C  "C2'" . DT  A 2  ? 1.18397 0.91025 0.38624 -0.41725 -0.08442 0.07476  2   DT  A "C2'" 
30  C  "C1'" . DT  A 2  ? 1.23318 1.01769 0.50323 -0.39164 -0.10561 0.09416  2   DT  A "C1'" 
31  N  N1    . DT  A 2  ? 1.18070 1.01085 0.46711 -0.40242 -0.16028 0.14713  2   DT  A N1    
32  C  C2    . DT  A 2  ? 1.23122 1.08438 0.51210 -0.44085 -0.19873 0.16840  2   DT  A C2    
33  O  O2    . DT  A 2  ? 1.20484 1.03872 0.45866 -0.46795 -0.18773 0.14424  2   DT  A O2    
34  N  N3    . DT  A 2  ? 1.25679 1.15806 0.57301 -0.44493 -0.24920 0.22194  2   DT  A N3    
35  C  C4    . DT  A 2  ? 1.22738 1.15179 0.58283 -0.41354 -0.26206 0.25614  2   DT  A C4    
36  O  O4    . DT  A 2  ? 1.35693 1.32608 0.75684 -0.41669 -0.30644 0.30686  2   DT  A O4    
37  C  C5    . DT  A 2  ? 1.21451 1.10717 0.56265 -0.37548 -0.21691 0.22966  2   DT  A C5    
38  C  C7    . DT  A 2  ? 1.15041 1.05867 0.53596 -0.33925 -0.22048 0.26297  2   DT  A C7    
39  C  C6    . DT  A 2  ? 1.11322 0.96293 0.42824 -0.37262 -0.17009 0.17686  2   DT  A C6    
40  P  P     . DG  A 3  ? 1.47302 1.12171 0.73642 -0.35813 0.04681  -0.02679 3   DG  A P     
41  O  OP1   . DG  A 3  ? 1.44591 1.09150 0.71469 -0.33655 0.05331  -0.02166 3   DG  A OP1   
42  O  OP2   . DG  A 3  ? 1.51174 1.10434 0.71292 -0.40915 0.06273  -0.04321 3   DG  A OP2   
43  O  "O5'" . DG  A 3  ? 1.25422 0.92815 0.59397 -0.31883 0.06726  -0.04149 3   DG  A "O5'" 
44  C  "C5'" . DG  A 3  ? 1.06565 0.78207 0.43706 -0.30823 0.04729  -0.03237 3   DG  A "C5'" 
45  C  "C4'" . DG  A 3  ? 1.09397 0.78686 0.46201 -0.32802 0.06712  -0.05213 3   DG  A "C4'" 
46  O  "O4'" . DG  A 3  ? 1.11651 0.85013 0.51222 -0.32084 0.04616  -0.04318 3   DG  A "O4'" 
47  C  "C3'" . DG  A 3  ? 1.14295 0.78785 0.43423 -0.38397 0.06987  -0.05728 3   DG  A "C3'" 
48  O  "O3'" . DG  A 3  ? 1.23334 0.84509 0.52497 -0.39789 0.10341  -0.07842 3   DG  A "O3'" 
49  C  "C2'" . DG  A 3  ? 1.19597 0.87254 0.46320 -0.40816 0.02595  -0.03341 3   DG  A "C2'" 
50  C  "C1'" . DG  A 3  ? 1.06858 0.78979 0.40368 -0.37281 0.02353  -0.03347 3   DG  A "C1'" 
51  N  N9    . DG  A 3  ? 0.97020 0.73784 0.31425 -0.37840 -0.02027 -0.00351 3   DG  A N9    
52  C  C8    . DG  A 3  ? 1.03986 0.83252 0.38172 -0.37643 -0.05294 0.02728  3   DG  A C8    
53  N  N7    . DG  A 3  ? 0.98291 0.82315 0.35093 -0.38095 -0.09220 0.05793  3   DG  A N7    
54  C  C5    . DG  A 3  ? 0.94880 0.79349 0.33028 -0.38768 -0.08350 0.04197  3   DG  A C5    
55  C  C6    . DG  A 3  ? 0.94691 0.83645 0.36180 -0.39473 -0.11332 0.06135  3   DG  A C6    
56  O  O6    . DG  A 3  ? 0.92099 0.86067 0.37217 -0.39508 -0.15648 0.10119  3   DG  A O6    
57  N  N1    . DG  A 3  ? 0.91783 0.79244 0.33276 -0.39901 -0.08809 0.03339  3   DG  A N1    
58  C  C2    . DG  A 3  ? 0.92296 0.74878 0.31791 -0.39487 -0.04152 -0.00293 3   DG  A C2    
59  N  N2    . DG  A 3  ? 0.96523 0.78525 0.36988 -0.39704 -0.02284 -0.02089 3   DG  A N2    
60  N  N3    . DG  A 3  ? 0.95414 0.74245 0.32887 -0.38760 -0.01597 -0.01699 3   DG  A N3    
61  C  C4    . DG  A 3  ? 0.95105 0.75011 0.31650 -0.38525 -0.03841 0.00443  3   DG  A C4    
62  P  P     . DG  A 4  ? 1.39139 0.99094 0.74207 -0.36494 0.14389  -0.09617 4   DG  A P     
63  O  OP1   . DG  A 4  ? 1.22551 0.81744 0.59040 -0.34452 0.15309  -0.09629 4   DG  A OP1   
64  O  OP2   . DG  A 4  ? 1.46103 1.01311 0.78355 -0.39708 0.17618  -0.11195 4   DG  A OP2   
65  O  "O5'" . DG  A 4  ? 1.23113 0.88635 0.65458 -0.32356 0.13163  -0.09102 4   DG  A "O5'" 
66  C  "C5'" . DG  A 4  ? 1.19494 0.85229 0.67799 -0.29575 0.15717  -0.10051 4   DG  A "C5'" 
67  C  "C4'" . DG  A 4  ? 1.14752 0.83389 0.66271 -0.28621 0.15041  -0.10005 4   DG  A "C4'" 
68  O  "O4'" . DG  A 4  ? 1.09988 0.83866 0.64668 -0.25951 0.11945  -0.08679 4   DG  A "O4'" 
69  C  "C3'" . DG  A 4  ? 1.09951 0.76699 0.56243 -0.32724 0.14865  -0.10356 4   DG  A "C3'" 
70  O  "O3'" . DG  A 4  ? 1.20100 0.86661 0.69462 -0.32146 0.16845  -0.11198 4   DG  A "O3'" 
71  C  "C2'" . DG  A 4  ? 0.93077 0.64131 0.38402 -0.32845 0.10646  -0.08714 4   DG  A "C2'" 
72  C  "C1'" . DG  A 4  ? 0.88357 0.63934 0.40870 -0.27857 0.09852  -0.08141 4   DG  A "C1'" 
73  N  N9    . DG  A 4  ? 0.89033 0.68850 0.41958 -0.26715 0.06218  -0.06212 4   DG  A N9    
74  C  C8    . DG  A 4  ? 0.83918 0.64090 0.35156 -0.26541 0.04867  -0.04893 4   DG  A C8    
75  N  N7    . DG  A 4  ? 0.80815 0.64376 0.32026 -0.26983 0.01690  -0.02610 4   DG  A N7    
76  C  C5    . DG  A 4  ? 0.81838 0.67490 0.34897 -0.27609 0.00874  -0.02667 4   DG  A C5    
77  C  C6    . DG  A 4  ? 0.78967 0.69105 0.33732 -0.28411 -0.02616 -0.00253 4   DG  A C6    
78  O  O6    . DG  A 4  ? 0.78909 0.72474 0.34663 -0.28528 -0.06002 0.03096  4   DG  A O6    
79  N  N1    . DG  A 4  ? 0.72573 0.63541 0.29047 -0.28907 -0.02146 -0.01416 4   DG  A N1    
80  C  C2    . DG  A 4  ? 0.78793 0.66563 0.35289 -0.28485 0.01318  -0.04203 4   DG  A C2    
81  N  N2    . DG  A 4  ? 0.87251 0.76323 0.45460 -0.28874 0.01377  -0.04801 4   DG  A N2    
82  N  N3    . DG  A 4  ? 0.70983 0.54964 0.26550 -0.27670 0.04260  -0.05820 4   DG  A N3    
83  C  C4    . DG  A 4  ? 0.83326 0.66490 0.37205 -0.27359 0.03829  -0.05061 4   DG  A C4    
84  P  P     . DT  A 5  ? 1.24154 0.87373 0.68458 -0.36473 0.18303  -0.12070 5   DT  A P     
85  O  OP1   . DT  A 5  ? 1.27527 0.90241 0.76222 -0.34905 0.21029  -0.12892 5   DT  A OP1   
86  O  OP2   . DT  A 5  ? 1.10250 0.68315 0.47308 -0.40835 0.19538  -0.12582 5   DT  A OP2   
87  O  "O5'" . DT  A 5  ? 1.20328 0.87543 0.63242 -0.37395 0.14450  -0.10917 5   DT  A "O5'" 
88  C  "C5'" . DT  A 5  ? 1.30725 0.96116 0.68289 -0.41719 0.14323  -0.11139 5   DT  A "C5'" 
89  C  "C4'" . DT  A 5  ? 1.30302 1.00677 0.68889 -0.41455 0.10407  -0.09769 5   DT  A "C4'" 
90  O  "O4'" . DT  A 5  ? 1.22785 0.95967 0.60536 -0.41338 0.06559  -0.07847 5   DT  A "O4'" 
91  C  "C3'" . DT  A 5  ? 1.21741 0.90771 0.54707 -0.46249 0.09714  -0.09727 5   DT  A "C3'" 
92  O  "O3'" . DT  A 5  ? 1.15178 0.88756 0.51147 -0.45238 0.07211  -0.08908 5   DT  A "O3'" 
93  C  "C2'" . DT  A 5  ? 1.32293 1.00204 0.58856 -0.50259 0.06963  -0.08238 5   DT  A "C2'" 
94  C  "C1'" . DT  A 5  ? 1.29642 1.01794 0.60353 -0.46953 0.04014  -0.06523 5   DT  A "C1'" 
95  N  N1    . DT  A 5  ? 1.23358 0.93769 0.50058 -0.48662 0.02719  -0.05444 5   DT  A N1    
96  C  C2    . DT  A 5  ? 1.24599 0.97145 0.47828 -0.52013 -0.01932 -0.02566 5   DT  A C2    
97  O  O2    . DT  A 5  ? 1.18136 0.94242 0.41789 -0.53733 -0.05235 -0.00682 5   DT  A O2    
98  N  N3    . DT  A 5  ? 1.21650 0.92269 0.41381 -0.53250 -0.02800 -0.01661 5   DT  A N3    
99  C  C4    . DT  A 5  ? 1.21089 0.87859 0.40316 -0.51541 0.00623  -0.03552 5   DT  A C4    
100 O  O4    . DT  A 5  ? 1.36413 1.01523 0.52141 -0.52896 -0.00380 -0.02643 5   DT  A O4    
101 C  C5    . DT  A 5  ? 1.18743 0.83875 0.42343 -0.48017 0.05230  -0.06334 5   DT  A C5    
102 C  C7    . DT  A 5  ? 1.25370 0.86291 0.48983 -0.46892 0.08998  -0.08023 5   DT  A C7    
103 C  C6    . DT  A 5  ? 1.18186 0.85246 0.45333 -0.46742 0.05934  -0.07004 5   DT  A C6    
104 P  P     . DG  A 6  ? 1.44740 1.19691 0.86761 -0.41668 0.09521  -0.10241 6   DG  A P     
105 O  OP1   . DG  A 6  ? 1.19615 0.90638 0.63136 -0.40472 0.14014  -0.11749 6   DG  A OP1   
106 O  OP2   . DG  A 6  ? 1.12928 0.88256 0.52231 -0.44698 0.08771  -0.10355 6   DG  A OP2   
107 O  "O5'" . DG  A 6  ? 1.02563 0.82850 0.51184 -0.37256 0.07054  -0.09153 6   DG  A "O5'" 
108 C  "C5'" . DG  A 6  ? 1.03661 0.86719 0.57546 -0.34525 0.07329  -0.09609 6   DG  A "C5'" 
109 C  "C4'" . DG  A 6  ? 0.89374 0.76696 0.43379 -0.36065 0.03313  -0.08088 6   DG  A "C4'" 
110 O  "O4'" . DG  A 6  ? 0.88717 0.78713 0.43473 -0.35733 0.00212  -0.06062 6   DG  A "O4'" 
111 C  "C3'" . DG  A 6  ? 1.01779 0.88717 0.50019 -0.41293 0.01156  -0.07298 6   DG  A "C3'" 
112 O  "O3'" . DG  A 6  ? 0.85541 0.76705 0.36851 -0.41461 -0.01686 -0.06472 6   DG  A "O3'" 
113 C  "C2'" . DG  A 6  ? 1.09714 0.96982 0.54133 -0.44005 -0.02000 -0.05007 6   DG  A "C2'" 
114 C  "C1'" . DG  A 6  ? 0.92172 0.83468 0.42654 -0.40143 -0.03791 -0.03723 6   DG  A "C1'" 
115 N  N9    . DG  A 6  ? 0.95988 0.87286 0.44853 -0.40552 -0.05527 -0.01896 6   DG  A N9    
116 C  C8    . DG  A 6  ? 1.02633 0.89691 0.48265 -0.40459 -0.02973 -0.03030 6   DG  A C8    
117 N  N7    . DG  A 6  ? 0.95466 0.83557 0.40309 -0.40720 -0.05364 -0.00957 6   DG  A N7    
118 C  C5    . DG  A 6  ? 0.86006 0.79704 0.34484 -0.40898 -0.09926 0.02199  6   DG  A C5    
119 C  C6    . DG  A 6  ? 0.86099 0.83622 0.36755 -0.40906 -0.14158 0.06092  6   DG  A C6    
120 O  O6    . DG  A 6  ? 1.01596 0.97854 0.50193 -0.40875 -0.14577 0.07166  6   DG  A O6    
121 N  N1    . DG  A 6  ? 0.83279 0.86797 0.40154 -0.40589 -0.18089 0.09153  6   DG  A N1    
122 C  C2    . DG  A 6  ? 0.86399 0.91692 0.46250 -0.40450 -0.17915 0.08041  6   DG  A C2    
123 N  N2    . DG  A 6  ? 0.78169 0.89567 0.45638 -0.39771 -0.21825 0.11415  6   DG  A N2    
124 N  N3    . DG  A 6  ? 0.92861 0.94248 0.49522 -0.40605 -0.13943 0.04087  6   DG  A N3    
125 C  C4    . DG  A 6  ? 0.93934 0.89744 0.45238 -0.40764 -0.10105 0.01577  6   DG  A C4    
126 P  P     . DG  A 7  ? 1.08555 1.01260 0.66279 -0.37469 0.00236  -0.08159 7   DG  A P     
127 O  OP1   . DG  A 7  ? 1.01298 0.89798 0.58614 -0.35937 0.05131  -0.10333 7   DG  A OP1   
128 O  OP2   . DG  A 7  ? 1.08586 1.04612 0.67687 -0.39405 -0.02896 -0.07359 7   DG  A OP2   
129 O  "O5'" . DG  A 7  ? 0.86713 0.82487 0.50565 -0.33400 -0.00636 -0.07406 7   DG  A "O5'" 
130 C  "C5'" . DG  A 7  ? 0.78570 0.77199 0.49197 -0.30246 -0.00620 -0.07946 7   DG  A "C5'" 
131 C  "C4'" . DG  A 7  ? 0.78653 0.82467 0.54815 -0.29698 -0.04733 -0.05484 7   DG  A "C4'" 
132 O  "O4'" . DG  A 7  ? 0.69089 0.72561 0.44364 -0.28701 -0.04635 -0.04586 7   DG  A "O4'" 
133 C  "C3'" . DG  A 7  ? 0.73361 0.80994 0.49858 -0.33160 -0.09788 -0.02351 7   DG  A "C3'" 
134 O  "O3'" . DG  A 7  ? 0.75239 0.88126 0.61313 -0.31467 -0.12110 -0.00753 7   DG  A "O3'" 
135 C  "C2'" . DG  A 7  ? 0.72749 0.80879 0.46529 -0.34344 -0.11995 0.00308  7   DG  A "C2'" 
136 C  "C1'" . DG  A 7  ? 0.69356 0.77041 0.46456 -0.30484 -0.09458 -0.00847 7   DG  A "C1'" 
137 N  N9    . DG  A 7  ? 0.73687 0.79674 0.46693 -0.30776 -0.09450 0.00161  7   DG  A N9    
138 C  C8    . DG  A 7  ? 0.78937 0.79409 0.45448 -0.31054 -0.05911 -0.01966 7   DG  A C8    
139 N  N7    . DG  A 7  ? 0.70633 0.70570 0.35260 -0.31052 -0.06626 -0.00573 7   DG  A N7    
140 C  C5    . DG  A 7  ? 0.63962 0.69613 0.33913 -0.30756 -0.11050 0.03131  7   DG  A C5    
141 C  C6    . DG  A 7  ? 0.68927 0.76795 0.40138 -0.30266 -0.13607 0.06549  7   DG  A C6    
142 O  O6    . DG  A 7  ? 0.70086 0.74699 0.36592 -0.30239 -0.12319 0.06323  7   DG  A O6    
143 N  N1    . DG  A 7  ? 0.68356 0.82901 0.48908 -0.29088 -0.17567 0.10795  7   DG  A N1    
144 C  C2    . DG  A 7  ? 0.68321 0.86595 0.56261 -0.28437 -0.18548 0.11209  7   DG  A C2    
145 N  N2    . DG  A 7  ? 0.55293 0.79223 0.53694 -0.26324 -0.21190 0.15616  7   DG  A N2    
146 N  N3    . DG  A 7  ? 0.62016 0.77981 0.47677 -0.29225 -0.16347 0.07564  7   DG  A N3    
147 C  C4    . DG  A 7  ? 0.65233 0.74928 0.41549 -0.30401 -0.12770 0.03792  7   DG  A C4    
148 P  P     . DT  A 8  ? 1.02035 1.19241 0.91237 -0.34053 -0.16325 0.01940  8   DT  A P     
149 O  OP1   . DT  A 8  ? 0.81553 1.03079 0.82107 -0.30915 -0.16626 0.02664  8   DT  A OP1   
150 O  OP2   . DT  A 8  ? 0.81475 0.95174 0.62734 -0.37556 -0.15420 0.00002  8   DT  A OP2   
151 O  "O5'" . DT  A 8  ? 0.79657 0.99667 0.68085 -0.35930 -0.20533 0.06475  8   DT  A "O5'" 
152 C  "C5'" . DT  A 8  ? 0.78514 1.02519 0.74975 -0.32957 -0.22042 0.09664  8   DT  A "C5'" 
153 C  "C4'" . DT  A 8  ? 0.70129 0.96803 0.66012 -0.35175 -0.26453 0.14574  8   DT  A "C4'" 
154 O  "O4'" . DT  A 8  ? 0.71933 0.93930 0.56724 -0.38287 -0.26050 0.13762  8   DT  A "O4'" 
155 C  "C3'" . DT  A 8  ? 0.75817 1.05860 0.73510 -0.38037 -0.30112 0.17170  8   DT  A "C3'" 
156 O  "O3'" . DT  A 8  ? 0.73756 1.08410 0.78004 -0.37452 -0.33787 0.22622  8   DT  A "O3'" 
157 C  "C2'" . DT  A 8  ? 0.94078 1.19679 0.79441 -0.43132 -0.30300 0.15741  8   DT  A "C2'" 
158 C  "C1'" . DT  A 8  ? 0.81752 1.03738 0.61363 -0.42913 -0.28939 0.15532  8   DT  A "C1'" 
159 N  N1    . DT  A 8  ? 0.88336 1.03690 0.56256 -0.46101 -0.25991 0.12063  8   DT  A N1    
160 C  C2    . DT  A 8  ? 0.97062 1.09807 0.57936 -0.49255 -0.27029 0.13532  8   DT  A C2    
161 O  O2    . DT  A 8  ? 0.98028 1.13703 0.61323 -0.49628 -0.30575 0.17648  8   DT  A O2    
162 N  N3    . DT  A 8  ? 1.01997 1.08355 0.53509 -0.51853 -0.23431 0.10091  8   DT  A N3    
163 C  C4    . DT  A 8  ? 1.05308 1.07910 0.54290 -0.51358 -0.18980 0.05807  8   DT  A C4    
164 O  O4    . DT  A 8  ? 1.30293 1.27307 0.72081 -0.53562 -0.15606 0.03364  8   DT  A O4    
165 C  C5    . DT  A 8  ? 0.93388 0.99027 0.49579 -0.47986 -0.18388 0.04598  8   DT  A C5    
166 C  C7    . DT  A 8  ? 0.92320 0.94278 0.46888 -0.46998 -0.13722 0.00394  8   DT  A C7    
167 C  C6    . DT  A 8  ? 0.90414 1.02117 0.55480 -0.45684 -0.21884 0.07555  8   DT  A C6    
168 P  P     . DG  A 9  ? 0.82378 1.21297 1.00173 -0.32171 -0.33151 0.24972  9   DG  A P     
169 O  OP1   . DG  A 9  ? 0.96499 1.34960 1.18375 -0.29788 -0.29717 0.20952  9   DG  A OP1   
170 O  OP2   . DG  A 9  ? 0.72389 1.15946 0.96458 -0.32865 -0.37144 0.30482  9   DG  A OP2   
171 O  "O5'" . DG  A 9  ? 0.82147 1.19157 0.99474 -0.29455 -0.31287 0.25302  9   DG  A "O5'" 
172 C  "C5'" . DG  A 9  ? 0.79199 1.18039 1.06586 -0.24524 -0.29278 0.26766  9   DG  A "C5'" 
173 C  "C4'" . DG  A 9  ? 0.73492 1.13155 1.02573 -0.23636 -0.30768 0.31110  9   DG  A "C4'" 
174 O  "O4'" . DG  A 9  ? 0.74486 1.10586 0.94467 -0.24915 -0.30044 0.29359  9   DG  A "O4'" 
175 C  "C3'" . DG  A 9  ? 0.62630 1.05117 0.92163 -0.26584 -0.35447 0.36062  9   DG  A "C3'" 
176 O  "O3'" . DG  A 9  ? 0.62445 1.06659 0.99175 -0.23900 -0.35655 0.40325  9   DG  A "O3'" 
177 C  "C2'" . DG  A 9  ? 0.69583 1.08690 0.86229 -0.31168 -0.37044 0.34793  9   DG  A "C2'" 
178 C  "C1'" . DG  A 9  ? 0.74141 1.09941 0.87990 -0.28638 -0.33588 0.32197  9   DG  A "C1'" 
179 N  N9    . DG  A 9  ? 0.77402 1.08108 0.78616 -0.31799 -0.32489 0.28423  9   DG  A N9    
180 C  C8    . DG  A 9  ? 0.72653 1.00078 0.66737 -0.34112 -0.30709 0.23863  9   DG  A C8    
181 N  N7    . DG  A 9  ? 0.77750 0.99798 0.61340 -0.36274 -0.28806 0.20927  9   DG  A N7    
182 C  C5    . DG  A 9  ? 0.81553 1.03545 0.64991 -0.35437 -0.29727 0.23564  9   DG  A C5    
183 C  C6    . DG  A 9  ? 0.78150 0.95113 0.52796 -0.36693 -0.28068 0.21901  9   DG  A C6    
184 O  O6    . DG  A 9  ? 0.81807 0.93123 0.47553 -0.38700 -0.25038 0.17735  9   DG  A O6    
185 N  N1    . DG  A 9  ? 0.77925 0.96565 0.55803 -0.34968 -0.29625 0.25536  9   DG  A N1    
186 C  C2    . DG  A 9  ? 0.77496 1.01765 0.66342 -0.32213 -0.32035 0.30334  9   DG  A C2    
187 N  N2    . DG  A 9  ? 0.78497 1.03108 0.69135 -0.30600 -0.32651 0.33247  9   DG  A N2    
188 N  N3    . DG  A 9  ? 0.70585 0.99287 0.68388 -0.30854 -0.33074 0.31890  9   DG  A N3    
189 C  C4    . DG  A 9  ? 0.77481 1.04855 0.71729 -0.32653 -0.32039 0.28279  9   DG  A C4    
190 P  P     . DG  A 10 ? 0.86000 1.32312 1.35694 -0.19229 -0.33143 0.42055  10  DG  A P     
191 O  OP1   . DG  A 10 ? 0.67762 1.13380 1.19665 -0.17682 -0.30263 0.37991  10  DG  A OP1   
192 O  OP2   . DG  A 10 ? 0.84319 1.34474 1.39866 -0.20405 -0.36764 0.47595  10  DG  A OP2   
193 O  "O5'" . DG  A 10 ? 0.74161 1.18014 1.25814 -0.15503 -0.29482 0.41959  10  DG  A "O5'" 
194 C  "C5'" . DG  A 10 ? 0.62147 1.02519 1.07787 -0.14526 -0.26488 0.37721  10  DG  A "C5'" 
195 C  "C4'" . DG  A 10 ? 0.65343 1.04227 1.09793 -0.13107 -0.25404 0.39147  10  DG  A "C4'" 
196 O  "O4'" . DG  A 10 ? 0.63262 0.99152 1.00064 -0.13199 -0.23505 0.35251  10  DG  A "O4'" 
197 C  "C3'" . DG  A 10 ? 0.61526 1.01707 1.02369 -0.16099 -0.29696 0.43061  10  DG  A "C3'" 
198 O  "O3'" . DG  A 10 ? 0.65399 1.05003 1.09427 -0.13589 -0.28085 0.45172  10  DG  A "O3'" 
199 C  "C2'" . DG  A 10 ? 0.64892 1.02254 0.93194 -0.19672 -0.30947 0.39935  10  DG  A "C2'" 
200 C  "C1'" . DG  A 10 ? 0.57989 0.92748 0.85704 -0.16482 -0.26415 0.36134  10  DG  A "C1'" 
201 N  N9    . DG  A 10 ? 0.49033 0.80797 0.66421 -0.19068 -0.25971 0.31704  10  DG  A N9    
202 C  C8    . DG  A 10 ? 0.54850 0.86271 0.69993 -0.20731 -0.25571 0.28280  10  DG  A C8    
203 N  N7    . DG  A 10 ? 0.53413 0.80905 0.58210 -0.23128 -0.24387 0.24208  10  DG  A N7    
204 C  C5    . DG  A 10 ? 0.59968 0.84895 0.59355 -0.22957 -0.24045 0.24993  10  DG  A C5    
205 C  C6    . DG  A 10 ? 0.56933 0.75997 0.44499 -0.24619 -0.21726 0.21326  10  DG  A C6    
206 O  O6    . DG  A 10 ? 0.57048 0.71951 0.37124 -0.26532 -0.19239 0.16551  10  DG  A O6    
207 N  N1    . DG  A 10 ? 0.59119 0.76410 0.44635 -0.23409 -0.21311 0.23224  10  DG  A N1    
208 C  C2    . DG  A 10 ? 0.64640 0.85445 0.58428 -0.20975 -0.23050 0.28107  10  DG  A C2    
209 N  N2    . DG  A 10 ? 0.61951 0.79921 0.52154 -0.20072 -0.21954 0.28826  10  DG  A N2    
210 N  N3    . DG  A 10 ? 0.59527 0.85566 0.64632 -0.19372 -0.24846 0.31479  10  DG  A N3    
211 C  C4    . DG  A 10 ? 0.59336 0.87073 0.66509 -0.20447 -0.25196 0.29671  10  DG  A C4    
212 P  P     . DT  A 11 ? 0.86670 1.28394 1.31919 -0.15189 -0.31795 0.50322  11  DT  A P     
213 O  OP1   . DT  A 11 ? 0.78098 1.21186 1.34263 -0.11547 -0.29231 0.52994  11  DT  A OP1   
214 O  OP2   . DT  A 11 ? 0.71818 1.15751 1.13799 -0.19661 -0.36744 0.52128  11  DT  A OP2   
215 O  "O5'" . DT  A 11 ? 0.71235 1.09537 1.06841 -0.16001 -0.31777 0.49141  11  DT  A "O5'" 
216 C  "C5'" . DT  A 11 ? 0.77282 1.12376 1.00793 -0.19272 -0.32658 0.45613  11  DT  A "C5'" 
217 C  "C4'" . DT  A 11 ? 0.73656 1.06189 0.87998 -0.22101 -0.34911 0.46556  11  DT  A "C4'" 
218 O  "O4'" . DT  A 11 ? 0.93914 1.24233 0.97661 -0.27270 -0.37151 0.44401  11  DT  A "O4'" 
219 C  "C3'" . DT  A 11 ? 0.79991 1.15519 0.99206 -0.22733 -0.38256 0.51937  11  DT  A "C3'" 
220 O  "O3'" . DT  A 11 ? 0.85937 1.18148 0.97076 -0.24021 -0.38965 0.52213  11  DT  A "O3'" 
221 C  "C2'" . DT  A 11 ? 0.86248 1.24190 1.04068 -0.27216 -0.42446 0.53394  11  DT  A "C2'" 
222 C  "C1'" . DT  A 11 ? 0.88165 1.21499 0.93291 -0.30652 -0.41700 0.48337  11  DT  A "C1'" 
223 N  N1    . DT  A 11 ? 0.88786 1.23316 0.93166 -0.33248 -0.42768 0.46861  11  DT  A N1    
224 C  C2    . DT  A 11 ? 0.94948 1.25615 0.87690 -0.37956 -0.43184 0.43616  11  DT  A C2    
225 O  O2    . DT  A 11 ? 1.00143 1.26243 0.83235 -0.40196 -0.42590 0.41807  11  DT  A O2    
226 N  N3    . DT  A 11 ? 0.95307 1.27140 0.88120 -0.39891 -0.43767 0.42301  11  DT  A N3    
227 C  C4    . DT  A 11 ? 0.90162 1.26574 0.93214 -0.37557 -0.44133 0.43772  11  DT  A C4    
228 O  O4    . DT  A 11 ? 0.91246 1.28203 0.93184 -0.39484 -0.44559 0.42188  11  DT  A O4    
229 C  C5    . DT  A 11 ? 0.84008 1.23960 0.99079 -0.32656 -0.43411 0.47023  11  DT  A C5    
230 C  C7    . DT  A 11 ? 0.78905 1.22944 1.05603 -0.29763 -0.42881 0.48391  11  DT  A C7    
231 C  C6    . DT  A 11 ? 0.83636 1.22461 0.98831 -0.30798 -0.42661 0.48412  11  DT  A C6    
232 P  P     . DG  A 12 ? 0.91899 1.20984 1.03048 -0.19733 -0.34837 0.51075  12  DG  A P     
233 O  OP1   . DG  A 12 ? 0.84068 1.15753 1.07232 -0.14967 -0.31451 0.51546  12  DG  A OP1   
234 O  OP2   . DG  A 12 ? 0.89663 1.17597 0.97272 -0.20886 -0.37021 0.54063  12  DG  A OP2   
235 O  "O5'" . DG  A 12 ? 0.93709 1.17187 0.93495 -0.20596 -0.31814 0.45257  12  DG  A "O5'" 
236 C  "C5'" . DG  A 12 ? 0.75661 0.95679 0.74355 -0.16880 -0.27116 0.42769  12  DG  A "C5'" 
237 C  "C4'" . DG  A 12 ? 0.90541 1.04281 0.75912 -0.19065 -0.25403 0.38765  12  DG  A "C4'" 
238 O  "O4'" . DG  A 12 ? 0.85322 0.97272 0.65304 -0.21068 -0.24140 0.34391  12  DG  A "O4'" 
239 C  "C3'" . DG  A 12 ? 1.04587 1.16361 0.81952 -0.23244 -0.28620 0.40009  12  DG  A "C3'" 
240 O  "O3'" . DG  A 12 ? 1.03952 1.09945 0.72860 -0.22953 -0.25505 0.37274  12  DG  A "O3'" 
241 C  "C2'" . DG  A 12 ? 0.93224 1.04721 0.65084 -0.27981 -0.30561 0.37817  12  DG  A "C2'" 
242 C  "C1'" . DG  A 12 ? 0.85519 0.94922 0.56215 -0.26146 -0.26250 0.32955  12  DG  A "C1'" 
243 N  N9    . DG  A 12 ? 0.88723 0.99627 0.59486 -0.28510 -0.27221 0.31276  12  DG  A N9    
244 C  C8    . DG  A 12 ? 0.84452 1.00916 0.63892 -0.28247 -0.29873 0.34081  12  DG  A C8    
245 N  N7    . DG  A 12 ? 0.81467 0.97588 0.58335 -0.30582 -0.29766 0.31387  12  DG  A N7    
246 C  C5    . DG  A 12 ? 0.84501 0.94382 0.50896 -0.32370 -0.26579 0.26465  12  DG  A C5    
247 C  C6    . DG  A 12 ? 0.86067 0.92414 0.46301 -0.34885 -0.24366 0.21847  12  DG  A C6    
248 O  O6    . DG  A 12 ? 0.88614 0.96661 0.50443 -0.36248 -0.25076 0.21170  12  DG  A O6    
249 N  N1    . DG  A 12 ? 0.88995 0.89092 0.41351 -0.35464 -0.20542 0.17739  12  DG  A N1    
250 C  C2    . DG  A 12 ? 0.97194 0.94859 0.47244 -0.33988 -0.19251 0.17925  12  DG  A C2    
251 N  N2    . DG  A 12 ? 0.92883 0.84762 0.36666 -0.34594 -0.15306 0.13683  12  DG  A N2    
252 N  N3    . DG  A 12 ? 0.89171 0.89862 0.43729 -0.31814 -0.21380 0.22117  12  DG  A N3    
253 C  C4    . DG  A 12 ? 0.86251 0.92973 0.49138 -0.31057 -0.24937 0.26292  12  DG  A C4    
254 P  P     . DA  A 13 ? 1.47166 1.51824 1.15095 -0.22123 -0.26280 0.40541  13  DA  A P     
255 O  OP1   . DA  A 13 ? 1.47762 1.58044 1.24657 -0.21912 -0.30578 0.46290  13  DA  A OP1   
256 O  OP2   . DA  A 13 ? 1.46725 1.46175 1.02950 -0.25846 -0.26045 0.38063  13  DA  A OP2   
257 O  "O5'" . DA  A 13 ? 1.45944 1.48420 1.17102 -0.16894 -0.21077 0.39234  13  DA  A "O5'" 
258 C  "C5'" . DA  A 13 ? 1.57559 1.63778 1.40282 -0.12798 -0.20116 0.41652  13  DA  A "C5'" 
259 C  "C4'" . DA  A 13 ? 1.86664 1.89439 1.69834 -0.09087 -0.14330 0.38517  13  DA  A "C4'" 
260 O  "O4'" . DA  A 13 ? 2.03146 2.00436 1.77981 -0.09263 -0.12115 0.37106  13  DA  A "O4'" 
261 C  "C3'" . DA  A 13 ? 1.89150 1.94576 1.83908 -0.04899 -0.12256 0.40518  13  DA  A "C3'" 
262 O  "O3'" . DA  A 13 ? 1.78741 1.87029 1.80011 -0.03530 -0.10680 0.38850  13  DA  A "O3'" 
263 C  "C2'" . DA  A 13 ? 1.97422 1.97431 1.88201 -0.02904 -0.07664 0.38265  13  DA  A "C2'" 
264 C  "C1'" . DA  A 13 ? 2.06065 2.01913 1.85456 -0.05737 -0.09072 0.38023  13  DA  A "C1'" 
265 N  N9    . DA  A 13 ? 2.06388 2.02697 1.86577 -0.05966 -0.11838 0.42397  13  DA  A N9    
266 C  C8    . DA  A 13 ? 2.00022 1.97924 1.88485 -0.03196 -0.11374 0.45556  13  DA  A C8    
267 N  N7    . DA  A 13 ? 2.05772 2.03651 1.92916 -0.04117 -0.14289 0.49390  13  DA  A N7    
268 C  C5    . DA  A 13 ? 2.07736 2.03964 1.84888 -0.08001 -0.16901 0.48533  13  DA  A C5    
269 C  C6    . DA  A 13 ? 1.97136 1.92594 1.68178 -0.11075 -0.20618 0.51153  13  DA  A C6    
270 N  N6    . DA  A 13 ? 1.98092 1.94340 1.72298 -0.10302 -0.22625 0.55784  13  DA  A N6    
271 N  N1    . DA  A 13 ? 1.83547 1.77291 1.45248 -0.15235 -0.22048 0.48689  13  DA  A N1    
272 C  C2    . DA  A 13 ? 1.92617 1.85528 1.51665 -0.15918 -0.19802 0.44023  13  DA  A C2    
273 N  N3    . DA  A 13 ? 2.02725 1.96356 1.66801 -0.13013 -0.16459 0.41558  13  DA  A N3    
274 C  C4    . DA  A 13 ? 2.08990 2.04256 1.81963 -0.09198 -0.15232 0.44045  13  DA  A C4    
275 P  P     . DT  A 14 ? 1.83303 1.91963 1.93138 0.00581  -0.05504 0.37191  14  DT  A P     
276 O  OP1   . DT  A 14 ? 1.72808 1.83132 1.90045 0.02570  -0.05141 0.40386  14  DT  A OP1   
277 O  OP2   . DT  A 14 ? 1.47073 1.50802 1.49867 0.00912  -0.01343 0.32477  14  DT  A OP2   
278 O  "O5'" . DT  A 14 ? 1.47603 1.61003 1.65608 0.01025  -0.05882 0.37047  14  DT  A "O5'" 
279 C  "C5'" . DT  A 14 ? 1.33955 1.49707 1.62299 0.03871  -0.02269 0.36507  14  DT  A "C5'" 
280 C  "C4'" . DT  A 14 ? 1.20364 1.41234 1.57831 0.03369  -0.04721 0.39683  14  DT  A "C4'" 
281 O  "O4'" . DT  A 14 ? 1.38081 1.60613 1.78458 0.03049  -0.07365 0.44091  14  DT  A "O4'" 
282 C  "C3'" . DT  A 14 ? 1.13258 1.36266 1.48364 0.00621  -0.08990 0.40151  14  DT  A "C3'" 
283 O  "O3'" . DT  A 14 ? 1.00110 1.26233 1.43886 0.01031  -0.08284 0.40460  14  DT  A "O3'" 
284 C  "C2'" . DT  A 14 ? 1.16094 1.40375 1.48047 -0.02012 -0.14276 0.44055  14  DT  A "C2'" 
285 C  "C1'" . DT  A 14 ? 1.37926 1.63534 1.77904 0.00213  -0.12870 0.47082  14  DT  A "C1'" 
286 N  N1    . DT  A 14 ? 1.40325 1.65452 1.76407 -0.01166 -0.16356 0.50542  14  DT  A N1    
287 C  C2    . DT  A 14 ? 1.28562 1.57105 1.65548 -0.04042 -0.21673 0.54285  14  DT  A C2    
288 O  O2    . DT  A 14 ? 1.30571 1.62449 1.71358 -0.05534 -0.23675 0.54877  14  DT  A O2    
289 N  N3    . DT  A 14 ? 1.24491 1.52127 1.57401 -0.05325 -0.24519 0.57294  14  DT  A N3    
290 C  C4    . DT  A 14 ? 1.38114 1.61488 1.66054 -0.03891 -0.22479 0.56886  14  DT  A C4    
291 O  O4    . DT  A 14 ? 1.46825 1.69349 1.71003 -0.05275 -0.25274 0.59793  14  DT  A O4    
292 C  C5    . DT  A 14 ? 1.41398 1.61173 1.68632 -0.00889 -0.16774 0.52785  14  DT  A C5    
293 C  C7    . DT  A 14 ? 1.50282 1.64887 1.71999 0.00591  -0.13946 0.51820  14  DT  A C7    
294 C  C6    . DT  A 14 ? 1.40207 1.61221 1.71611 0.00241  -0.14090 0.49877  14  DT  A C6    
295 P  P     . DG  A 15 ? 0.91128 1.15951 1.35297 0.01835  -0.04827 0.36222  15  DG  A P     
296 O  OP1   . DG  A 15 ? 0.97116 1.21697 1.48898 0.03031  -0.01360 0.36027  15  DG  A OP1   
297 O  OP2   . DG  A 15 ? 1.10975 1.32132 1.48119 0.02833  -0.02063 0.32812  15  DG  A OP2   
298 O  "O5'" . DG  A 15 ? 0.81673 1.08680 1.23067 -0.00960 -0.09411 0.36566  15  DG  A "O5'" 
299 C  "C5'" . DG  A 15 ? 0.65992 0.96482 1.11848 -0.02770 -0.13215 0.39881  15  DG  A "C5'" 
300 C  "C4'" . DG  A 15 ? 0.55737 0.87313 1.01628 -0.04191 -0.14441 0.38175  15  DG  A "C4'" 
301 O  "O4'" . DG  A 15 ? 0.51362 0.82262 0.87709 -0.06899 -0.16953 0.36214  15  DG  A "O4'" 
302 C  "C3'" . DG  A 15 ? 0.64229 0.93242 1.13245 -0.01724 -0.09498 0.34447  15  DG  A "C3'" 
303 O  "O3'" . DG  A 15 ? 0.64701 0.95073 1.17554 -0.02362 -0.10636 0.34565  15  DG  A "O3'" 
304 C  "C2'" . DG  A 15 ? 0.52128 0.79486 0.94175 -0.01979 -0.08592 0.30695  15  DG  A "C2'" 
305 C  "C1'" . DG  A 15 ? 0.54535 0.84382 0.90521 -0.05943 -0.14275 0.32223  15  DG  A "C1'" 
306 N  N9    . DG  A 15 ? 0.47257 0.74749 0.72979 -0.07624 -0.14517 0.29542  15  DG  A N9    
307 C  C8    . DG  A 15 ? 0.44362 0.67562 0.61975 -0.07700 -0.13082 0.28813  15  DG  A C8    
308 N  N7    . DG  A 15 ? 0.43497 0.62312 0.50713 -0.09746 -0.11333 0.24078  15  DG  A N7    
309 C  C5    . DG  A 15 ? 0.40480 0.60584 0.48727 -0.11078 -0.11698 0.21596  15  DG  A C5    
310 C  C6    . DG  A 15 ? 0.47058 0.63701 0.47332 -0.13282 -0.10029 0.16574  15  DG  A C6    
311 O  O6    . DG  A 15 ? 0.45007 0.56787 0.35920 -0.14472 -0.07743 0.13258  15  DG  A O6    
312 N  N1    . DG  A 15 ? 0.39238 0.58430 0.43828 -0.14028 -0.10898 0.15600  15  DG  A N1    
313 C  C2    . DG  A 15 ? 0.39336 0.63963 0.54784 -0.12895 -0.13088 0.18966  15  DG  A C2    
314 N  N2    . DG  A 15 ? 0.35914 0.62153 0.53925 -0.14040 -0.13440 0.17242  15  DG  A N2    
315 N  N3    . DG  A 15 ? 0.35860 0.63930 0.59494 -0.10731 -0.14498 0.23729  15  DG  A N3    
316 C  C4    . DG  A 15 ? 0.44515 0.69952 0.63840 -0.09894 -0.13712 0.24818  15  DG  A C4    
317 P  P     . DG  A 16 ? 0.54406 0.81251 1.10465 -0.00161 -0.06133 0.31477  16  DG  A P     
318 O  OP1   . DG  A 16 ? 0.88863 1.17131 1.52552 0.00193  -0.06361 0.34883  16  DG  A OP1   
319 O  OP2   . DG  A 16 ? 0.67701 0.89645 1.19689 0.01561  -0.01639 0.27928  16  DG  A OP2   
320 O  "O5'" . DG  A 16 ? 0.67570 0.95205 1.21180 -0.01366 -0.07521 0.28557  16  DG  A "O5'" 
321 C  "C5'" . DG  A 16 ? 0.58407 0.86207 1.05593 -0.02696 -0.08371 0.25831  16  DG  A "C5'" 
322 C  "C4'" . DG  A 16 ? 0.55111 0.82011 1.00879 -0.02974 -0.07272 0.21759  16  DG  A "C4'" 
323 O  "O4'" . DG  A 16 ? 0.59939 0.86766 0.99540 -0.04663 -0.07419 0.18781  16  DG  A "O4'" 
324 C  "C3'" . DG  A 16 ? 0.65664 0.87659 1.11451 -0.00423 -0.02668 0.18345  16  DG  A "C3'" 
325 O  "O3'" . DG  A 16 ? 0.76080 0.98174 1.21886 -0.00961 -0.02500 0.15885  16  DG  A "O3'" 
326 C  "C2'" . DG  A 16 ? 0.54079 0.72842 0.93729 0.00287  -0.00235 0.15120  16  DG  A "C2'" 
327 C  "C1'" . DG  A 16 ? 0.45581 0.67983 0.82537 -0.02350 -0.02808 0.14690  16  DG  A "C1'" 
328 N  N9    . DG  A 16 ? 0.31593 0.53786 0.64512 -0.02847 -0.02172 0.14350  16  DG  A N9    
329 C  C8    . DG  A 16 ? 0.29768 0.51778 0.63114 -0.01654 -0.01787 0.16838  16  DG  A C8    
330 N  N7    . DG  A 16 ? 0.28684 0.49267 0.55699 -0.02623 -0.00718 0.15277  16  DG  A N7    
331 C  C5    . DG  A 16 ? 0.23580 0.42249 0.44850 -0.04574 -0.00262 0.11314  16  DG  A C5    
332 C  C6    . DG  A 16 ? 0.39343 0.53574 0.50613 -0.06004 0.01371  0.07505  16  DG  A C6    
333 O  O6    . DG  A 16 ? 0.23244 0.34445 0.28526 -0.05931 0.02724  0.06727  16  DG  A O6    
334 N  N1    . DG  A 16 ? 0.43629 0.56900 0.52428 -0.07629 0.01702  0.04422  16  DG  A N1    
335 C  C2    . DG  A 16 ? 0.21541 0.37769 0.36286 -0.08010 0.00479  0.04824  16  DG  A C2    
336 N  N2    . DG  A 16 ? 0.32667 0.46964 0.43536 -0.09696 0.01263  0.01509  16  DG  A N2    
337 N  N3    . DG  A 16 ? 0.21056 0.41665 0.45264 -0.06794 -0.01083 0.08264  16  DG  A N3    
338 C  C4    . DG  A 16 ? 0.28813 0.50413 0.55977 -0.05040 -0.01329 0.11441  16  DG  A C4    
339 P  P     . DT  A 17 ? 0.90547 1.14067 1.42654 -0.00849 -0.03186 0.17875  17  DT  A P     
340 O  OP1   . DT  A 17 ? 0.70514 0.98193 1.27776 -0.01785 -0.06582 0.23022  17  DT  A OP1   
341 O  OP2   . DT  A 17 ? 0.81022 0.99312 1.33808 0.00901  0.00504  0.16631  17  DT  A OP2   
342 O  "O5'" . DT  A 17 ? 0.70524 0.96353 1.21356 -0.02706 -0.04572 0.15572  17  DT  A "O5'" 
343 C  "C5'" . DT  A 17 ? 0.81598 1.09764 1.28364 -0.05291 -0.06955 0.14736  17  DT  A "C5'" 
344 C  "C4'" . DT  A 17 ? 0.82051 1.11196 1.27402 -0.07215 -0.07275 0.11965  17  DT  A "C4'" 
345 O  "O4'" . DT  A 17 ? 1.07131 1.38971 1.58142 -0.07528 -0.08890 0.14132  17  DT  A "O4'" 
346 C  "C3'" . DT  A 17 ? 0.82277 1.12867 1.22428 -0.11058 -0.10097 0.11170  17  DT  A "C3'" 
347 O  "O3'" . DT  A 17 ? 0.79973 1.08615 1.16693 -0.12073 -0.07971 0.06774  17  DT  A "O3'" 
348 C  "C2'" . DT  A 17 ? 1.00296 1.34837 1.42933 -0.13461 -0.14650 0.14904  17  DT  A "C2'" 
349 C  "C1'" . DT  A 17 ? 1.15387 1.51055 1.65941 -0.10926 -0.13365 0.16230  17  DT  A "C1'" 
350 N  N1    . DT  A 17 ? 1.23693 1.62246 1.79852 -0.10680 -0.16200 0.21618  17  DT  A N1    
351 C  C2    . DT  A 17 ? 1.17968 1.59888 1.79416 -0.11687 -0.18394 0.23885  17  DT  A C2    
352 O  O2    . DT  A 17 ? 1.19879 1.62617 1.81552 -0.12779 -0.18126 0.21560  17  DT  A O2    
353 N  N3    . DT  A 17 ? 1.16230 1.60635 1.83021 -0.11466 -0.20814 0.29093  17  DT  A N3    
354 C  C4    . DT  A 17 ? 1.11234 1.54930 1.78328 -0.10437 -0.21097 0.32078  17  DT  A C4    
355 O  O4    . DT  A 17 ? 0.97375 1.43459 1.69754 -0.10459 -0.23175 0.36831  17  DT  A O4    
356 C  C5    . DT  A 17 ? 1.13730 1.53845 1.74823 -0.09437 -0.18675 0.29270  17  DT  A C5    
357 C  C7    . DT  A 17 ? 1.03659 1.42808 1.64486 -0.08385 -0.18544 0.31935  17  DT  A C7    
358 C  C6    . DT  A 17 ? 1.16485 1.54348 1.72621 -0.09586 -0.16465 0.24315  17  DT  A C6    
359 P  P     . DG  A 18 ? 0.80894 1.05573 1.11668 -0.12036 -0.04916 0.03086  18  DG  A P     
360 O  OP1   . DG  A 18 ? 0.65515 0.88055 0.93915 -0.13186 -0.02934 -0.00842 18  DG  A OP1   
361 O  OP2   . DG  A 18 ? 0.70036 0.92959 1.01709 -0.08423 -0.02191 0.03509  18  DG  A OP2   
362 O  "O5'" . DG  A 18 ? 0.52984 0.77435 0.77311 -0.15451 -0.08106 0.04467  18  DG  A "O5'" 
363 C  "C5'" . DG  A 18 ? 0.52576 0.76504 0.70756 -0.19431 -0.10715 0.03964  18  DG  A "C5'" 
364 C  "C4'" . DG  A 18 ? 0.51177 0.69961 0.58468 -0.21584 -0.09064 0.00822  18  DG  A "C4'" 
365 O  "O4'" . DG  A 18 ? 0.59654 0.78077 0.62006 -0.22879 -0.10487 0.02519  18  DG  A "O4'" 
366 C  "C3'" . DG  A 18 ? 0.57651 0.72409 0.64061 -0.18950 -0.04205 -0.02823 18  DG  A "C3'" 
367 O  "O3'" . DG  A 18 ? 0.48838 0.58773 0.46887 -0.20309 -0.02259 -0.05915 18  DG  A "O3'" 
368 C  "C2'" . DG  A 18 ? 0.58394 0.72610 0.63252 -0.17995 -0.02984 -0.02445 18  DG  A "C2'" 
369 C  "C1'" . DG  A 18 ? 0.57233 0.71663 0.55403 -0.21652 -0.06631 -0.00474 18  DG  A "C1'" 
370 N  N9    . DG  A 18 ? 0.56362 0.71733 0.54631 -0.20755 -0.07422 0.01968  18  DG  A N9    
371 C  C8    . DG  A 18 ? 0.45797 0.65832 0.52237 -0.18765 -0.09663 0.06422  18  DG  A C8    
372 N  N7    . DG  A 18 ? 0.34754 0.53461 0.38604 -0.17616 -0.09357 0.07810  18  DG  A N7    
373 C  C5    . DG  A 18 ? 0.42622 0.55646 0.36099 -0.19001 -0.06784 0.03976  18  DG  A C5    
374 C  C6    . DG  A 18 ? 0.53041 0.62315 0.39751 -0.18764 -0.05138 0.03328  18  DG  A C6    
375 O  O6    . DG  A 18 ? 0.55757 0.65877 0.43858 -0.17296 -0.05776 0.06069  18  DG  A O6    
376 N  N1    . DG  A 18 ? 0.45225 0.49086 0.23066 -0.20445 -0.02163 -0.00996 18  DG  A N1    
377 C  C2    . DG  A 18 ? 0.48871 0.50891 0.25296 -0.21602 -0.00705 -0.03897 18  DG  A C2    
378 N  N2    . DG  A 18 ? 0.60401 0.57580 0.34599 -0.20523 0.02825  -0.05825 18  DG  A N2    
379 N  N3    . DG  A 18 ? 0.52080 0.57374 0.33478 -0.22317 -0.02488 -0.03613 18  DG  A N3    
380 C  C4    . DG  A 18 ? 0.50534 0.61405 0.40696 -0.20856 -0.05484 0.00442  18  DG  A C4    
381 P  P     . DG  A 19 ? 0.71785 0.77464 0.68063 -0.17129 0.02709  -0.08991 19  DG  A P     
382 O  OP1   . DG  A 19 ? 0.71561 0.74834 0.63621 -0.18366 0.03827  -0.10285 19  DG  A OP1   
383 O  OP2   . DG  A 19 ? 0.55299 0.62538 0.59147 -0.13566 0.03811  -0.08516 19  DG  A OP2   
384 O  "O5'" . DG  A 19 ? 0.61270 0.64126 0.52345 -0.16557 0.05036  -0.09622 19  DG  A "O5'" 
385 C  "C5'" . DG  A 19 ? 0.61679 0.61815 0.46162 -0.18950 0.05118  -0.09504 19  DG  A "C5'" 
386 C  "C4'" . DG  A 19 ? 0.70187 0.67444 0.54700 -0.16841 0.07779  -0.09444 19  DG  A "C4'" 
387 O  "O4'" . DG  A 19 ? 0.68602 0.66185 0.52315 -0.16614 0.06998  -0.08768 19  DG  A "O4'" 
388 C  "C3'" . DG  A 19 ? 0.70924 0.68128 0.61513 -0.13553 0.09504  -0.09137 19  DG  A "C3'" 
389 O  "O3'" . DG  A 19 ? 0.74287 0.68373 0.63757 -0.14463 0.11325  -0.09282 19  DG  A "O3'" 
390 C  "C2'" . DG  A 19 ? 0.64455 0.63063 0.58535 -0.11278 0.08723  -0.08384 19  DG  A "C2'" 
391 C  "C1'" . DG  A 19 ? 0.59706 0.57291 0.48887 -0.12805 0.08123  -0.08380 19  DG  A "C1'" 
392 N  N9    . DG  A 19 ? 0.48848 0.48394 0.38526 -0.12642 0.07483  -0.08153 19  DG  A N9    
393 C  C8    . DG  A 19 ? 0.51868 0.55495 0.44630 -0.13356 0.06442  -0.08057 19  DG  A C8    
394 N  N7    . DG  A 19 ? 0.42383 0.48097 0.38231 -0.11665 0.05572  -0.05318 19  DG  A N7    
395 C  C5    . DG  A 19 ? 0.41781 0.43843 0.31018 -0.11729 0.07223  -0.06536 19  DG  A C5    
396 C  C6    . DG  A 19 ? 0.38877 0.40821 0.27464 -0.10441 0.07341  -0.04838 19  DG  A C6    
397 O  O6    . DG  A 19 ? 0.47262 0.52291 0.41029 -0.08945 0.06176  -0.01719 19  DG  A O6    
398 N  N1    . DG  A 19 ? 0.31360 0.29202 0.17773 -0.09430 0.07227  -0.05523 19  DG  A N1    
399 C  C2    . DG  A 19 ? 0.46227 0.41799 0.32455 -0.09620 0.07436  -0.06346 19  DG  A C2    
400 N  N2    . DG  A 19 ? 0.52681 0.45501 0.37309 -0.10247 0.08465  -0.06619 19  DG  A N2    
401 N  N3    . DG  A 19 ? 0.57318 0.53040 0.44334 -0.10588 0.07610  -0.07021 19  DG  A N3    
402 C  C4    . DG  A 19 ? 0.53968 0.52424 0.42254 -0.11593 0.07315  -0.07369 19  DG  A C4    
403 P  P     . DT  A 20 ? 1.04427 0.96281 0.91923 -0.16107 0.12963  -0.10035 20  DT  A P     
404 O  OP1   . DT  A 20 ? 0.82346 0.73882 0.64615 -0.19019 0.12374  -0.10711 20  DT  A OP1   
405 O  OP2   . DT  A 20 ? 0.88034 0.81020 0.79968 -0.13633 0.12748  -0.09631 20  DT  A OP2   
406 O  "O5'" . DT  A 20 ? 1.19393 1.07656 1.05102 -0.16548 0.14508  -0.10141 20  DT  A "O5'" 
407 C  "C5'" . DT  A 20 ? 1.38058 1.22996 1.19837 -0.19040 0.16416  -0.11031 20  DT  A "C5'" 
408 C  "C4'" . DT  A 20 ? 1.39085 1.20787 1.18592 -0.19750 0.17766  -0.11209 20  DT  A "C4'" 
409 O  "O4'" . DT  A 20 ? 1.67991 1.45952 1.43505 -0.22314 0.20000  -0.12229 20  DT  A "O4'" 
410 C  "C3'" . DT  A 20 ? 1.33598 1.14920 1.09635 -0.21434 0.16912  -0.11070 20  DT  A "C3'" 
411 O  "O3'" . DT  A 20 ? 1.40219 1.19433 1.16368 -0.20667 0.17918  -0.10996 20  DT  A "O3'" 
412 C  "C2'" . DT  A 20 ? 1.55929 1.35029 1.25565 -0.25337 0.17265  -0.11831 20  DT  A "C2'" 
413 C  "C1'" . DT  A 20 ? 1.79104 1.54922 1.48561 -0.25877 0.20132  -0.12711 20  DT  A "C1'" 
414 N  N1    . DT  A 20 ? 1.77602 1.51785 1.42667 -0.29204 0.20949  -0.13542 20  DT  A N1    
415 C  C2    . DT  A 20 ? 1.79262 1.49696 1.42666 -0.30261 0.23691  -0.14540 20  DT  A C2    
416 O  O2    . DT  A 20 ? 1.84524 1.53057 1.49998 -0.28594 0.25439  -0.14670 20  DT  A O2    
417 N  N3    . DT  A 20 ? 2.00083 1.69055 1.59156 -0.33551 0.24362  -0.15319 20  DT  A N3    
418 C  C4    . DT  A 20 ? 1.98402 1.69528 1.54581 -0.36037 0.22341  -0.15029 20  DT  A C4    
419 O  O4    . DT  A 20 ? 1.99841 1.69448 1.51862 -0.39267 0.23046  -0.15708 20  DT  A O4    
420 C  C5    . DT  A 20 ? 1.84486 1.60029 1.42997 -0.34148 0.18936  -0.13860 20  DT  A C5    
421 C  C7    . DT  A 20 ? 1.62497 1.41367 1.19004 -0.35366 0.15345  -0.13347 20  DT  A C7    
422 C  C6    . DT  A 20 ? 1.80631 1.57260 1.43358 -0.30967 0.18691  -0.13246 20  DT  A C6    
423 P  P     . DG  A 21 ? 1.19510 1.00777 0.99087 -0.18048 0.16557  -0.10041 21  DG  A P     
424 O  OP1   . DG  A 21 ? 1.35664 1.17074 1.19466 -0.15410 0.17149  -0.09557 21  DG  A OP1   
425 O  OP2   . DG  A 21 ? 1.19161 1.04238 1.00224 -0.16893 0.14124  -0.09498 21  DG  A OP2   
426 O  "O5'" . DG  A 21 ? 1.05903 0.84560 0.80870 -0.19843 0.16942  -0.10311 21  DG  A "O5'" 
427 C  "C5'" . DG  A 21 ? 1.06986 0.86233 0.77368 -0.21627 0.15093  -0.10247 21  DG  A "C5'" 
428 C  "C4'" . DG  A 21 ? 1.07452 0.84893 0.74880 -0.22266 0.15029  -0.10105 21  DG  A "C4'" 
429 O  "O4'" . DG  A 21 ? 0.99177 0.79080 0.64291 -0.22516 0.12067  -0.09220 21  DG  A "O4'" 
430 C  "C3'" . DG  A 21 ? 1.00607 0.78397 0.72314 -0.19421 0.15674  -0.09710 21  DG  A "C3'" 
431 O  "O3'" . DG  A 21 ? 1.05591 0.80146 0.73826 -0.20868 0.16815  -0.10028 21  DG  A "O3'" 
432 C  "C2'" . DG  A 21 ? 0.80118 0.62057 0.54356 -0.16984 0.13095  -0.08732 21  DG  A "C2'" 
433 C  "C1'" . DG  A 21 ? 0.84739 0.66880 0.53387 -0.19405 0.11214  -0.08468 21  DG  A "C1'" 
434 N  N9    . DG  A 21 ? 0.79607 0.65889 0.49528 -0.18100 0.08522  -0.07413 21  DG  A N9    
435 C  C8    . DG  A 21 ? 0.63957 0.52562 0.35252 -0.18125 0.07431  -0.07332 21  DG  A C8    
436 N  N7    . DG  A 21 ? 0.50185 0.41622 0.21257 -0.18689 0.05411  -0.06234 21  DG  A N7    
437 C  C5    . DG  A 21 ? 0.61769 0.53099 0.31684 -0.17947 0.04938  -0.05246 21  DG  A C5    
438 C  C6    . DG  A 21 ? 0.61125 0.55267 0.30425 -0.18144 0.02816  -0.02977 21  DG  A C6    
439 O  O6    . DG  A 21 ? 0.67419 0.65583 0.37728 -0.19221 0.00319  -0.00826 21  DG  A O6    
440 N  N1    . DG  A 21 ? 0.72842 0.65571 0.41000 -0.16920 0.03390  -0.02393 21  DG  A N1    
441 C  C2    . DG  A 21 ? 0.70669 0.60155 0.38530 -0.15954 0.05445  -0.04030 21  DG  A C2    
442 N  N2    . DG  A 21 ? 0.62198 0.51021 0.29092 -0.15002 0.05675  -0.03293 21  DG  A N2    
443 N  N3    . DG  A 21 ? 0.61919 0.49267 0.30498 -0.16250 0.07060  -0.05717 21  DG  A N3    
444 C  C4    . DG  A 21 ? 0.65892 0.54328 0.35559 -0.16931 0.06724  -0.06113 21  DG  A C4    
445 P  P     . DG  A 22 ? 0.94236 0.67759 0.65773 -0.18998 0.18279  -0.09847 22  DG  A P     
446 O  OP1   . DG  A 22 ? 1.04311 0.73396 0.73610 -0.21096 0.21277  -0.10778 22  DG  A OP1   
447 O  OP2   . DG  A 22 ? 0.93132 0.69989 0.70823 -0.15909 0.17363  -0.09012 22  DG  A OP2   
448 O  "O5'" . DG  A 22 ? 1.11368 0.85111 0.80580 -0.18784 0.17009  -0.09414 22  DG  A "O5'" 
449 C  "C5'" . DG  A 22 ? 0.94174 0.71686 0.64357 -0.17057 0.14369  -0.08485 22  DG  A "C5'" 
450 C  "C4'" . DG  A 22 ? 0.80402 0.58357 0.51620 -0.15340 0.14076  -0.07880 22  DG  A "C4'" 
451 O  "O4'" . DG  A 22 ? 0.79713 0.61373 0.51784 -0.13599 0.11811  -0.06824 22  DG  A "O4'" 
452 C  "C3'" . DG  A 22 ? 1.00658 0.78953 0.77207 -0.13130 0.15092  -0.07608 22  DG  A "C3'" 
453 O  "O3'" . DG  A 22 ? 1.02035 0.79481 0.78356 -0.12466 0.15389  -0.07295 22  DG  A "O3'" 
454 C  "C2'" . DG  A 22 ? 0.89983 0.72134 0.70695 -0.10825 0.13390  -0.06813 22  DG  A "C2'" 
455 C  "C1'" . DG  A 22 ? 0.74660 0.58664 0.52576 -0.10675 0.11706  -0.06318 22  DG  A "C1'" 
456 N  N9    . DG  A 22 ? 0.57034 0.44383 0.36636 -0.09641 0.10219  -0.05811 22  DG  A N9    
457 C  C8    . DG  A 22 ? 0.62112 0.50089 0.43093 -0.10112 0.10169  -0.06270 22  DG  A C8    
458 N  N7    . DG  A 22 ? 0.57429 0.48500 0.39769 -0.09053 0.08842  -0.05683 22  DG  A N7    
459 C  C5    . DG  A 22 ? 0.49039 0.41888 0.30896 -0.07698 0.08122  -0.04411 22  DG  A C5    
460 C  C6    . DG  A 22 ? 0.44905 0.40868 0.27356 -0.06969 0.07493  -0.02709 22  DG  A C6    
461 O  O6    . DG  A 22 ? 0.40274 0.38158 0.23901 -0.07777 0.07361  -0.02404 22  DG  A O6    
462 N  N1    . DG  A 22 ? 0.48281 0.44757 0.29767 -0.06386 0.07645  -0.00862 22  DG  A N1    
463 C  C2    . DG  A 22 ? 0.53745 0.48641 0.34149 -0.05763 0.07879  -0.01290 22  DG  A C2    
464 N  N2    . DG  A 22 ? 0.57745 0.53337 0.37455 -0.05256 0.08057  0.00789  22  DG  A N2    
465 N  N3    . DG  A 22 ? 0.51493 0.42798 0.30717 -0.07099 0.08680  -0.03387 22  DG  A N3    
466 C  C4    . DG  A 22 ? 0.63443 0.54000 0.43589 -0.08045 0.08879  -0.04560 22  DG  A C4    
467 P  P     . DT  A 23 ? 1.06792 0.80365 0.77774 -0.14838 0.16693  -0.07962 23  DT  A P     
468 O  OP1   . DT  A 23 ? 0.97362 0.67686 0.64718 -0.17777 0.18236  -0.09000 23  DT  A OP1   
469 O  OP2   . DT  A 23 ? 1.14786 0.87381 0.88023 -0.13785 0.17813  -0.07773 23  DT  A OP2   
470 O  "O5'" . DT  A 23 ? 1.03317 0.78402 0.70628 -0.14976 0.14590  -0.07269 23  DT  A "O5'" 
471 C  "C5'" . DT  A 23 ? 1.09245 0.81601 0.71368 -0.16872 0.14848  -0.07348 23  DT  A "C5'" 
472 C  "C4'" . DT  A 23 ? 1.18248 0.90869 0.82384 -0.14910 0.15208  -0.06847 23  DT  A "C4'" 
473 O  "O4'" . DT  A 23 ? 1.30063 0.98283 0.90971 -0.16916 0.17150  -0.07673 23  DT  A "O4'" 
474 C  "C3'" . DT  A 23 ? 1.07920 0.83110 0.70462 -0.13825 0.13277  -0.05393 23  DT  A "C3'" 
475 O  "O3'" . DT  A 23 ? 1.11876 0.91322 0.79494 -0.10876 0.12274  -0.04443 23  DT  A "O3'" 
476 C  "C2'" . DT  A 23 ? 1.17131 0.89926 0.78869 -0.13655 0.14551  -0.05509 23  DT  A "C2'" 
477 C  "C1'" . DT  A 23 ? 1.29739 0.97912 0.89883 -0.15996 0.16896  -0.07061 23  DT  A "C1'" 
478 N  N1    . DT  A 23 ? 1.34530 0.98605 0.87782 -0.19137 0.17474  -0.07495 23  DT  A N1    
479 C  C2    . DT  A 23 ? 1.38640 0.98108 0.89642 -0.21728 0.19960  -0.08873 23  DT  A C2    
480 O  O2    . DT  A 23 ? 1.34022 0.92992 0.88610 -0.21400 0.21693  -0.09549 23  DT  A O2    
481 N  N3    . DT  A 23 ? 1.48198 1.03549 0.92372 -0.24897 0.20428  -0.09244 23  DT  A N3    
482 C  C4    . DT  A 23 ? 1.48144 1.03802 0.87534 -0.25729 0.18308  -0.08124 23  DT  A C4    
483 O  O4    . DT  A 23 ? 1.14972 0.66444 0.47878 -0.29008 0.18720  -0.08423 23  DT  A O4    
484 C  C5    . DT  A 23 ? 1.43519 1.04685 0.85956 -0.22644 0.15667  -0.06308 23  DT  A C5    
485 C  C7    . DT  A 23 ? 1.43956 1.06472 0.82077 -0.23109 0.13183  -0.04166 23  DT  A C7    
486 C  C6    . DT  A 23 ? 1.36512 1.01416 0.85649 -0.19552 0.15588  -0.06237 23  DT  A C6    
487 P  P     . DG  A 24 ? 0.97887 0.81389 0.65334 -0.09259 0.10541  -0.02056 24  DG  A P     
488 O  OP1   . DG  A 24 ? 0.90304 0.72744 0.56669 -0.08750 0.11181  -0.01387 24  DG  A OP1   
489 O  OP2   . DG  A 24 ? 0.95554 0.82592 0.68519 -0.06890 0.10239  -0.01596 24  DG  A OP2   
490 O  "O5'" . DG  A 24 ? 0.87889 0.71823 0.49663 -0.11831 0.08363  -0.00601 24  DG  A "O5'" 
491 C  "C5'" . DG  A 24 ? 0.71436 0.55748 0.29157 -0.12728 0.06697  0.02144  24  DG  A "C5'" 
492 C  "C4'" . DG  A 24 ? 0.78544 0.65772 0.37127 -0.12359 0.04529  0.05963  24  DG  A "C4'" 
493 O  "O4'" . DG  A 24 ? 0.77031 0.65347 0.35272 -0.14227 0.02647  0.06056  24  DG  A "O4'" 
494 C  "C3'" . DG  A 24 ? 0.76300 0.66533 0.41678 -0.08451 0.06267  0.07178  24  DG  A "C3'" 
495 O  "O3'" . DG  A 24 ? 0.74593 0.65597 0.40101 -0.08130 0.04724  0.11942  24  DG  A "O3'" 
496 C  "C2'" . DG  A 24 ? 0.59233 0.51332 0.28066 -0.07921 0.06303  0.06331  24  DG  A "C2'" 
497 C  "C1'" . DG  A 24 ? 0.75306 0.66877 0.39056 -0.11852 0.02772  0.07862  24  DG  A "C1'" 
498 N  N9    . DG  A 24 ? 0.57708 0.50290 0.22429 -0.12942 0.02274  0.06311  24  DG  A N9    
499 C  C8    . DG  A 24 ? 0.59369 0.49904 0.23286 -0.13610 0.03761  0.02375  24  DG  A C8    
500 N  N7    . DG  A 24 ? 0.58932 0.50799 0.23965 -0.14575 0.03007  0.01902  24  DG  A N7    
501 C  C5    . DG  A 24 ? 0.67508 0.63148 0.34532 -0.14814 0.00471  0.05979  24  DG  A C5    
502 C  C6    . DG  A 24 ? 0.56621 0.56062 0.26669 -0.15880 -0.01725 0.07919  24  DG  A C6    
503 O  O6    . DG  A 24 ? 0.54714 0.54111 0.24445 -0.17022 -0.01382 0.05468  24  DG  A O6    
504 N  N1    . DG  A 24 ? 0.46369 0.50347 0.23543 -0.14482 -0.04523 0.13062  24  DG  A N1    
505 C  C2    . DG  A 24 ? 0.52105 0.56170 0.30477 -0.13065 -0.04901 0.16364  24  DG  A C2    
506 N  N2    . DG  A 24 ? 0.47497 0.56119 0.35390 -0.11084 -0.07303 0.20999  24  DG  A N2    
507 N  N3    . DG  A 24 ? 0.54778 0.54611 0.27463 -0.12821 -0.02628 0.14395  24  DG  A N3    
508 C  C4    . DG  A 24 ? 0.61863 0.57975 0.29555 -0.13623 -0.00097 0.09116  24  DG  A C4    
509 P  P     . DG  A 25 ? 0.70955 0.64163 0.43380 -0.04539 0.07004  0.14232  25  DG  A P     
510 O  OP1   . DG  A 25 ? 1.03545 0.95875 0.74246 -0.04463 0.07279  0.15565  25  DG  A OP1   
511 O  OP2   . DG  A 25 ? 0.75218 0.71106 0.53220 -0.03815 0.08637  0.10318  25  DG  A OP2   
512 O  "O5'" . DG  A 25 ? 0.83577 0.76486 0.58619 -0.04823 0.04187  0.18441  25  DG  A "O5'" 
513 C  "C5'" . DG  A 25 ? 0.75303 0.71935 0.54276 -0.05496 0.02561  0.18717  25  DG  A "C5'" 
514 C  "C4'" . DG  A 25 ? 0.72954 0.74491 0.62776 -0.03419 0.00787  0.23033  25  DG  A "C4'" 
515 O  "O4'" . DG  A 25 ? 0.52333 0.57634 0.46477 -0.03958 -0.00790 0.23543  25  DG  A "O4'" 
516 C  "C3'" . DG  A 25 ? 0.64705 0.66347 0.61814 0.00265  0.04853  0.21723  25  DG  A "C3'" 
517 O  "O3'" . DG  A 25 ? 0.81964 0.87250 0.88482 0.02220  0.03548  0.25615  25  DG  A "O3'" 
518 C  "C2'" . DG  A 25 ? 0.54455 0.57029 0.54158 0.01089  0.07206  0.18238  25  DG  A "C2'" 
519 C  "C1'" . DG  A 25 ? 0.52661 0.58480 0.52972 -0.01047 0.03396  0.21084  25  DG  A "C1'" 
520 N  N9    . DG  A 25 ? 0.34842 0.39635 0.30831 -0.02547 0.04382  0.16649  25  DG  A N9    
521 C  C8    . DG  A 25 ? 0.38868 0.39693 0.26030 -0.04032 0.06614  0.12562  25  DG  A C8    
522 N  N7    . DG  A 25 ? 0.35451 0.36025 0.21130 -0.04979 0.07206  0.09230  25  DG  A N7    
523 C  C5    . DG  A 25 ? 0.41838 0.46451 0.35346 -0.04263 0.05106  0.11066  25  DG  A C5    
524 C  C6    . DG  A 25 ? 0.34393 0.40358 0.29958 -0.04843 0.04786  0.09015  25  DG  A C6    
525 O  O6    . DG  A 25 ? 0.31528 0.35198 0.22330 -0.05995 0.06360  0.05186  25  DG  A O6    
526 N  N1    . DG  A 25 ? 0.32662 0.42951 0.37215 -0.03858 0.02681  0.11951  25  DG  A N1    
527 C  C2    . DG  A 25 ? 0.36389 0.49427 0.47782 -0.02307 0.01202  0.16509  25  DG  A C2    
528 N  N2    . DG  A 25 ? 0.36481 0.53676 0.57137 -0.01443 -0.00356 0.18884  25  DG  A N2    
529 N  N3    . DG  A 25 ? 0.35125 0.46782 0.44753 -0.01616 0.01477  0.18676  25  DG  A N3    
530 C  C4    . DG  A 25 ? 0.45260 0.52642 0.45492 -0.02752 0.03402  0.15644  25  DG  A C4    
531 K  K     . K   B .  ? 0.77553 0.81662 0.38101 -0.34018 -0.17725 0.12533  101 K   A K     
532 K  K     . K   C .  ? 0.64812 0.69962 0.34711 -0.23576 -0.09712 0.08658  102 K   A K     
533 K  K     . K   D .  ? 0.34284 0.38683 0.18470 -0.12685 0.00972  0.03761  103 K   A K     
534 K  K     . K   E .  ? 0.36258 0.40069 0.33160 -0.03626 0.09029  -0.00065 104 K   A K     
535 NA NA    . NA  F .  ? 1.19776 1.27120 0.69751 -0.47128 -0.37449 0.33612  105 NA  A NA    
536 C  C1    . MPD G .  ? 1.50540 1.33413 0.95645 -0.15144 -0.07098 0.29797  106 MPD A C1    
537 C  C2    . MPD G .  ? 1.47582 1.30560 0.95298 -0.13025 -0.02663 0.25183  106 MPD A C2    
538 O  O2    . MPD G .  ? 1.42821 1.23313 0.87121 -0.13317 0.00667  0.21394  106 MPD A O2    
539 C  CM    . MPD G .  ? 1.36134 1.20459 0.83183 -0.15458 -0.04420 0.23019  106 MPD A CM    
540 C  C3    . MPD G .  ? 1.46997 1.31288 1.02467 -0.08509 -0.00194 0.26780  106 MPD A C3    
541 C  C4    . MPD G .  ? 1.42530 1.28406 1.01769 -0.07008 0.02787  0.23075  106 MPD A C4    
542 O  O4    . MPD G .  ? 1.07302 0.94389 0.68691 -0.05725 0.06480  0.20168  106 MPD A O4    
543 C  C5    . MPD G .  ? 1.49821 1.36286 1.15541 -0.04893 0.02519  0.24997  106 MPD A C5    
544 O  O     . HOH H .  ? 0.99960 0.69804 0.80380 -0.15545 0.24513  -0.10142 201 HOH A O     
# 
